data_1LU0
# 
_entry.id   1LU0 
# 
_audit_conform.dict_name       mmcif_pdbx.dic 
_audit_conform.dict_version    5.398 
_audit_conform.dict_location   http://mmcif.pdb.org/dictionaries/ascii/mmcif_pdbx.dic 
# 
loop_
_database_2.database_id 
_database_2.database_code 
_database_2.pdbx_database_accession 
_database_2.pdbx_DOI 
PDB   1LU0         pdb_00001lu0 10.2210/pdb1lu0/pdb 
RCSB  RCSB016268   ?            ?                   
WWPDB D_1000016268 ?            ?                   
# 
loop_
_pdbx_audit_revision_history.ordinal 
_pdbx_audit_revision_history.data_content_type 
_pdbx_audit_revision_history.major_revision 
_pdbx_audit_revision_history.minor_revision 
_pdbx_audit_revision_history.revision_date 
1 'Structure model' 1 0 2002-08-28 
2 'Structure model' 1 1 2008-04-28 
3 'Structure model' 1 2 2011-07-13 
4 'Structure model' 1 3 2016-01-20 
5 'Structure model' 1 4 2021-10-27 
6 'Structure model' 1 5 2024-10-30 
# 
_pdbx_audit_revision_details.ordinal             1 
_pdbx_audit_revision_details.revision_ordinal    1 
_pdbx_audit_revision_details.data_content_type   'Structure model' 
_pdbx_audit_revision_details.provider            repository 
_pdbx_audit_revision_details.type                'Initial release' 
_pdbx_audit_revision_details.description         ? 
_pdbx_audit_revision_details.details             ? 
# 
loop_
_pdbx_audit_revision_group.ordinal 
_pdbx_audit_revision_group.revision_ordinal 
_pdbx_audit_revision_group.data_content_type 
_pdbx_audit_revision_group.group 
1 2 'Structure model' 'Version format compliance' 
2 3 'Structure model' 'Derived calculations'      
3 3 'Structure model' 'Version format compliance' 
4 4 'Structure model' 'Derived calculations'      
5 5 'Structure model' 'Data collection'           
6 5 'Structure model' 'Database references'       
7 5 'Structure model' 'Derived calculations'      
8 6 'Structure model' 'Data collection'           
9 6 'Structure model' 'Structure summary'         
# 
loop_
_pdbx_audit_revision_category.ordinal 
_pdbx_audit_revision_category.revision_ordinal 
_pdbx_audit_revision_category.data_content_type 
_pdbx_audit_revision_category.category 
1  5 'Structure model' database_2                
2  5 'Structure model' diffrn_source             
3  5 'Structure model' pdbx_struct_conn_angle    
4  5 'Structure model' struct_conn               
5  5 'Structure model' struct_ref_seq_dif        
6  5 'Structure model' struct_site               
7  6 'Structure model' chem_comp_atom            
8  6 'Structure model' chem_comp_bond            
9  6 'Structure model' pdbx_entry_details        
10 6 'Structure model' pdbx_modification_feature 
# 
loop_
_pdbx_audit_revision_item.ordinal 
_pdbx_audit_revision_item.revision_ordinal 
_pdbx_audit_revision_item.data_content_type 
_pdbx_audit_revision_item.item 
1  5 'Structure model' '_database_2.pdbx_DOI'                        
2  5 'Structure model' '_database_2.pdbx_database_accession'         
3  5 'Structure model' '_diffrn_source.pdbx_synchrotron_site'        
4  5 'Structure model' '_pdbx_struct_conn_angle.ptnr1_auth_asym_id'  
5  5 'Structure model' '_pdbx_struct_conn_angle.ptnr1_label_asym_id' 
6  5 'Structure model' '_pdbx_struct_conn_angle.ptnr1_label_atom_id' 
7  5 'Structure model' '_pdbx_struct_conn_angle.ptnr1_symmetry'      
8  5 'Structure model' '_pdbx_struct_conn_angle.ptnr3_auth_asym_id'  
9  5 'Structure model' '_pdbx_struct_conn_angle.ptnr3_label_asym_id' 
10 5 'Structure model' '_pdbx_struct_conn_angle.ptnr3_label_atom_id' 
11 5 'Structure model' '_pdbx_struct_conn_angle.ptnr3_symmetry'      
12 5 'Structure model' '_pdbx_struct_conn_angle.value'               
13 5 'Structure model' '_struct_conn.pdbx_dist_value'                
14 5 'Structure model' '_struct_conn.ptnr1_auth_comp_id'             
15 5 'Structure model' '_struct_conn.ptnr1_auth_seq_id'              
16 5 'Structure model' '_struct_conn.ptnr1_label_asym_id'            
17 5 'Structure model' '_struct_conn.ptnr1_label_atom_id'            
18 5 'Structure model' '_struct_conn.ptnr1_label_comp_id'            
19 5 'Structure model' '_struct_conn.ptnr1_label_seq_id'             
20 5 'Structure model' '_struct_conn.ptnr1_symmetry'                 
21 5 'Structure model' '_struct_conn.ptnr2_auth_asym_id'             
22 5 'Structure model' '_struct_conn.ptnr2_auth_comp_id'             
23 5 'Structure model' '_struct_conn.ptnr2_auth_seq_id'              
24 5 'Structure model' '_struct_conn.ptnr2_label_asym_id'            
25 5 'Structure model' '_struct_conn.ptnr2_label_atom_id'            
26 5 'Structure model' '_struct_conn.ptnr2_label_comp_id'            
27 5 'Structure model' '_struct_conn.ptnr2_label_seq_id'             
28 5 'Structure model' '_struct_conn.ptnr2_symmetry'                 
29 5 'Structure model' '_struct_ref_seq_dif.details'                 
30 5 'Structure model' '_struct_site.pdbx_auth_asym_id'              
31 5 'Structure model' '_struct_site.pdbx_auth_comp_id'              
32 5 'Structure model' '_struct_site.pdbx_auth_seq_id'               
# 
_pdbx_database_status.status_code                     REL 
_pdbx_database_status.entry_id                        1LU0 
_pdbx_database_status.recvd_initial_deposition_date   2002-05-21 
_pdbx_database_status.deposit_site                    RCSB 
_pdbx_database_status.process_site                    RCSB 
_pdbx_database_status.status_code_sf                  REL 
_pdbx_database_status.SG_entry                        . 
_pdbx_database_status.status_code_mr                  ? 
_pdbx_database_status.status_code_cs                  ? 
_pdbx_database_status.methods_development_category    ? 
_pdbx_database_status.pdb_format_compatible           Y 
_pdbx_database_status.status_code_nmr_data            ? 
# 
loop_
_pdbx_database_related.db_name 
_pdbx_database_related.db_id 
_pdbx_database_related.details 
_pdbx_database_related.content_type 
PDB 1PPE '1ppe is Wild type sequence of the same protein complexed with bovine trypsin' unspecified 
PDB 2STA '2sta is Wild type sequence of the same protein complexed with salmon trypsin' unspecified 
PDB 2STB '2stb is A related inhibitor complexed with salmon trypsin'                    unspecified 
PDB 2BTC '2btc is A related inhibitor complexed with bovine trypsin'                    unspecified 
PDB 1BXJ '1bxj is NMR structure of the same protein'                                    unspecified 
PDB 3CTI '3cti is NMR structure of wild type sequence of the same protein'              unspecified 
# 
loop_
_audit_author.name 
_audit_author.pdbx_ordinal 
'Thaimattam, R.'  1 
'Tykarska, E.'    2 
'Bierzynski, A.'  3 
'Sheldrick, G.M.' 4 
'Jaskolski, M.'   5 
# 
loop_
_citation.id 
_citation.title 
_citation.journal_abbrev 
_citation.journal_volume 
_citation.page_first 
_citation.page_last 
_citation.year 
_citation.journal_id_ASTM 
_citation.country 
_citation.journal_id_ISSN 
_citation.journal_id_CSD 
_citation.book_publisher 
_citation.pdbx_database_id_PubMed 
_citation.pdbx_database_id_DOI 
primary 'Atomic resolution structure of squash trypsin inhibitor: unexpected metal coordination.' 'Acta Crystallogr.,Sect.D' 58  
1448 1461 2002 ABCRE6 DK 0907-4449 0766 ? 12198301 10.1107/S0907444902011769      
1       
;The refined 2.0 A X-ray crystal structure of the complex formed between bovine beta-trypsin and CMTI-I, a trypsin inhibitor from squash seeds (Cucurbita maxima). Topological similarity of the squash seed inhibitors with the carboxypeptidase A inhibitor from potatoes
;
'FEBS Lett.'               242 285  292  1989 FEBLAL NE 0014-5793 0165 ? ?        '10.1016/0014-5793(89)80486-7' 
2       
;High-Resolution Structures of Three New Trypsin-Squash-Inhibitor Complexes: A Detailed Comparison with Other Trypsins and Their Complexes
;
'Acta Crystallogr.,Sect.D' 55  139  148  1999 ABCRE6 DK 0907-4449 0766 ? ?        10.1107/S0108768198010805      
3       'Conservative mutation Met8 --> Leu Effects Folding and Stability of Squash Trypsin Inhibitor Cmti-I' 'Protein Sci.' 9   
273  279  2000 PRCIEI US 0961-8368 0795 ? ?        ?                              
4       'Relaxation matrix refinement of the solution structure of squash trypsin inhibitor' J.Mol.Biol.                219 499  
510  1991 JMOBAK UK 0022-2836 0070 ? ?        ?                              
# 
loop_
_citation_author.citation_id 
_citation_author.name 
_citation_author.ordinal 
_citation_author.identifier_ORCID 
primary 'Thaimattam, R.'  1  ? 
primary 'Tykarska, E.'    2  ? 
primary 'Bierzynski, A.'  3  ? 
primary 'Sheldrick, G.M.' 4  ? 
primary 'Jaskolski, M.'   5  ? 
1       'Bode, W.'        6  ? 
1       'Greyling, H.J.'  7  ? 
1       'Huber, R.'       8  ? 
1       'Otlewski, J.'    9  ? 
1       'Wilusz, T.'      10 ? 
2       'Helland, R.'     11 ? 
2       'Berglund, G.I.'  12 ? 
2       'Otlewski, J.'    13 ? 
2       'Apostoluk, W.'   14 ? 
2       'Andersen, O.A.'  15 ? 
2       'Willassen, N.P.' 16 ? 
2       'Smalas, A.O.'    17 ? 
3       'Zhukov, I.'      18 ? 
3       'Jaroszewski, L.' 19 ? 
3       'Bierzynski, A.'  20 ? 
4       'Nilges, M.'      21 ? 
4       'Habazettl, J.'   22 ? 
4       'Brunger, A.T.'   23 ? 
4       'Holak, T.A.'     24 ? 
# 
loop_
_entity.id 
_entity.type 
_entity.src_method 
_entity.pdbx_description 
_entity.formula_weight 
_entity.pdbx_number_of_molecules 
_entity.pdbx_ec 
_entity.pdbx_mutation 
_entity.pdbx_fragment 
_entity.details 
1 polymer     man 'Trypsin inhibitor I'           3261.881 2  ? M8L ? ? 
2 non-polymer syn 'ZINC ION'                      65.409   1  ? ?   ? ? 
3 non-polymer syn GLYCEROL                        92.094   2  ? ?   ? ? 
4 non-polymer syn 'SULFATE ION'                   96.063   1  ? ?   ? ? 
5 non-polymer syn '(4R)-2-METHYLPENTANE-2,4-DIOL' 118.174  1  ? ?   ? ? 
6 water       nat water                           18.015   76 ? ?   ? ? 
# 
_entity_name_com.entity_id   1 
_entity_name_com.name        CMTI-I 
# 
_entity_poly.entity_id                      1 
_entity_poly.type                           'polypeptide(L)' 
_entity_poly.nstd_linkage                   no 
_entity_poly.nstd_monomer                   no 
_entity_poly.pdbx_seq_one_letter_code       RVCPRILLECKKDSDCLAECVCLEHGYCG 
_entity_poly.pdbx_seq_one_letter_code_can   RVCPRILLECKKDSDCLAECVCLEHGYCG 
_entity_poly.pdbx_strand_id                 A,B 
_entity_poly.pdbx_target_identifier         ? 
# 
loop_
_pdbx_entity_nonpoly.entity_id 
_pdbx_entity_nonpoly.name 
_pdbx_entity_nonpoly.comp_id 
2 'ZINC ION'                      ZN  
3 GLYCEROL                        GOL 
4 'SULFATE ION'                   SO4 
5 '(4R)-2-METHYLPENTANE-2,4-DIOL' MRD 
6 water                           HOH 
# 
loop_
_entity_poly_seq.entity_id 
_entity_poly_seq.num 
_entity_poly_seq.mon_id 
_entity_poly_seq.hetero 
1 1  ARG n 
1 2  VAL n 
1 3  CYS n 
1 4  PRO n 
1 5  ARG n 
1 6  ILE n 
1 7  LEU n 
1 8  LEU n 
1 9  GLU n 
1 10 CYS n 
1 11 LYS n 
1 12 LYS n 
1 13 ASP n 
1 14 SER n 
1 15 ASP n 
1 16 CYS n 
1 17 LEU n 
1 18 ALA n 
1 19 GLU n 
1 20 CYS n 
1 21 VAL n 
1 22 CYS n 
1 23 LEU n 
1 24 GLU n 
1 25 HIS n 
1 26 GLY n 
1 27 TYR n 
1 28 CYS n 
1 29 GLY n 
# 
_entity_src_gen.entity_id                          1 
_entity_src_gen.pdbx_src_id                        1 
_entity_src_gen.pdbx_alt_source_flag               sample 
_entity_src_gen.pdbx_seq_type                      ? 
_entity_src_gen.pdbx_beg_seq_num                   ? 
_entity_src_gen.pdbx_end_seq_num                   ? 
_entity_src_gen.gene_src_common_name               'winter squash' 
_entity_src_gen.gene_src_genus                     Cucurbita 
_entity_src_gen.pdbx_gene_src_gene                 ? 
_entity_src_gen.gene_src_species                   ? 
_entity_src_gen.gene_src_strain                    ? 
_entity_src_gen.gene_src_tissue                    ? 
_entity_src_gen.gene_src_tissue_fraction           ? 
_entity_src_gen.gene_src_details                   ? 
_entity_src_gen.pdbx_gene_src_fragment             ? 
_entity_src_gen.pdbx_gene_src_scientific_name      'Cucurbita maxima' 
_entity_src_gen.pdbx_gene_src_ncbi_taxonomy_id     3661 
_entity_src_gen.pdbx_gene_src_variant              ? 
_entity_src_gen.pdbx_gene_src_cell_line            ? 
_entity_src_gen.pdbx_gene_src_atcc                 ? 
_entity_src_gen.pdbx_gene_src_organ                ? 
_entity_src_gen.pdbx_gene_src_organelle            ? 
_entity_src_gen.pdbx_gene_src_cell                 ? 
_entity_src_gen.pdbx_gene_src_cellular_location    ? 
_entity_src_gen.host_org_common_name               ? 
_entity_src_gen.pdbx_host_org_scientific_name      'Escherichia coli' 
_entity_src_gen.pdbx_host_org_ncbi_taxonomy_id     562 
_entity_src_gen.host_org_genus                     Escherichia 
_entity_src_gen.pdbx_host_org_gene                 ? 
_entity_src_gen.pdbx_host_org_organ                ? 
_entity_src_gen.host_org_species                   ? 
_entity_src_gen.pdbx_host_org_tissue               ? 
_entity_src_gen.pdbx_host_org_tissue_fraction      ? 
_entity_src_gen.pdbx_host_org_strain               'BL21(DE3)-pLys(S)' 
_entity_src_gen.pdbx_host_org_variant              ? 
_entity_src_gen.pdbx_host_org_cell_line            ? 
_entity_src_gen.pdbx_host_org_atcc                 ? 
_entity_src_gen.pdbx_host_org_culture_collection   ? 
_entity_src_gen.pdbx_host_org_cell                 ? 
_entity_src_gen.pdbx_host_org_organelle            ? 
_entity_src_gen.pdbx_host_org_cellular_location    ? 
_entity_src_gen.pdbx_host_org_vector_type          plasmid 
_entity_src_gen.pdbx_host_org_vector               ? 
_entity_src_gen.host_org_details                   ? 
_entity_src_gen.expression_system_id               ? 
_entity_src_gen.plasmid_name                       pAED4 
_entity_src_gen.plasmid_details                    ? 
_entity_src_gen.pdbx_description                   ? 
# 
loop_
_chem_comp.id 
_chem_comp.type 
_chem_comp.mon_nstd_flag 
_chem_comp.name 
_chem_comp.pdbx_synonyms 
_chem_comp.formula 
_chem_comp.formula_weight 
ALA 'L-peptide linking' y ALANINE                         ?                               'C3 H7 N O2'     89.093  
ARG 'L-peptide linking' y ARGININE                        ?                               'C6 H15 N4 O2 1' 175.209 
ASP 'L-peptide linking' y 'ASPARTIC ACID'                 ?                               'C4 H7 N O4'     133.103 
CYS 'L-peptide linking' y CYSTEINE                        ?                               'C3 H7 N O2 S'   121.158 
GLU 'L-peptide linking' y 'GLUTAMIC ACID'                 ?                               'C5 H9 N O4'     147.129 
GLY 'peptide linking'   y GLYCINE                         ?                               'C2 H5 N O2'     75.067  
GOL non-polymer         . GLYCEROL                        'GLYCERIN; PROPANE-1,2,3-TRIOL' 'C3 H8 O3'       92.094  
HIS 'L-peptide linking' y HISTIDINE                       ?                               'C6 H10 N3 O2 1' 156.162 
HOH non-polymer         . WATER                           ?                               'H2 O'           18.015  
ILE 'L-peptide linking' y ISOLEUCINE                      ?                               'C6 H13 N O2'    131.173 
LEU 'L-peptide linking' y LEUCINE                         ?                               'C6 H13 N O2'    131.173 
LYS 'L-peptide linking' y LYSINE                          ?                               'C6 H15 N2 O2 1' 147.195 
MET 'L-peptide linking' y METHIONINE                      ?                               'C5 H11 N O2 S'  149.211 
MRD non-polymer         . '(4R)-2-METHYLPENTANE-2,4-DIOL' ?                               'C6 H14 O2'      118.174 
PRO 'L-peptide linking' y PROLINE                         ?                               'C5 H9 N O2'     115.130 
SER 'L-peptide linking' y SERINE                          ?                               'C3 H7 N O3'     105.093 
SO4 non-polymer         . 'SULFATE ION'                   ?                               'O4 S -2'        96.063  
TYR 'L-peptide linking' y TYROSINE                        ?                               'C9 H11 N O3'    181.189 
VAL 'L-peptide linking' y VALINE                          ?                               'C5 H11 N O2'    117.146 
ZN  non-polymer         . 'ZINC ION'                      ?                               'Zn 2'           65.409  
# 
loop_
_pdbx_poly_seq_scheme.asym_id 
_pdbx_poly_seq_scheme.entity_id 
_pdbx_poly_seq_scheme.seq_id 
_pdbx_poly_seq_scheme.mon_id 
_pdbx_poly_seq_scheme.ndb_seq_num 
_pdbx_poly_seq_scheme.pdb_seq_num 
_pdbx_poly_seq_scheme.auth_seq_num 
_pdbx_poly_seq_scheme.pdb_mon_id 
_pdbx_poly_seq_scheme.auth_mon_id 
_pdbx_poly_seq_scheme.pdb_strand_id 
_pdbx_poly_seq_scheme.pdb_ins_code 
_pdbx_poly_seq_scheme.hetero 
A 1 1  ARG 1  1  1  ARG ARG A . n 
A 1 2  VAL 2  2  2  VAL VAL A . n 
A 1 3  CYS 3  3  3  CYS CYS A . n 
A 1 4  PRO 4  4  4  PRO PRO A . n 
A 1 5  ARG 5  5  5  ARG ARG A . n 
A 1 6  ILE 6  6  6  ILE ILE A . n 
A 1 7  LEU 7  7  7  LEU LEU A . n 
A 1 8  LEU 8  8  8  LEU LEU A . n 
A 1 9  GLU 9  9  9  GLU GLU A . n 
A 1 10 CYS 10 10 10 CYS CYS A . n 
A 1 11 LYS 11 11 11 LYS LYS A . n 
A 1 12 LYS 12 12 12 LYS LYS A . n 
A 1 13 ASP 13 13 13 ASP ASP A . n 
A 1 14 SER 14 14 14 SER SER A . n 
A 1 15 ASP 15 15 15 ASP ASP A . n 
A 1 16 CYS 16 16 16 CYS CYS A . n 
A 1 17 LEU 17 17 17 LEU LEU A . n 
A 1 18 ALA 18 18 18 ALA ALA A . n 
A 1 19 GLU 19 19 19 GLU GLU A . n 
A 1 20 CYS 20 20 20 CYS CYS A . n 
A 1 21 VAL 21 21 21 VAL VAL A . n 
A 1 22 CYS 22 22 22 CYS CYS A . n 
A 1 23 LEU 23 23 23 LEU LEU A . n 
A 1 24 GLU 24 24 24 GLU GLU A . n 
A 1 25 HIS 25 25 25 HIS HIS A . n 
A 1 26 GLY 26 26 26 GLY GLY A . n 
A 1 27 TYR 27 27 27 TYR TYR A . n 
A 1 28 CYS 28 28 28 CYS CYS A . n 
A 1 29 GLY 29 29 29 GLY GLY A . n 
B 1 1  ARG 1  1  1  ARG ARG B . n 
B 1 2  VAL 2  2  2  VAL VAL B . n 
B 1 3  CYS 3  3  3  CYS CYS B . n 
B 1 4  PRO 4  4  4  PRO PRO B . n 
B 1 5  ARG 5  5  5  ARG ARG B . n 
B 1 6  ILE 6  6  6  ILE ILE B . n 
B 1 7  LEU 7  7  7  LEU LEU B . n 
B 1 8  LEU 8  8  8  LEU LEU B . n 
B 1 9  GLU 9  9  9  GLU GLU B . n 
B 1 10 CYS 10 10 10 CYS CYS B . n 
B 1 11 LYS 11 11 11 LYS LYS B . n 
B 1 12 LYS 12 12 12 LYS LYS B . n 
B 1 13 ASP 13 13 13 ASP ASP B . n 
B 1 14 SER 14 14 14 SER SER B . n 
B 1 15 ASP 15 15 15 ASP ASP B . n 
B 1 16 CYS 16 16 16 CYS CYS B . n 
B 1 17 LEU 17 17 17 LEU LEU B . n 
B 1 18 ALA 18 18 18 ALA ALA B . n 
B 1 19 GLU 19 19 19 GLU GLU B . n 
B 1 20 CYS 20 20 20 CYS CYS B . n 
B 1 21 VAL 21 21 21 VAL VAL B . n 
B 1 22 CYS 22 22 22 CYS CYS B . n 
B 1 23 LEU 23 23 23 LEU LEU B . n 
B 1 24 GLU 24 24 24 GLU GLU B . n 
B 1 25 HIS 25 25 25 HIS HIS B . n 
B 1 26 GLY 26 26 26 GLY GLY B . n 
B 1 27 TYR 27 27 27 TYR TYR B . n 
B 1 28 CYS 28 28 28 CYS CYS B . n 
B 1 29 GLY 29 29 29 GLY GLY B . n 
# 
loop_
_pdbx_nonpoly_scheme.asym_id 
_pdbx_nonpoly_scheme.entity_id 
_pdbx_nonpoly_scheme.mon_id 
_pdbx_nonpoly_scheme.ndb_seq_num 
_pdbx_nonpoly_scheme.pdb_seq_num 
_pdbx_nonpoly_scheme.auth_seq_num 
_pdbx_nonpoly_scheme.pdb_mon_id 
_pdbx_nonpoly_scheme.auth_mon_id 
_pdbx_nonpoly_scheme.pdb_strand_id 
_pdbx_nonpoly_scheme.pdb_ins_code 
C 2 ZN  1  201 201 ZN  ZN  A . 
D 3 GOL 1  202 202 GOL GOL A . 
E 4 SO4 1  205 205 SO4 SO4 B . 
F 5 MRD 1  204 204 MRD MPD B . 
G 3 GOL 1  203 203 GOL GOL B . 
H 6 HOH 1  302 302 HOH HOH A . 
H 6 HOH 2  303 303 HOH HOH A . 
H 6 HOH 3  306 306 HOH HOH A . 
H 6 HOH 4  307 307 HOH HOH A . 
H 6 HOH 5  308 308 HOH HOH A . 
H 6 HOH 6  309 309 HOH HOH A . 
H 6 HOH 7  310 310 HOH HOH A . 
H 6 HOH 8  311 311 HOH HOH A . 
H 6 HOH 9  313 313 HOH HOH A . 
H 6 HOH 10 315 315 HOH HOH A . 
H 6 HOH 11 318 318 HOH HOH A . 
H 6 HOH 12 319 319 HOH HOH A . 
H 6 HOH 13 322 322 HOH HOH A . 
H 6 HOH 14 329 329 HOH HOH A . 
H 6 HOH 15 330 330 HOH HOH A . 
H 6 HOH 16 332 332 HOH HOH A . 
H 6 HOH 17 333 333 HOH HOH A . 
H 6 HOH 18 334 334 HOH HOH A . 
H 6 HOH 19 335 335 HOH HOH A . 
H 6 HOH 20 336 336 HOH HOH A . 
H 6 HOH 21 338 338 HOH HOH A . 
H 6 HOH 22 340 340 HOH HOH A . 
H 6 HOH 23 343 343 HOH HOH A . 
H 6 HOH 24 345 345 HOH HOH A . 
H 6 HOH 25 346 346 HOH HOH A . 
H 6 HOH 26 348 348 HOH HOH A . 
H 6 HOH 27 350 350 HOH HOH A . 
H 6 HOH 28 351 351 HOH HOH A . 
H 6 HOH 29 352 352 HOH HOH A . 
H 6 HOH 30 356 356 HOH HOH A . 
H 6 HOH 31 357 357 HOH HOH A . 
H 6 HOH 32 361 361 HOH HOH A . 
H 6 HOH 33 362 362 HOH HOH A . 
H 6 HOH 34 364 364 HOH HOH A . 
H 6 HOH 35 365 365 HOH HOH A . 
H 6 HOH 36 367 367 HOH HOH A . 
H 6 HOH 37 368 368 HOH HOH A . 
H 6 HOH 38 369 369 HOH HOH A . 
H 6 HOH 39 374 374 HOH HOH A . 
I 6 HOH 1  301 301 HOH HOH B . 
I 6 HOH 2  304 304 HOH HOH B . 
I 6 HOH 3  305 305 HOH HOH B . 
I 6 HOH 4  312 312 HOH HOH B . 
I 6 HOH 5  314 314 HOH HOH B . 
I 6 HOH 6  316 316 HOH HOH B . 
I 6 HOH 7  317 317 HOH HOH B . 
I 6 HOH 8  320 320 HOH HOH B . 
I 6 HOH 9  321 321 HOH HOH B . 
I 6 HOH 10 323 323 HOH HOH B . 
I 6 HOH 11 324 324 HOH HOH B . 
I 6 HOH 12 325 325 HOH HOH B . 
I 6 HOH 13 326 326 HOH HOH B . 
I 6 HOH 14 327 327 HOH HOH B . 
I 6 HOH 15 328 328 HOH HOH B . 
I 6 HOH 16 331 331 HOH HOH B . 
I 6 HOH 17 337 337 HOH HOH B . 
I 6 HOH 18 339 339 HOH HOH B . 
I 6 HOH 19 341 341 HOH HOH B . 
I 6 HOH 20 342 342 HOH HOH B . 
I 6 HOH 21 344 344 HOH HOH B . 
I 6 HOH 22 347 347 HOH HOH B . 
I 6 HOH 23 349 349 HOH HOH B . 
I 6 HOH 24 353 353 HOH HOH B . 
I 6 HOH 25 354 354 HOH HOH B . 
I 6 HOH 26 355 355 HOH HOH B . 
I 6 HOH 27 358 358 HOH HOH B . 
I 6 HOH 28 359 359 HOH HOH B . 
I 6 HOH 29 360 360 HOH HOH B . 
I 6 HOH 30 363 363 HOH HOH B . 
I 6 HOH 31 366 366 HOH HOH B . 
I 6 HOH 32 370 370 HOH HOH B . 
I 6 HOH 33 371 371 HOH HOH B . 
I 6 HOH 34 372 372 HOH HOH B . 
I 6 HOH 35 373 373 HOH HOH B . 
I 6 HOH 36 375 375 HOH HOH B . 
I 6 HOH 37 376 376 HOH HOH B . 
# 
loop_
_pdbx_unobs_or_zero_occ_atoms.id 
_pdbx_unobs_or_zero_occ_atoms.PDB_model_num 
_pdbx_unobs_or_zero_occ_atoms.polymer_flag 
_pdbx_unobs_or_zero_occ_atoms.occupancy_flag 
_pdbx_unobs_or_zero_occ_atoms.auth_asym_id 
_pdbx_unobs_or_zero_occ_atoms.auth_comp_id 
_pdbx_unobs_or_zero_occ_atoms.auth_seq_id 
_pdbx_unobs_or_zero_occ_atoms.PDB_ins_code 
_pdbx_unobs_or_zero_occ_atoms.auth_atom_id 
_pdbx_unobs_or_zero_occ_atoms.label_alt_id 
_pdbx_unobs_or_zero_occ_atoms.label_asym_id 
_pdbx_unobs_or_zero_occ_atoms.label_comp_id 
_pdbx_unobs_or_zero_occ_atoms.label_seq_id 
_pdbx_unobs_or_zero_occ_atoms.label_atom_id 
1 1 N 1 B SO4 205 ? O3 ? E SO4 1 O3 
2 1 N 1 B SO4 205 ? O4 ? E SO4 1 O4 
# 
loop_
_software.name 
_software.classification 
_software.version 
_software.citation_id 
_software.pdbx_ordinal 
DENZO     'data reduction' . ? 1 
SCALEPACK 'data scaling'   . ? 2 
SHELXD    phasing          . ? 3 
SHELXL-97 refinement       . ? 4 
# 
_cell.entry_id           1LU0 
_cell.length_a           47.280 
_cell.length_b           58.630 
_cell.length_c           19.320 
_cell.angle_alpha        90.00 
_cell.angle_beta         90.00 
_cell.angle_gamma        90.00 
_cell.Z_PDB              8 
_cell.pdbx_unique_axis   ? 
_cell.length_a_esd       ? 
_cell.length_b_esd       ? 
_cell.length_c_esd       ? 
_cell.angle_alpha_esd    ? 
_cell.angle_beta_esd     ? 
_cell.angle_gamma_esd    ? 
# 
_symmetry.entry_id                         1LU0 
_symmetry.space_group_name_H-M             'P 21 21 2' 
_symmetry.pdbx_full_space_group_name_H-M   ? 
_symmetry.cell_setting                     ? 
_symmetry.Int_Tables_number                18 
_symmetry.space_group_name_Hall            ? 
# 
_exptl.entry_id          1LU0 
_exptl.method            'X-RAY DIFFRACTION' 
_exptl.crystals_number   1 
# 
_exptl_crystal.id                    1 
_exptl_crystal.density_meas          ? 
_exptl_crystal.density_Matthews      2.23 
_exptl_crystal.density_percent_sol   44.8 
_exptl_crystal.description           ? 
_exptl_crystal.F_000                 ? 
_exptl_crystal.preparation           ? 
# 
_exptl_crystal_grow.crystal_id      1 
_exptl_crystal_grow.method          'VAPOR DIFFUSION, HANGING DROP' 
_exptl_crystal_grow.temp            293.0 
_exptl_crystal_grow.temp_details    ? 
_exptl_crystal_grow.pH              6.5 
_exptl_crystal_grow.pdbx_details    
'PEG 8000, zinc sulfate, cacodylate, MPD, pH 6.5, VAPOR DIFFUSION, HANGING DROP, temperature 293.0K' 
_exptl_crystal_grow.pdbx_pH_range   ? 
# 
_diffrn.id                     1 
_diffrn.ambient_temp           100 
_diffrn.ambient_temp_details   ? 
_diffrn.crystal_id             1 
# 
_diffrn_detector.diffrn_id              1 
_diffrn_detector.detector               CCD 
_diffrn_detector.type                   MARRESEARCH 
_diffrn_detector.pdbx_collection_date   2000-04-07 
_diffrn_detector.details                ? 
# 
_diffrn_radiation.diffrn_id                        1 
_diffrn_radiation.wavelength_id                    1 
_diffrn_radiation.pdbx_monochromatic_or_laue_m_l   M 
_diffrn_radiation.monochromator                    'Si, double crystal, tunable' 
_diffrn_radiation.pdbx_diffrn_protocol             'SINGLE WAVELENGTH' 
_diffrn_radiation.pdbx_scattering_type             x-ray 
# 
_diffrn_radiation_wavelength.id           1 
_diffrn_radiation_wavelength.wavelength   0.8919 
_diffrn_radiation_wavelength.wt           1.0 
# 
_diffrn_source.diffrn_id                   1 
_diffrn_source.source                      SYNCHROTRON 
_diffrn_source.type                        'EMBL/DESY, HAMBURG BEAMLINE BW7A' 
_diffrn_source.pdbx_synchrotron_site       'EMBL/DESY, HAMBURG' 
_diffrn_source.pdbx_synchrotron_beamline   BW7A 
_diffrn_source.pdbx_wavelength             ? 
_diffrn_source.pdbx_wavelength_list        0.8919 
# 
_reflns.entry_id                     1LU0 
_reflns.observed_criterion_sigma_I   -3.0 
_reflns.observed_criterion_sigma_F   0.0 
_reflns.d_resolution_low             15.0 
_reflns.d_resolution_high            1.03 
_reflns.number_obs                   27045 
_reflns.number_all                   27045 
_reflns.percent_possible_obs         99.2 
_reflns.pdbx_Rmerge_I_obs            0.047 
_reflns.pdbx_Rsym_value              ? 
_reflns.pdbx_netI_over_sigmaI        30.7 
_reflns.B_iso_Wilson_estimate        12.9 
_reflns.pdbx_redundancy              9.3 
_reflns.R_free_details               ? 
_reflns.limit_h_max                  ? 
_reflns.limit_h_min                  ? 
_reflns.limit_k_max                  ? 
_reflns.limit_k_min                  ? 
_reflns.limit_l_max                  ? 
_reflns.limit_l_min                  ? 
_reflns.observed_criterion_F_max     ? 
_reflns.observed_criterion_F_min     ? 
_reflns.pdbx_ordinal                 1 
_reflns.pdbx_diffrn_id               1 
_reflns.pdbx_chi_squared             ? 
_reflns.pdbx_scaling_rejects         ? 
# 
_reflns_shell.d_res_high             1.03 
_reflns_shell.d_res_low              1.07 
_reflns_shell.percent_possible_all   98.3 
_reflns_shell.Rmerge_I_obs           0.151 
_reflns_shell.pdbx_Rsym_value        ? 
_reflns_shell.meanI_over_sigI_obs    2.73 
_reflns_shell.pdbx_redundancy        3.5 
_reflns_shell.percent_possible_obs   ? 
_reflns_shell.number_unique_all      2637 
_reflns_shell.pdbx_ordinal           1 
_reflns_shell.pdbx_diffrn_id         1 
_reflns_shell.number_measured_all    ? 
_reflns_shell.number_measured_obs    ? 
_reflns_shell.number_unique_obs      ? 
_reflns_shell.pdbx_chi_squared       ? 
# 
_refine.entry_id                                 1LU0 
_refine.ls_number_reflns_obs                     26990 
_refine.ls_number_reflns_all                     26990 
_refine.pdbx_ls_sigma_I                          -3.0 
_refine.pdbx_ls_sigma_F                          0.0 
_refine.pdbx_data_cutoff_high_absF               ? 
_refine.pdbx_data_cutoff_low_absF                ? 
_refine.ls_d_res_low                             10.00 
_refine.ls_d_res_high                            1.03 
_refine.ls_percent_reflns_obs                    99.1 
_refine.ls_R_factor_obs                          0.1206 
_refine.ls_R_factor_all                          0.1206 
_refine.ls_R_factor_R_work                       0.12 
_refine.ls_R_factor_R_free                       0.1449 
_refine.ls_R_factor_R_free_error                 ? 
_refine.ls_R_factor_R_free_error_details         ? 
_refine.ls_percent_reflns_R_free                 5.0 
_refine.ls_number_reflns_R_free                  1345 
_refine.ls_number_parameters                     5179 
_refine.ls_number_restraints                     6000 
_refine.occupancy_min                            ? 
_refine.occupancy_max                            ? 
_refine.correlation_coeff_Fo_to_Fc               ? 
_refine.correlation_coeff_Fo_to_Fc_free          ? 
_refine.B_iso_mean                               ? 
_refine.aniso_B[1][1]                            ? 
_refine.aniso_B[2][2]                            ? 
_refine.aniso_B[3][3]                            ? 
_refine.aniso_B[1][2]                            ? 
_refine.aniso_B[1][3]                            ? 
_refine.aniso_B[2][3]                            ? 
_refine.solvent_model_details                    'MOEWS & KRETSINGER, J.MOL.BIOL.91(1973)201-228' 
_refine.solvent_model_param_ksol                 ? 
_refine.solvent_model_param_bsol                 ? 
_refine.pdbx_solvent_vdw_probe_radii             ? 
_refine.pdbx_solvent_ion_probe_radii             ? 
_refine.pdbx_solvent_shrinkage_radii             ? 
_refine.pdbx_ls_cross_valid_method               'FREE R' 
_refine.details                                  
;Anisotropic refinement without stereochemical restraints on main chain atoms with low Beq (<15 A**2). In both molecules (A and B) there is a salt bridge between the C-terminus and the Arg1 side chain. The Arg5 side chain in molecule A is modeled in two conformations. The Val21 and Tyr27 side chains in both molecules are modeled in double conformation. His25 has different protonation and conformation in the two molecules. The zinc and sulfate ions lie on a common two fold axis. One MPD and two glycerol molecules are modeled in the solvent region. Blocked full-matix least-squares calculations were performed at the conclusion of the refinement. 
In remark 500, the atoms in all cases represent complementary pairs with partial occupancies.
;
_refine.pdbx_starting_model                      ? 
_refine.pdbx_method_to_determine_struct          'Dual-space recycling' 
_refine.pdbx_isotropic_thermal_model             Anisotropic 
_refine.pdbx_stereochemistry_target_values       'ENGH AND HUBER' 
_refine.pdbx_stereochem_target_val_spec_case     CSD 
_refine.pdbx_R_Free_selection_details            RANDOM 
_refine.pdbx_overall_ESU_R_Free                  ? 
_refine.overall_SU_B                             ? 
_refine.ls_redundancy_reflns_obs                 ? 
_refine.B_iso_min                                ? 
_refine.B_iso_max                                ? 
_refine.overall_SU_R_Cruickshank_DPI             ? 
_refine.overall_SU_R_free                        ? 
_refine.overall_SU_ML                            ? 
_refine.pdbx_overall_ESU_R                       ? 
_refine.pdbx_data_cutoff_high_rms_absF           ? 
_refine.pdbx_refine_id                           'X-RAY DIFFRACTION' 
_refine.pdbx_diffrn_id                           1 
_refine.pdbx_overall_phase_error                 ? 
_refine.ls_wR_factor_R_free                      ? 
_refine.ls_wR_factor_R_work                      ? 
_refine.overall_FOM_free_R_set                   ? 
_refine.overall_FOM_work_R_set                   ? 
_refine.pdbx_TLS_residual_ADP_flag               ? 
_refine.pdbx_overall_SU_R_free_Cruickshank_DPI   ? 
_refine.pdbx_overall_SU_R_Blow_DPI               ? 
_refine.pdbx_overall_SU_R_free_Blow_DPI          ? 
# 
_refine_analyze.entry_id                        1LU0 
_refine_analyze.Luzzati_coordinate_error_obs    ? 
_refine_analyze.Luzzati_sigma_a_obs             ? 
_refine_analyze.Luzzati_d_res_low_obs           ? 
_refine_analyze.Luzzati_coordinate_error_free   ? 
_refine_analyze.Luzzati_sigma_a_free            ? 
_refine_analyze.Luzzati_d_res_low_free          ? 
_refine_analyze.number_disordered_residues      5 
_refine_analyze.occupancy_sum_hydrogen          432.00 
_refine_analyze.occupancy_sum_non_hydrogen      517.49 
_refine_analyze.pdbx_Luzzati_d_res_high_obs     ? 
_refine_analyze.pdbx_refine_id                  'X-RAY DIFFRACTION' 
# 
_refine_hist.pdbx_refine_id                   'X-RAY DIFFRACTION' 
_refine_hist.cycle_id                         LAST 
_refine_hist.pdbx_number_atoms_protein        444 
_refine_hist.pdbx_number_atoms_nucleic_acid   0 
_refine_hist.pdbx_number_atoms_ligand         24 
_refine_hist.number_atoms_solvent             76 
_refine_hist.number_atoms_total               544 
_refine_hist.d_res_high                       1.03 
_refine_hist.d_res_low                        10.00 
# 
loop_
_refine_ls_restr.type 
_refine_ls_restr.dev_ideal 
_refine_ls_restr.dev_ideal_target 
_refine_ls_restr.weight 
_refine_ls_restr.number 
_refine_ls_restr.pdbx_refine_id 
_refine_ls_restr.pdbx_restraint_function 
s_bond_d               0.025 ? ? ? 'X-RAY DIFFRACTION' ? 
s_angle_d              0.039 ? ? ? 'X-RAY DIFFRACTION' ? 
s_similar_dist         0.000 ? ? ? 'X-RAY DIFFRACTION' ? 
s_from_restr_planes    0.031 ? ? ? 'X-RAY DIFFRACTION' ? 
s_zero_chiral_vol      0.106 ? ? ? 'X-RAY DIFFRACTION' ? 
s_non_zero_chiral_vol  0.130 ? ? ? 'X-RAY DIFFRACTION' ? 
s_anti_bump_dis_restr  0.000 ? ? ? 'X-RAY DIFFRACTION' ? 
s_rigid_bond_adp_cmpnt 0.006 ? ? ? 'X-RAY DIFFRACTION' ? 
s_similar_adp_cmpnt    0.056 ? ? ? 'X-RAY DIFFRACTION' ? 
s_approx_iso_adps      0.091 ? ? ? 'X-RAY DIFFRACTION' ? 
# 
_pdbx_refine.entry_id                                    1LU0 
_pdbx_refine.R_factor_all_no_cutoff                      0.1206 
_pdbx_refine.R_factor_obs_no_cutoff                      0.12 
_pdbx_refine.free_R_factor_no_cutoff                     0.1449 
_pdbx_refine.free_R_val_test_set_size_perc_no_cutoff     5.0 
_pdbx_refine.free_R_val_test_set_ct_no_cutoff            1345 
_pdbx_refine.R_factor_all_4sig_cutoff                    0.1148 
_pdbx_refine.R_factor_obs_4sig_cutoff                    0.1141 
_pdbx_refine.free_R_factor_4sig_cutoff                   0.1395 
_pdbx_refine.free_R_val_test_set_size_perc_4sig_cutoff   5.0 
_pdbx_refine.free_R_val_test_set_ct_4sig_cutoff          1139 
_pdbx_refine.number_reflns_obs_4sig_cutoff               22676 
_pdbx_refine.number_reflns_obs_no_cutoff                 ? 
_pdbx_refine.pdbx_refine_id                              'X-RAY DIFFRACTION' 
_pdbx_refine.free_R_error_no_cutoff                      ? 
# 
_struct.entry_id                  1LU0 
_struct.title                     'Atomic Resolution Structure of Squash Trypsin Inhibitor: Unexpected Metal Coordination' 
_struct.pdbx_model_details        ? 
_struct.pdbx_CASP_flag            ? 
_struct.pdbx_model_type_details   ? 
# 
_struct_keywords.entry_id        1LU0 
_struct_keywords.pdbx_keywords   'HYDROLASE INHIBITOR' 
_struct_keywords.text            'serine protease inhibitor, metal coordination, HYDROLASE INHIBITOR' 
# 
loop_
_struct_asym.id 
_struct_asym.pdbx_blank_PDB_chainid_flag 
_struct_asym.pdbx_modified 
_struct_asym.entity_id 
_struct_asym.details 
A N N 1 ? 
B N N 1 ? 
C N N 2 ? 
D N N 3 ? 
E N N 4 ? 
F N N 5 ? 
G N N 3 ? 
H N N 6 ? 
I N N 6 ? 
# 
_struct_ref.id                         1 
_struct_ref.db_name                    UNP 
_struct_ref.db_code                    ITR1_CUCMA 
_struct_ref.entity_id                  1 
_struct_ref.pdbx_seq_one_letter_code   RVCPRILMECKKDSDCLAECVCLEHGYCG 
_struct_ref.pdbx_align_begin           1 
_struct_ref.pdbx_db_accession          P01074 
_struct_ref.pdbx_db_isoform            ? 
# 
loop_
_struct_ref_seq.align_id 
_struct_ref_seq.ref_id 
_struct_ref_seq.pdbx_PDB_id_code 
_struct_ref_seq.pdbx_strand_id 
_struct_ref_seq.seq_align_beg 
_struct_ref_seq.pdbx_seq_align_beg_ins_code 
_struct_ref_seq.seq_align_end 
_struct_ref_seq.pdbx_seq_align_end_ins_code 
_struct_ref_seq.pdbx_db_accession 
_struct_ref_seq.db_align_beg 
_struct_ref_seq.pdbx_db_align_beg_ins_code 
_struct_ref_seq.db_align_end 
_struct_ref_seq.pdbx_db_align_end_ins_code 
_struct_ref_seq.pdbx_auth_seq_align_beg 
_struct_ref_seq.pdbx_auth_seq_align_end 
1 1 1LU0 A 1 ? 29 ? P01074 1 ? 29 ? 1 29 
2 1 1LU0 B 1 ? 29 ? P01074 1 ? 29 ? 1 29 
# 
loop_
_struct_ref_seq_dif.align_id 
_struct_ref_seq_dif.pdbx_pdb_id_code 
_struct_ref_seq_dif.mon_id 
_struct_ref_seq_dif.pdbx_pdb_strand_id 
_struct_ref_seq_dif.seq_num 
_struct_ref_seq_dif.pdbx_pdb_ins_code 
_struct_ref_seq_dif.pdbx_seq_db_name 
_struct_ref_seq_dif.pdbx_seq_db_accession_code 
_struct_ref_seq_dif.db_mon_id 
_struct_ref_seq_dif.pdbx_seq_db_seq_num 
_struct_ref_seq_dif.details 
_struct_ref_seq_dif.pdbx_auth_seq_num 
_struct_ref_seq_dif.pdbx_ordinal 
1 1LU0 LEU A 8 ? UNP P01074 MET 8 'engineered mutation' 8 1 
2 1LU0 LEU B 8 ? UNP P01074 MET 8 'engineered mutation' 8 2 
# 
_pdbx_struct_assembly.id                   1 
_pdbx_struct_assembly.details              author_and_software_defined_assembly 
_pdbx_struct_assembly.method_details       PISA,PQS 
_pdbx_struct_assembly.oligomeric_details   tetrameric 
_pdbx_struct_assembly.oligomeric_count     4 
# 
loop_
_pdbx_struct_assembly_prop.biol_id 
_pdbx_struct_assembly_prop.type 
_pdbx_struct_assembly_prop.value 
_pdbx_struct_assembly_prop.details 
1 'ABSA (A^2)' 3410 ? 
1 MORE         -97  ? 
1 'SSA (A^2)'  8570 ? 
# 
_pdbx_struct_assembly_gen.assembly_id       1 
_pdbx_struct_assembly_gen.oper_expression   1,2 
_pdbx_struct_assembly_gen.asym_id_list      A,B,C,D,E,F,G,H,I 
# 
loop_
_pdbx_struct_oper_list.id 
_pdbx_struct_oper_list.type 
_pdbx_struct_oper_list.name 
_pdbx_struct_oper_list.symmetry_operation 
_pdbx_struct_oper_list.matrix[1][1] 
_pdbx_struct_oper_list.matrix[1][2] 
_pdbx_struct_oper_list.matrix[1][3] 
_pdbx_struct_oper_list.vector[1] 
_pdbx_struct_oper_list.matrix[2][1] 
_pdbx_struct_oper_list.matrix[2][2] 
_pdbx_struct_oper_list.matrix[2][3] 
_pdbx_struct_oper_list.vector[2] 
_pdbx_struct_oper_list.matrix[3][1] 
_pdbx_struct_oper_list.matrix[3][2] 
_pdbx_struct_oper_list.matrix[3][3] 
_pdbx_struct_oper_list.vector[3] 
1 'identity operation'         1_555 x,y,z       1.0000000000 0.0000000000 0.0000000000  0.0000000000 0.0000000000 1.0000000000  0.0000000000  0.0000000000 0.0000000000  0.0000000000  1.0000000000  0.0000000000  
2 'crystal symmetry operation' 2_775 -x+2,-y+2,z 0.2277265326 0.7259576507 -0.6489423054 2.7463447255 0.7259576507 -0.5707394956 -0.3837211455 6.8498610430 -0.6489423054 -0.3837211455 -0.6569870369 12.8585688549 
# 
_struct_biol.id                    1 
_struct_biol.details               
;Four molecules of the inhibitor coordinate a single zinc cation in a tetrahedral fashion via their Glu19 side chains.  Two of them (molecules A and B) constitute the contents of the asymmetric unit.  The full coordination sphere is generated by the operation: -X, -Y, Z, of a two-fold axis.  The zinc cation has a special position (occupancy 0.5) on this two-fold axis.
;
_struct_biol.pdbx_parent_biol_id   ? 
# 
loop_
_struct_conf.conf_type_id 
_struct_conf.id 
_struct_conf.pdbx_PDB_helix_id 
_struct_conf.beg_label_comp_id 
_struct_conf.beg_label_asym_id 
_struct_conf.beg_label_seq_id 
_struct_conf.pdbx_beg_PDB_ins_code 
_struct_conf.end_label_comp_id 
_struct_conf.end_label_asym_id 
_struct_conf.end_label_seq_id 
_struct_conf.pdbx_end_PDB_ins_code 
_struct_conf.beg_auth_comp_id 
_struct_conf.beg_auth_asym_id 
_struct_conf.beg_auth_seq_id 
_struct_conf.end_auth_comp_id 
_struct_conf.end_auth_asym_id 
_struct_conf.end_auth_seq_id 
_struct_conf.pdbx_PDB_helix_class 
_struct_conf.details 
_struct_conf.pdbx_PDB_helix_length 
HELX_P HELX_P1 1 LYS A 12 ? CYS A 16 ? LYS A 12 CYS A 16 5 ? 5 
HELX_P HELX_P2 2 LYS B 12 ? CYS B 16 ? LYS B 12 CYS B 16 5 ? 5 
# 
_struct_conf_type.id          HELX_P 
_struct_conf_type.criteria    ? 
_struct_conf_type.reference   ? 
# 
loop_
_struct_conn.id 
_struct_conn.conn_type_id 
_struct_conn.pdbx_leaving_atom_flag 
_struct_conn.pdbx_PDB_id 
_struct_conn.ptnr1_label_asym_id 
_struct_conn.ptnr1_label_comp_id 
_struct_conn.ptnr1_label_seq_id 
_struct_conn.ptnr1_label_atom_id 
_struct_conn.pdbx_ptnr1_label_alt_id 
_struct_conn.pdbx_ptnr1_PDB_ins_code 
_struct_conn.pdbx_ptnr1_standard_comp_id 
_struct_conn.ptnr1_symmetry 
_struct_conn.ptnr2_label_asym_id 
_struct_conn.ptnr2_label_comp_id 
_struct_conn.ptnr2_label_seq_id 
_struct_conn.ptnr2_label_atom_id 
_struct_conn.pdbx_ptnr2_label_alt_id 
_struct_conn.pdbx_ptnr2_PDB_ins_code 
_struct_conn.ptnr1_auth_asym_id 
_struct_conn.ptnr1_auth_comp_id 
_struct_conn.ptnr1_auth_seq_id 
_struct_conn.ptnr2_auth_asym_id 
_struct_conn.ptnr2_auth_comp_id 
_struct_conn.ptnr2_auth_seq_id 
_struct_conn.ptnr2_symmetry 
_struct_conn.pdbx_ptnr3_label_atom_id 
_struct_conn.pdbx_ptnr3_label_seq_id 
_struct_conn.pdbx_ptnr3_label_comp_id 
_struct_conn.pdbx_ptnr3_label_asym_id 
_struct_conn.pdbx_ptnr3_label_alt_id 
_struct_conn.pdbx_ptnr3_PDB_ins_code 
_struct_conn.details 
_struct_conn.pdbx_dist_value 
_struct_conn.pdbx_value_order 
_struct_conn.pdbx_role 
disulf1 disulf ? ? A CYS 3  SG  ? ? ? 1_555 A CYS 20 SG  ? ? A CYS 3   A CYS 20  1_555 ? ? ? ? ? ? ? 2.021 ? ? 
disulf2 disulf ? ? A CYS 10 SG  ? ? ? 1_555 A CYS 22 SG  ? ? A CYS 10  A CYS 22  1_555 ? ? ? ? ? ? ? 2.059 ? ? 
disulf3 disulf ? ? A CYS 16 SG  ? ? ? 1_555 A CYS 28 SG  ? ? A CYS 16  A CYS 28  1_555 ? ? ? ? ? ? ? 2.072 ? ? 
disulf4 disulf ? ? B CYS 3  SG  ? ? ? 1_555 B CYS 20 SG  ? ? B CYS 3   B CYS 20  1_555 ? ? ? ? ? ? ? 2.009 ? ? 
disulf5 disulf ? ? B CYS 10 SG  ? ? ? 1_555 B CYS 22 SG  ? ? B CYS 10  B CYS 22  1_555 ? ? ? ? ? ? ? 2.050 ? ? 
disulf6 disulf ? ? B CYS 16 SG  ? ? ? 1_555 B CYS 28 SG  ? ? B CYS 16  B CYS 28  1_555 ? ? ? ? ? ? ? 2.065 ? ? 
metalc1 metalc ? ? A GLU 19 OE1 ? ? ? 1_555 C ZN  .  ZN  ? ? A GLU 19  A ZN  201 1_555 ? ? ? ? ? ? ? 1.979 ? ? 
metalc2 metalc ? ? A GLU 19 OE1 ? ? ? 2_775 C ZN  .  ZN  ? ? A GLU 19  A ZN  201 1_555 ? ? ? ? ? ? ? 1.979 ? ? 
metalc3 metalc ? ? C ZN  .  ZN  ? ? ? 1_555 B GLU 19 OE2 ? ? A ZN  201 B GLU 19  1_555 ? ? ? ? ? ? ? 2.005 ? ? 
metalc4 metalc ? ? C ZN  .  ZN  ? ? ? 1_555 B GLU 19 OE1 ? ? A ZN  201 B GLU 19  1_555 ? ? ? ? ? ? ? 2.710 ? ? 
metalc5 metalc ? ? C ZN  .  ZN  ? ? ? 1_555 B GLU 19 OE1 ? ? A ZN  201 B GLU 19  2_775 ? ? ? ? ? ? ? 2.710 ? ? 
metalc6 metalc ? ? C ZN  .  ZN  ? ? ? 1_555 B GLU 19 OE2 ? ? A ZN  201 B GLU 19  2_775 ? ? ? ? ? ? ? 2.005 ? ? 
# 
loop_
_struct_conn_type.id 
_struct_conn_type.criteria 
_struct_conn_type.reference 
disulf ? ? 
metalc ? ? 
# 
loop_
_pdbx_struct_conn_angle.id 
_pdbx_struct_conn_angle.ptnr1_label_atom_id 
_pdbx_struct_conn_angle.ptnr1_label_alt_id 
_pdbx_struct_conn_angle.ptnr1_label_asym_id 
_pdbx_struct_conn_angle.ptnr1_label_comp_id 
_pdbx_struct_conn_angle.ptnr1_label_seq_id 
_pdbx_struct_conn_angle.ptnr1_auth_atom_id 
_pdbx_struct_conn_angle.ptnr1_auth_asym_id 
_pdbx_struct_conn_angle.ptnr1_auth_comp_id 
_pdbx_struct_conn_angle.ptnr1_auth_seq_id 
_pdbx_struct_conn_angle.ptnr1_PDB_ins_code 
_pdbx_struct_conn_angle.ptnr1_symmetry 
_pdbx_struct_conn_angle.ptnr2_label_atom_id 
_pdbx_struct_conn_angle.ptnr2_label_alt_id 
_pdbx_struct_conn_angle.ptnr2_label_asym_id 
_pdbx_struct_conn_angle.ptnr2_label_comp_id 
_pdbx_struct_conn_angle.ptnr2_label_seq_id 
_pdbx_struct_conn_angle.ptnr2_auth_atom_id 
_pdbx_struct_conn_angle.ptnr2_auth_asym_id 
_pdbx_struct_conn_angle.ptnr2_auth_comp_id 
_pdbx_struct_conn_angle.ptnr2_auth_seq_id 
_pdbx_struct_conn_angle.ptnr2_PDB_ins_code 
_pdbx_struct_conn_angle.ptnr2_symmetry 
_pdbx_struct_conn_angle.ptnr3_label_atom_id 
_pdbx_struct_conn_angle.ptnr3_label_alt_id 
_pdbx_struct_conn_angle.ptnr3_label_asym_id 
_pdbx_struct_conn_angle.ptnr3_label_comp_id 
_pdbx_struct_conn_angle.ptnr3_label_seq_id 
_pdbx_struct_conn_angle.ptnr3_auth_atom_id 
_pdbx_struct_conn_angle.ptnr3_auth_asym_id 
_pdbx_struct_conn_angle.ptnr3_auth_comp_id 
_pdbx_struct_conn_angle.ptnr3_auth_seq_id 
_pdbx_struct_conn_angle.ptnr3_PDB_ins_code 
_pdbx_struct_conn_angle.ptnr3_symmetry 
_pdbx_struct_conn_angle.value 
_pdbx_struct_conn_angle.value_esd 
1  OE1 ? A GLU 19 ? A GLU 19 ? 1_555 ZN ? C ZN . ? A ZN 201 ? 1_555 OE1 ? A GLU 19 ? A GLU 19 ? 2_775 93.8  ? 
2  OE1 ? A GLU 19 ? A GLU 19 ? 1_555 ZN ? C ZN . ? A ZN 201 ? 1_555 OE2 ? B GLU 19 ? B GLU 19 ? 1_555 116.7 ? 
3  OE1 ? A GLU 19 ? A GLU 19 ? 2_775 ZN ? C ZN . ? A ZN 201 ? 1_555 OE2 ? B GLU 19 ? B GLU 19 ? 1_555 121.1 ? 
4  OE1 ? A GLU 19 ? A GLU 19 ? 1_555 ZN ? C ZN . ? A ZN 201 ? 1_555 OE1 ? B GLU 19 ? B GLU 19 ? 1_555 88.1  ? 
5  OE1 ? A GLU 19 ? A GLU 19 ? 2_775 ZN ? C ZN . ? A ZN 201 ? 1_555 OE1 ? B GLU 19 ? B GLU 19 ? 1_555 81.4  ? 
6  OE2 ? B GLU 19 ? B GLU 19 ? 1_555 ZN ? C ZN . ? A ZN 201 ? 1_555 OE1 ? B GLU 19 ? B GLU 19 ? 1_555 53.2  ? 
7  OE1 ? A GLU 19 ? A GLU 19 ? 1_555 ZN ? C ZN . ? A ZN 201 ? 1_555 OE1 ? B GLU 19 ? B GLU 19 ? 2_775 81.4  ? 
8  OE1 ? A GLU 19 ? A GLU 19 ? 2_775 ZN ? C ZN . ? A ZN 201 ? 1_555 OE1 ? B GLU 19 ? B GLU 19 ? 2_775 88.1  ? 
9  OE2 ? B GLU 19 ? B GLU 19 ? 1_555 ZN ? C ZN . ? A ZN 201 ? 1_555 OE1 ? B GLU 19 ? B GLU 19 ? 2_775 142.0 ? 
10 OE1 ? B GLU 19 ? B GLU 19 ? 1_555 ZN ? C ZN . ? A ZN 201 ? 1_555 OE1 ? B GLU 19 ? B GLU 19 ? 2_775 164.7 ? 
11 OE1 ? A GLU 19 ? A GLU 19 ? 1_555 ZN ? C ZN . ? A ZN 201 ? 1_555 OE2 ? B GLU 19 ? B GLU 19 ? 2_775 121.1 ? 
12 OE1 ? A GLU 19 ? A GLU 19 ? 2_775 ZN ? C ZN . ? A ZN 201 ? 1_555 OE2 ? B GLU 19 ? B GLU 19 ? 2_775 116.7 ? 
13 OE2 ? B GLU 19 ? B GLU 19 ? 1_555 ZN ? C ZN . ? A ZN 201 ? 1_555 OE2 ? B GLU 19 ? B GLU 19 ? 2_775 90.0  ? 
14 OE1 ? B GLU 19 ? B GLU 19 ? 1_555 ZN ? C ZN . ? A ZN 201 ? 1_555 OE2 ? B GLU 19 ? B GLU 19 ? 2_775 142.0 ? 
15 OE1 ? B GLU 19 ? B GLU 19 ? 2_775 ZN ? C ZN . ? A ZN 201 ? 1_555 OE2 ? B GLU 19 ? B GLU 19 ? 2_775 53.2  ? 
# 
loop_
_pdbx_modification_feature.ordinal 
_pdbx_modification_feature.label_comp_id 
_pdbx_modification_feature.label_asym_id 
_pdbx_modification_feature.label_seq_id 
_pdbx_modification_feature.label_alt_id 
_pdbx_modification_feature.modified_residue_label_comp_id 
_pdbx_modification_feature.modified_residue_label_asym_id 
_pdbx_modification_feature.modified_residue_label_seq_id 
_pdbx_modification_feature.modified_residue_label_alt_id 
_pdbx_modification_feature.auth_comp_id 
_pdbx_modification_feature.auth_asym_id 
_pdbx_modification_feature.auth_seq_id 
_pdbx_modification_feature.PDB_ins_code 
_pdbx_modification_feature.symmetry 
_pdbx_modification_feature.modified_residue_auth_comp_id 
_pdbx_modification_feature.modified_residue_auth_asym_id 
_pdbx_modification_feature.modified_residue_auth_seq_id 
_pdbx_modification_feature.modified_residue_PDB_ins_code 
_pdbx_modification_feature.modified_residue_symmetry 
_pdbx_modification_feature.comp_id_linking_atom 
_pdbx_modification_feature.modified_residue_id_linking_atom 
_pdbx_modification_feature.modified_residue_id 
_pdbx_modification_feature.ref_pcm_id 
_pdbx_modification_feature.ref_comp_id 
_pdbx_modification_feature.type 
_pdbx_modification_feature.category 
1 CYS A 3  ? CYS A 20 ? CYS A 3  ? 1_555 CYS A 20 ? 1_555 SG SG . . . None 'Disulfide bridge' 
2 CYS A 10 ? CYS A 22 ? CYS A 10 ? 1_555 CYS A 22 ? 1_555 SG SG . . . None 'Disulfide bridge' 
3 CYS A 16 ? CYS A 28 ? CYS A 16 ? 1_555 CYS A 28 ? 1_555 SG SG . . . None 'Disulfide bridge' 
4 CYS B 3  ? CYS B 20 ? CYS B 3  ? 1_555 CYS B 20 ? 1_555 SG SG . . . None 'Disulfide bridge' 
5 CYS B 10 ? CYS B 22 ? CYS B 10 ? 1_555 CYS B 22 ? 1_555 SG SG . . . None 'Disulfide bridge' 
6 CYS B 16 ? CYS B 28 ? CYS B 16 ? 1_555 CYS B 28 ? 1_555 SG SG . . . None 'Disulfide bridge' 
# 
_struct_sheet.id               A 
_struct_sheet.type             ? 
_struct_sheet.number_strands   2 
_struct_sheet.details          ? 
# 
_struct_sheet_order.sheet_id     A 
_struct_sheet_order.range_id_1   1 
_struct_sheet_order.range_id_2   2 
_struct_sheet_order.offset       ? 
_struct_sheet_order.sense        anti-parallel 
# 
loop_
_struct_sheet_range.sheet_id 
_struct_sheet_range.id 
_struct_sheet_range.beg_label_comp_id 
_struct_sheet_range.beg_label_asym_id 
_struct_sheet_range.beg_label_seq_id 
_struct_sheet_range.pdbx_beg_PDB_ins_code 
_struct_sheet_range.end_label_comp_id 
_struct_sheet_range.end_label_asym_id 
_struct_sheet_range.end_label_seq_id 
_struct_sheet_range.pdbx_end_PDB_ins_code 
_struct_sheet_range.beg_auth_comp_id 
_struct_sheet_range.beg_auth_asym_id 
_struct_sheet_range.beg_auth_seq_id 
_struct_sheet_range.end_auth_comp_id 
_struct_sheet_range.end_auth_asym_id 
_struct_sheet_range.end_auth_seq_id 
A 1 VAL B 21 ? CYS B 22 ? VAL B 21 CYS B 22 
A 2 CYS B 28 ? GLY B 29 ? CYS B 28 GLY B 29 
# 
_pdbx_struct_sheet_hbond.sheet_id                A 
_pdbx_struct_sheet_hbond.range_id_1              1 
_pdbx_struct_sheet_hbond.range_id_2              2 
_pdbx_struct_sheet_hbond.range_1_label_atom_id   N 
_pdbx_struct_sheet_hbond.range_1_label_comp_id   VAL 
_pdbx_struct_sheet_hbond.range_1_label_asym_id   B 
_pdbx_struct_sheet_hbond.range_1_label_seq_id    21 
_pdbx_struct_sheet_hbond.range_1_PDB_ins_code    ? 
_pdbx_struct_sheet_hbond.range_1_auth_atom_id    N 
_pdbx_struct_sheet_hbond.range_1_auth_comp_id    VAL 
_pdbx_struct_sheet_hbond.range_1_auth_asym_id    B 
_pdbx_struct_sheet_hbond.range_1_auth_seq_id     21 
_pdbx_struct_sheet_hbond.range_2_label_atom_id   O 
_pdbx_struct_sheet_hbond.range_2_label_comp_id   GLY 
_pdbx_struct_sheet_hbond.range_2_label_asym_id   B 
_pdbx_struct_sheet_hbond.range_2_label_seq_id    29 
_pdbx_struct_sheet_hbond.range_2_PDB_ins_code    ? 
_pdbx_struct_sheet_hbond.range_2_auth_atom_id    O 
_pdbx_struct_sheet_hbond.range_2_auth_comp_id    GLY 
_pdbx_struct_sheet_hbond.range_2_auth_asym_id    B 
_pdbx_struct_sheet_hbond.range_2_auth_seq_id     29 
# 
loop_
_struct_site.id 
_struct_site.pdbx_evidence_code 
_struct_site.pdbx_auth_asym_id 
_struct_site.pdbx_auth_comp_id 
_struct_site.pdbx_auth_seq_id 
_struct_site.pdbx_auth_ins_code 
_struct_site.pdbx_num_residues 
_struct_site.details 
AC1 Software A ZN  201 ? 4 'BINDING SITE FOR RESIDUE ZN A 201'  
AC2 Software B SO4 205 ? 6 'BINDING SITE FOR RESIDUE SO4 B 205' 
AC3 Software B MRD 204 ? 6 'BINDING SITE FOR RESIDUE MRD B 204' 
AC4 Software A GOL 202 ? 8 'BINDING SITE FOR RESIDUE GOL A 202' 
AC5 Software B GOL 203 ? 4 'BINDING SITE FOR RESIDUE GOL B 203' 
# 
loop_
_struct_site_gen.id 
_struct_site_gen.site_id 
_struct_site_gen.pdbx_num_res 
_struct_site_gen.label_comp_id 
_struct_site_gen.label_asym_id 
_struct_site_gen.label_seq_id 
_struct_site_gen.pdbx_auth_ins_code 
_struct_site_gen.auth_comp_id 
_struct_site_gen.auth_asym_id 
_struct_site_gen.auth_seq_id 
_struct_site_gen.label_atom_id 
_struct_site_gen.label_alt_id 
_struct_site_gen.symmetry 
_struct_site_gen.details 
1  AC1 4 GLU A 19 ? GLU A 19  . ? 1_555 ? 
2  AC1 4 GLU A 19 ? GLU A 19  . ? 2_775 ? 
3  AC1 4 GLU B 19 ? GLU B 19  . ? 1_555 ? 
4  AC1 4 GLU B 19 ? GLU B 19  . ? 2_775 ? 
5  AC2 6 ARG A 1  ? ARG A 1   . ? 1_555 ? 
6  AC2 6 ARG A 1  ? ARG A 1   . ? 2_775 ? 
7  AC2 6 HOH H .  ? HOH A 357 . ? 2_775 ? 
8  AC2 6 GLU B 19 ? GLU B 19  . ? 1_555 ? 
9  AC2 6 HOH I .  ? HOH B 347 . ? 2_775 ? 
10 AC2 6 HOH I .  ? HOH B 347 . ? 1_555 ? 
11 AC3 6 ARG B 5  ? ARG B 5   . ? 1_555 ? 
12 AC3 6 ASP B 15 ? ASP B 15  . ? 1_556 ? 
13 AC3 6 CYS B 28 ? CYS B 28  . ? 1_555 ? 
14 AC3 6 GLY B 29 ? GLY B 29  . ? 1_555 ? 
15 AC3 6 GOL G .  ? GOL B 203 . ? 1_556 ? 
16 AC3 6 HOH I .  ? HOH B 325 . ? 1_556 ? 
17 AC4 8 CYS A 3  ? CYS A 3   . ? 1_555 ? 
18 AC4 8 PRO A 4  ? PRO A 4   . ? 1_555 ? 
19 AC4 8 ARG A 5  ? ARG A 5   . ? 1_555 ? 
20 AC4 8 SER A 14 ? SER A 14  . ? 1_554 ? 
21 AC4 8 ASP A 15 ? ASP A 15  . ? 1_554 ? 
22 AC4 8 CYS A 28 ? CYS A 28  . ? 1_555 ? 
23 AC4 8 HOH H .  ? HOH A 310 . ? 1_555 ? 
24 AC4 8 HOH H .  ? HOH A 368 . ? 1_555 ? 
25 AC5 4 ILE A 6  ? ILE A 6   . ? 4_566 ? 
26 AC5 4 GLU B 9  ? GLU B 9   . ? 1_555 ? 
27 AC5 4 MRD F .  ? MRD B 204 . ? 1_554 ? 
28 AC5 4 HOH I .  ? HOH B 371 . ? 1_555 ? 
# 
_pdbx_entry_details.entry_id                   1LU0 
_pdbx_entry_details.compound_details           ? 
_pdbx_entry_details.source_details             ? 
_pdbx_entry_details.nonpolymer_details         ? 
_pdbx_entry_details.sequence_details           ? 
_pdbx_entry_details.has_ligand_of_interest     ? 
_pdbx_entry_details.has_protein_modification   Y 
# 
loop_
_pdbx_validate_rmsd_angle.id 
_pdbx_validate_rmsd_angle.PDB_model_num 
_pdbx_validate_rmsd_angle.auth_atom_id_1 
_pdbx_validate_rmsd_angle.auth_asym_id_1 
_pdbx_validate_rmsd_angle.auth_comp_id_1 
_pdbx_validate_rmsd_angle.auth_seq_id_1 
_pdbx_validate_rmsd_angle.PDB_ins_code_1 
_pdbx_validate_rmsd_angle.label_alt_id_1 
_pdbx_validate_rmsd_angle.auth_atom_id_2 
_pdbx_validate_rmsd_angle.auth_asym_id_2 
_pdbx_validate_rmsd_angle.auth_comp_id_2 
_pdbx_validate_rmsd_angle.auth_seq_id_2 
_pdbx_validate_rmsd_angle.PDB_ins_code_2 
_pdbx_validate_rmsd_angle.label_alt_id_2 
_pdbx_validate_rmsd_angle.auth_atom_id_3 
_pdbx_validate_rmsd_angle.auth_asym_id_3 
_pdbx_validate_rmsd_angle.auth_comp_id_3 
_pdbx_validate_rmsd_angle.auth_seq_id_3 
_pdbx_validate_rmsd_angle.PDB_ins_code_3 
_pdbx_validate_rmsd_angle.label_alt_id_3 
_pdbx_validate_rmsd_angle.angle_value 
_pdbx_validate_rmsd_angle.angle_target_value 
_pdbx_validate_rmsd_angle.angle_deviation 
_pdbx_validate_rmsd_angle.angle_standard_deviation 
_pdbx_validate_rmsd_angle.linker_flag 
1 1 NH1 A ARG 5  ? A CZ  A ARG 5  ? A NH2 A ARG 5  ? A 111.15 119.40 -8.25 1.10 N 
2 1 NE  A ARG 5  ? B CZ  A ARG 5  ? B NH1 A ARG 5  ? B 115.73 120.30 -4.57 0.50 N 
3 1 NE  A ARG 5  ? A CZ  A ARG 5  ? A NH2 A ARG 5  ? A 126.69 120.30 6.39  0.50 N 
4 1 CB  A LYS 11 ? ? CG  A LYS 11 ? ? CD  A LYS 11 ? ? 127.62 111.60 16.02 2.60 N 
5 1 CG  B TYR 27 ? B CD1 B TYR 27 ? B CE1 B TYR 27 ? B 126.90 121.30 5.60  0.80 N 
# 
loop_
_pdbx_validate_torsion.id 
_pdbx_validate_torsion.PDB_model_num 
_pdbx_validate_torsion.auth_comp_id 
_pdbx_validate_torsion.auth_asym_id 
_pdbx_validate_torsion.auth_seq_id 
_pdbx_validate_torsion.PDB_ins_code 
_pdbx_validate_torsion.label_alt_id 
_pdbx_validate_torsion.phi 
_pdbx_validate_torsion.psi 
1 1 ALA A 18 ? ? 55.06 -128.59 
2 1 ALA B 18 ? ? 52.97 -131.06 
# 
loop_
_pdbx_struct_special_symmetry.id 
_pdbx_struct_special_symmetry.PDB_model_num 
_pdbx_struct_special_symmetry.auth_asym_id 
_pdbx_struct_special_symmetry.auth_comp_id 
_pdbx_struct_special_symmetry.auth_seq_id 
_pdbx_struct_special_symmetry.PDB_ins_code 
_pdbx_struct_special_symmetry.label_asym_id 
_pdbx_struct_special_symmetry.label_comp_id 
_pdbx_struct_special_symmetry.label_seq_id 
1 1 A ZN  201 ? C ZN  . 
2 1 B SO4 205 ? E SO4 . 
# 
loop_
_chem_comp_atom.comp_id 
_chem_comp_atom.atom_id 
_chem_comp_atom.type_symbol 
_chem_comp_atom.pdbx_aromatic_flag 
_chem_comp_atom.pdbx_stereo_config 
_chem_comp_atom.pdbx_ordinal 
ALA N    N  N N 1   
ALA CA   C  N S 2   
ALA C    C  N N 3   
ALA O    O  N N 4   
ALA CB   C  N N 5   
ALA OXT  O  N N 6   
ALA H    H  N N 7   
ALA H2   H  N N 8   
ALA HA   H  N N 9   
ALA HB1  H  N N 10  
ALA HB2  H  N N 11  
ALA HB3  H  N N 12  
ALA HXT  H  N N 13  
ARG N    N  N N 14  
ARG CA   C  N S 15  
ARG C    C  N N 16  
ARG O    O  N N 17  
ARG CB   C  N N 18  
ARG CG   C  N N 19  
ARG CD   C  N N 20  
ARG NE   N  N N 21  
ARG CZ   C  N N 22  
ARG NH1  N  N N 23  
ARG NH2  N  N N 24  
ARG OXT  O  N N 25  
ARG H    H  N N 26  
ARG H2   H  N N 27  
ARG HA   H  N N 28  
ARG HB2  H  N N 29  
ARG HB3  H  N N 30  
ARG HG2  H  N N 31  
ARG HG3  H  N N 32  
ARG HD2  H  N N 33  
ARG HD3  H  N N 34  
ARG HE   H  N N 35  
ARG HH11 H  N N 36  
ARG HH12 H  N N 37  
ARG HH21 H  N N 38  
ARG HH22 H  N N 39  
ARG HXT  H  N N 40  
ASP N    N  N N 41  
ASP CA   C  N S 42  
ASP C    C  N N 43  
ASP O    O  N N 44  
ASP CB   C  N N 45  
ASP CG   C  N N 46  
ASP OD1  O  N N 47  
ASP OD2  O  N N 48  
ASP OXT  O  N N 49  
ASP H    H  N N 50  
ASP H2   H  N N 51  
ASP HA   H  N N 52  
ASP HB2  H  N N 53  
ASP HB3  H  N N 54  
ASP HD2  H  N N 55  
ASP HXT  H  N N 56  
CYS N    N  N N 57  
CYS CA   C  N R 58  
CYS C    C  N N 59  
CYS O    O  N N 60  
CYS CB   C  N N 61  
CYS SG   S  N N 62  
CYS OXT  O  N N 63  
CYS H    H  N N 64  
CYS H2   H  N N 65  
CYS HA   H  N N 66  
CYS HB2  H  N N 67  
CYS HB3  H  N N 68  
CYS HG   H  N N 69  
CYS HXT  H  N N 70  
GLU N    N  N N 71  
GLU CA   C  N S 72  
GLU C    C  N N 73  
GLU O    O  N N 74  
GLU CB   C  N N 75  
GLU CG   C  N N 76  
GLU CD   C  N N 77  
GLU OE1  O  N N 78  
GLU OE2  O  N N 79  
GLU OXT  O  N N 80  
GLU H    H  N N 81  
GLU H2   H  N N 82  
GLU HA   H  N N 83  
GLU HB2  H  N N 84  
GLU HB3  H  N N 85  
GLU HG2  H  N N 86  
GLU HG3  H  N N 87  
GLU HE2  H  N N 88  
GLU HXT  H  N N 89  
GLY N    N  N N 90  
GLY CA   C  N N 91  
GLY C    C  N N 92  
GLY O    O  N N 93  
GLY OXT  O  N N 94  
GLY H    H  N N 95  
GLY H2   H  N N 96  
GLY HA2  H  N N 97  
GLY HA3  H  N N 98  
GLY HXT  H  N N 99  
GOL C1   C  N N 100 
GOL O1   O  N N 101 
GOL C2   C  N N 102 
GOL O2   O  N N 103 
GOL C3   C  N N 104 
GOL O3   O  N N 105 
GOL H11  H  N N 106 
GOL H12  H  N N 107 
GOL HO1  H  N N 108 
GOL H2   H  N N 109 
GOL HO2  H  N N 110 
GOL H31  H  N N 111 
GOL H32  H  N N 112 
GOL HO3  H  N N 113 
HIS N    N  N N 114 
HIS CA   C  N S 115 
HIS C    C  N N 116 
HIS O    O  N N 117 
HIS CB   C  N N 118 
HIS CG   C  Y N 119 
HIS ND1  N  Y N 120 
HIS CD2  C  Y N 121 
HIS CE1  C  Y N 122 
HIS NE2  N  Y N 123 
HIS OXT  O  N N 124 
HIS H    H  N N 125 
HIS H2   H  N N 126 
HIS HA   H  N N 127 
HIS HB2  H  N N 128 
HIS HB3  H  N N 129 
HIS HD1  H  N N 130 
HIS HD2  H  N N 131 
HIS HE1  H  N N 132 
HIS HE2  H  N N 133 
HIS HXT  H  N N 134 
HOH O    O  N N 135 
HOH H1   H  N N 136 
HOH H2   H  N N 137 
ILE N    N  N N 138 
ILE CA   C  N S 139 
ILE C    C  N N 140 
ILE O    O  N N 141 
ILE CB   C  N S 142 
ILE CG1  C  N N 143 
ILE CG2  C  N N 144 
ILE CD1  C  N N 145 
ILE OXT  O  N N 146 
ILE H    H  N N 147 
ILE H2   H  N N 148 
ILE HA   H  N N 149 
ILE HB   H  N N 150 
ILE HG12 H  N N 151 
ILE HG13 H  N N 152 
ILE HG21 H  N N 153 
ILE HG22 H  N N 154 
ILE HG23 H  N N 155 
ILE HD11 H  N N 156 
ILE HD12 H  N N 157 
ILE HD13 H  N N 158 
ILE HXT  H  N N 159 
LEU N    N  N N 160 
LEU CA   C  N S 161 
LEU C    C  N N 162 
LEU O    O  N N 163 
LEU CB   C  N N 164 
LEU CG   C  N N 165 
LEU CD1  C  N N 166 
LEU CD2  C  N N 167 
LEU OXT  O  N N 168 
LEU H    H  N N 169 
LEU H2   H  N N 170 
LEU HA   H  N N 171 
LEU HB2  H  N N 172 
LEU HB3  H  N N 173 
LEU HG   H  N N 174 
LEU HD11 H  N N 175 
LEU HD12 H  N N 176 
LEU HD13 H  N N 177 
LEU HD21 H  N N 178 
LEU HD22 H  N N 179 
LEU HD23 H  N N 180 
LEU HXT  H  N N 181 
LYS N    N  N N 182 
LYS CA   C  N S 183 
LYS C    C  N N 184 
LYS O    O  N N 185 
LYS CB   C  N N 186 
LYS CG   C  N N 187 
LYS CD   C  N N 188 
LYS CE   C  N N 189 
LYS NZ   N  N N 190 
LYS OXT  O  N N 191 
LYS H    H  N N 192 
LYS H2   H  N N 193 
LYS HA   H  N N 194 
LYS HB2  H  N N 195 
LYS HB3  H  N N 196 
LYS HG2  H  N N 197 
LYS HG3  H  N N 198 
LYS HD2  H  N N 199 
LYS HD3  H  N N 200 
LYS HE2  H  N N 201 
LYS HE3  H  N N 202 
LYS HZ1  H  N N 203 
LYS HZ2  H  N N 204 
LYS HZ3  H  N N 205 
LYS HXT  H  N N 206 
MET N    N  N N 207 
MET CA   C  N S 208 
MET C    C  N N 209 
MET O    O  N N 210 
MET CB   C  N N 211 
MET CG   C  N N 212 
MET SD   S  N N 213 
MET CE   C  N N 214 
MET OXT  O  N N 215 
MET H    H  N N 216 
MET H2   H  N N 217 
MET HA   H  N N 218 
MET HB2  H  N N 219 
MET HB3  H  N N 220 
MET HG2  H  N N 221 
MET HG3  H  N N 222 
MET HE1  H  N N 223 
MET HE2  H  N N 224 
MET HE3  H  N N 225 
MET HXT  H  N N 226 
MRD C1   C  N N 227 
MRD C2   C  N N 228 
MRD O2   O  N N 229 
MRD CM   C  N N 230 
MRD C3   C  N N 231 
MRD C4   C  N R 232 
MRD O4   O  N N 233 
MRD C5   C  N N 234 
MRD H1C1 H  N N 235 
MRD H1C2 H  N N 236 
MRD H1C3 H  N N 237 
MRD H2   H  N N 238 
MRD HMC1 H  N N 239 
MRD HMC2 H  N N 240 
MRD HMC3 H  N N 241 
MRD H3C1 H  N N 242 
MRD H3C2 H  N N 243 
MRD H4   H  N N 244 
MRD HA   H  N N 245 
MRD H5C1 H  N N 246 
MRD H5C2 H  N N 247 
MRD H5C3 H  N N 248 
PRO N    N  N N 249 
PRO CA   C  N S 250 
PRO C    C  N N 251 
PRO O    O  N N 252 
PRO CB   C  N N 253 
PRO CG   C  N N 254 
PRO CD   C  N N 255 
PRO OXT  O  N N 256 
PRO H    H  N N 257 
PRO HA   H  N N 258 
PRO HB2  H  N N 259 
PRO HB3  H  N N 260 
PRO HG2  H  N N 261 
PRO HG3  H  N N 262 
PRO HD2  H  N N 263 
PRO HD3  H  N N 264 
PRO HXT  H  N N 265 
SER N    N  N N 266 
SER CA   C  N S 267 
SER C    C  N N 268 
SER O    O  N N 269 
SER CB   C  N N 270 
SER OG   O  N N 271 
SER OXT  O  N N 272 
SER H    H  N N 273 
SER H2   H  N N 274 
SER HA   H  N N 275 
SER HB2  H  N N 276 
SER HB3  H  N N 277 
SER HG   H  N N 278 
SER HXT  H  N N 279 
SO4 S    S  N N 280 
SO4 O1   O  N N 281 
SO4 O2   O  N N 282 
SO4 O3   O  N N 283 
SO4 O4   O  N N 284 
TYR N    N  N N 285 
TYR CA   C  N S 286 
TYR C    C  N N 287 
TYR O    O  N N 288 
TYR CB   C  N N 289 
TYR CG   C  Y N 290 
TYR CD1  C  Y N 291 
TYR CD2  C  Y N 292 
TYR CE1  C  Y N 293 
TYR CE2  C  Y N 294 
TYR CZ   C  Y N 295 
TYR OH   O  N N 296 
TYR OXT  O  N N 297 
TYR H    H  N N 298 
TYR H2   H  N N 299 
TYR HA   H  N N 300 
TYR HB2  H  N N 301 
TYR HB3  H  N N 302 
TYR HD1  H  N N 303 
TYR HD2  H  N N 304 
TYR HE1  H  N N 305 
TYR HE2  H  N N 306 
TYR HH   H  N N 307 
TYR HXT  H  N N 308 
VAL N    N  N N 309 
VAL CA   C  N S 310 
VAL C    C  N N 311 
VAL O    O  N N 312 
VAL CB   C  N N 313 
VAL CG1  C  N N 314 
VAL CG2  C  N N 315 
VAL OXT  O  N N 316 
VAL H    H  N N 317 
VAL H2   H  N N 318 
VAL HA   H  N N 319 
VAL HB   H  N N 320 
VAL HG11 H  N N 321 
VAL HG12 H  N N 322 
VAL HG13 H  N N 323 
VAL HG21 H  N N 324 
VAL HG22 H  N N 325 
VAL HG23 H  N N 326 
VAL HXT  H  N N 327 
ZN  ZN   ZN N N 328 
# 
loop_
_chem_comp_bond.comp_id 
_chem_comp_bond.atom_id_1 
_chem_comp_bond.atom_id_2 
_chem_comp_bond.value_order 
_chem_comp_bond.pdbx_aromatic_flag 
_chem_comp_bond.pdbx_stereo_config 
_chem_comp_bond.pdbx_ordinal 
ALA N   CA   sing N N 1   
ALA N   H    sing N N 2   
ALA N   H2   sing N N 3   
ALA CA  C    sing N N 4   
ALA CA  CB   sing N N 5   
ALA CA  HA   sing N N 6   
ALA C   O    doub N N 7   
ALA C   OXT  sing N N 8   
ALA CB  HB1  sing N N 9   
ALA CB  HB2  sing N N 10  
ALA CB  HB3  sing N N 11  
ALA OXT HXT  sing N N 12  
ARG N   CA   sing N N 13  
ARG N   H    sing N N 14  
ARG N   H2   sing N N 15  
ARG CA  C    sing N N 16  
ARG CA  CB   sing N N 17  
ARG CA  HA   sing N N 18  
ARG C   O    doub N N 19  
ARG C   OXT  sing N N 20  
ARG CB  CG   sing N N 21  
ARG CB  HB2  sing N N 22  
ARG CB  HB3  sing N N 23  
ARG CG  CD   sing N N 24  
ARG CG  HG2  sing N N 25  
ARG CG  HG3  sing N N 26  
ARG CD  NE   sing N N 27  
ARG CD  HD2  sing N N 28  
ARG CD  HD3  sing N N 29  
ARG NE  CZ   sing N N 30  
ARG NE  HE   sing N N 31  
ARG CZ  NH1  sing N N 32  
ARG CZ  NH2  doub N N 33  
ARG NH1 HH11 sing N N 34  
ARG NH1 HH12 sing N N 35  
ARG NH2 HH21 sing N N 36  
ARG NH2 HH22 sing N N 37  
ARG OXT HXT  sing N N 38  
ASP N   CA   sing N N 39  
ASP N   H    sing N N 40  
ASP N   H2   sing N N 41  
ASP CA  C    sing N N 42  
ASP CA  CB   sing N N 43  
ASP CA  HA   sing N N 44  
ASP C   O    doub N N 45  
ASP C   OXT  sing N N 46  
ASP CB  CG   sing N N 47  
ASP CB  HB2  sing N N 48  
ASP CB  HB3  sing N N 49  
ASP CG  OD1  doub N N 50  
ASP CG  OD2  sing N N 51  
ASP OD2 HD2  sing N N 52  
ASP OXT HXT  sing N N 53  
CYS N   CA   sing N N 54  
CYS N   H    sing N N 55  
CYS N   H2   sing N N 56  
CYS CA  C    sing N N 57  
CYS CA  CB   sing N N 58  
CYS CA  HA   sing N N 59  
CYS C   O    doub N N 60  
CYS C   OXT  sing N N 61  
CYS CB  SG   sing N N 62  
CYS CB  HB2  sing N N 63  
CYS CB  HB3  sing N N 64  
CYS SG  HG   sing N N 65  
CYS OXT HXT  sing N N 66  
GLU N   CA   sing N N 67  
GLU N   H    sing N N 68  
GLU N   H2   sing N N 69  
GLU CA  C    sing N N 70  
GLU CA  CB   sing N N 71  
GLU CA  HA   sing N N 72  
GLU C   O    doub N N 73  
GLU C   OXT  sing N N 74  
GLU CB  CG   sing N N 75  
GLU CB  HB2  sing N N 76  
GLU CB  HB3  sing N N 77  
GLU CG  CD   sing N N 78  
GLU CG  HG2  sing N N 79  
GLU CG  HG3  sing N N 80  
GLU CD  OE1  doub N N 81  
GLU CD  OE2  sing N N 82  
GLU OE2 HE2  sing N N 83  
GLU OXT HXT  sing N N 84  
GLY N   CA   sing N N 85  
GLY N   H    sing N N 86  
GLY N   H2   sing N N 87  
GLY CA  C    sing N N 88  
GLY CA  HA2  sing N N 89  
GLY CA  HA3  sing N N 90  
GLY C   O    doub N N 91  
GLY C   OXT  sing N N 92  
GLY OXT HXT  sing N N 93  
GOL C1  O1   sing N N 94  
GOL C1  C2   sing N N 95  
GOL C1  H11  sing N N 96  
GOL C1  H12  sing N N 97  
GOL O1  HO1  sing N N 98  
GOL C2  O2   sing N N 99  
GOL C2  C3   sing N N 100 
GOL C2  H2   sing N N 101 
GOL O2  HO2  sing N N 102 
GOL C3  O3   sing N N 103 
GOL C3  H31  sing N N 104 
GOL C3  H32  sing N N 105 
GOL O3  HO3  sing N N 106 
HIS N   CA   sing N N 107 
HIS N   H    sing N N 108 
HIS N   H2   sing N N 109 
HIS CA  C    sing N N 110 
HIS CA  CB   sing N N 111 
HIS CA  HA   sing N N 112 
HIS C   O    doub N N 113 
HIS C   OXT  sing N N 114 
HIS CB  CG   sing N N 115 
HIS CB  HB2  sing N N 116 
HIS CB  HB3  sing N N 117 
HIS CG  ND1  sing Y N 118 
HIS CG  CD2  doub Y N 119 
HIS ND1 CE1  doub Y N 120 
HIS ND1 HD1  sing N N 121 
HIS CD2 NE2  sing Y N 122 
HIS CD2 HD2  sing N N 123 
HIS CE1 NE2  sing Y N 124 
HIS CE1 HE1  sing N N 125 
HIS NE2 HE2  sing N N 126 
HIS OXT HXT  sing N N 127 
HOH O   H1   sing N N 128 
HOH O   H2   sing N N 129 
ILE N   CA   sing N N 130 
ILE N   H    sing N N 131 
ILE N   H2   sing N N 132 
ILE CA  C    sing N N 133 
ILE CA  CB   sing N N 134 
ILE CA  HA   sing N N 135 
ILE C   O    doub N N 136 
ILE C   OXT  sing N N 137 
ILE CB  CG1  sing N N 138 
ILE CB  CG2  sing N N 139 
ILE CB  HB   sing N N 140 
ILE CG1 CD1  sing N N 141 
ILE CG1 HG12 sing N N 142 
ILE CG1 HG13 sing N N 143 
ILE CG2 HG21 sing N N 144 
ILE CG2 HG22 sing N N 145 
ILE CG2 HG23 sing N N 146 
ILE CD1 HD11 sing N N 147 
ILE CD1 HD12 sing N N 148 
ILE CD1 HD13 sing N N 149 
ILE OXT HXT  sing N N 150 
LEU N   CA   sing N N 151 
LEU N   H    sing N N 152 
LEU N   H2   sing N N 153 
LEU CA  C    sing N N 154 
LEU CA  CB   sing N N 155 
LEU CA  HA   sing N N 156 
LEU C   O    doub N N 157 
LEU C   OXT  sing N N 158 
LEU CB  CG   sing N N 159 
LEU CB  HB2  sing N N 160 
LEU CB  HB3  sing N N 161 
LEU CG  CD1  sing N N 162 
LEU CG  CD2  sing N N 163 
LEU CG  HG   sing N N 164 
LEU CD1 HD11 sing N N 165 
LEU CD1 HD12 sing N N 166 
LEU CD1 HD13 sing N N 167 
LEU CD2 HD21 sing N N 168 
LEU CD2 HD22 sing N N 169 
LEU CD2 HD23 sing N N 170 
LEU OXT HXT  sing N N 171 
LYS N   CA   sing N N 172 
LYS N   H    sing N N 173 
LYS N   H2   sing N N 174 
LYS CA  C    sing N N 175 
LYS CA  CB   sing N N 176 
LYS CA  HA   sing N N 177 
LYS C   O    doub N N 178 
LYS C   OXT  sing N N 179 
LYS CB  CG   sing N N 180 
LYS CB  HB2  sing N N 181 
LYS CB  HB3  sing N N 182 
LYS CG  CD   sing N N 183 
LYS CG  HG2  sing N N 184 
LYS CG  HG3  sing N N 185 
LYS CD  CE   sing N N 186 
LYS CD  HD2  sing N N 187 
LYS CD  HD3  sing N N 188 
LYS CE  NZ   sing N N 189 
LYS CE  HE2  sing N N 190 
LYS CE  HE3  sing N N 191 
LYS NZ  HZ1  sing N N 192 
LYS NZ  HZ2  sing N N 193 
LYS NZ  HZ3  sing N N 194 
LYS OXT HXT  sing N N 195 
MET N   CA   sing N N 196 
MET N   H    sing N N 197 
MET N   H2   sing N N 198 
MET CA  C    sing N N 199 
MET CA  CB   sing N N 200 
MET CA  HA   sing N N 201 
MET C   O    doub N N 202 
MET C   OXT  sing N N 203 
MET CB  CG   sing N N 204 
MET CB  HB2  sing N N 205 
MET CB  HB3  sing N N 206 
MET CG  SD   sing N N 207 
MET CG  HG2  sing N N 208 
MET CG  HG3  sing N N 209 
MET SD  CE   sing N N 210 
MET CE  HE1  sing N N 211 
MET CE  HE2  sing N N 212 
MET CE  HE3  sing N N 213 
MET OXT HXT  sing N N 214 
MRD C1  C2   sing N N 215 
MRD C1  H1C1 sing N N 216 
MRD C1  H1C2 sing N N 217 
MRD C1  H1C3 sing N N 218 
MRD C2  O2   sing N N 219 
MRD C2  CM   sing N N 220 
MRD C2  C3   sing N N 221 
MRD O2  H2   sing N N 222 
MRD CM  HMC1 sing N N 223 
MRD CM  HMC2 sing N N 224 
MRD CM  HMC3 sing N N 225 
MRD C3  C4   sing N N 226 
MRD C3  H3C1 sing N N 227 
MRD C3  H3C2 sing N N 228 
MRD C4  O4   sing N N 229 
MRD C4  C5   sing N N 230 
MRD C4  H4   sing N N 231 
MRD O4  HA   sing N N 232 
MRD C5  H5C1 sing N N 233 
MRD C5  H5C2 sing N N 234 
MRD C5  H5C3 sing N N 235 
PRO N   CA   sing N N 236 
PRO N   CD   sing N N 237 
PRO N   H    sing N N 238 
PRO CA  C    sing N N 239 
PRO CA  CB   sing N N 240 
PRO CA  HA   sing N N 241 
PRO C   O    doub N N 242 
PRO C   OXT  sing N N 243 
PRO CB  CG   sing N N 244 
PRO CB  HB2  sing N N 245 
PRO CB  HB3  sing N N 246 
PRO CG  CD   sing N N 247 
PRO CG  HG2  sing N N 248 
PRO CG  HG3  sing N N 249 
PRO CD  HD2  sing N N 250 
PRO CD  HD3  sing N N 251 
PRO OXT HXT  sing N N 252 
SER N   CA   sing N N 253 
SER N   H    sing N N 254 
SER N   H2   sing N N 255 
SER CA  C    sing N N 256 
SER CA  CB   sing N N 257 
SER CA  HA   sing N N 258 
SER C   O    doub N N 259 
SER C   OXT  sing N N 260 
SER CB  OG   sing N N 261 
SER CB  HB2  sing N N 262 
SER CB  HB3  sing N N 263 
SER OG  HG   sing N N 264 
SER OXT HXT  sing N N 265 
SO4 S   O1   doub N N 266 
SO4 S   O2   doub N N 267 
SO4 S   O3   sing N N 268 
SO4 S   O4   sing N N 269 
TYR N   CA   sing N N 270 
TYR N   H    sing N N 271 
TYR N   H2   sing N N 272 
TYR CA  C    sing N N 273 
TYR CA  CB   sing N N 274 
TYR CA  HA   sing N N 275 
TYR C   O    doub N N 276 
TYR C   OXT  sing N N 277 
TYR CB  CG   sing N N 278 
TYR CB  HB2  sing N N 279 
TYR CB  HB3  sing N N 280 
TYR CG  CD1  doub Y N 281 
TYR CG  CD2  sing Y N 282 
TYR CD1 CE1  sing Y N 283 
TYR CD1 HD1  sing N N 284 
TYR CD2 CE2  doub Y N 285 
TYR CD2 HD2  sing N N 286 
TYR CE1 CZ   doub Y N 287 
TYR CE1 HE1  sing N N 288 
TYR CE2 CZ   sing Y N 289 
TYR CE2 HE2  sing N N 290 
TYR CZ  OH   sing N N 291 
TYR OH  HH   sing N N 292 
TYR OXT HXT  sing N N 293 
VAL N   CA   sing N N 294 
VAL N   H    sing N N 295 
VAL N   H2   sing N N 296 
VAL CA  C    sing N N 297 
VAL CA  CB   sing N N 298 
VAL CA  HA   sing N N 299 
VAL C   O    doub N N 300 
VAL C   OXT  sing N N 301 
VAL CB  CG1  sing N N 302 
VAL CB  CG2  sing N N 303 
VAL CB  HB   sing N N 304 
VAL CG1 HG11 sing N N 305 
VAL CG1 HG12 sing N N 306 
VAL CG1 HG13 sing N N 307 
VAL CG2 HG21 sing N N 308 
VAL CG2 HG22 sing N N 309 
VAL CG2 HG23 sing N N 310 
VAL OXT HXT  sing N N 311 
# 
_atom_sites.entry_id                    1LU0 
_atom_sites.fract_transf_matrix[1][1]   -0.01276757 
_atom_sites.fract_transf_matrix[1][2]   0.01534785 
_atom_sites.fract_transf_matrix[1][3]   -0.00698551 
_atom_sites.fract_transf_matrix[2][1]   0.00251578 
_atom_sites.fract_transf_matrix[2][2]   0.00867725 
_atom_sites.fract_transf_matrix[2][3]   0.01446663 
_atom_sites.fract_transf_matrix[3][1]   0.04055366 
_atom_sites.fract_transf_matrix[3][2]   0.02397948 
_atom_sites.fract_transf_matrix[3][3]   -0.02143555 
_atom_sites.fract_transf_vector[1]      1.009898 
_atom_sites.fract_transf_vector[2]      0.873810 
_atom_sites.fract_transf_vector[3]      0.750043 
# 
loop_
_atom_type.symbol 
C  
N  
O  
S  
ZN 
# 
loop_
_atom_site.group_PDB 
_atom_site.id 
_atom_site.type_symbol 
_atom_site.label_atom_id 
_atom_site.label_alt_id 
_atom_site.label_comp_id 
_atom_site.label_asym_id 
_atom_site.label_entity_id 
_atom_site.label_seq_id 
_atom_site.pdbx_PDB_ins_code 
_atom_site.Cartn_x 
_atom_site.Cartn_y 
_atom_site.Cartn_z 
_atom_site.occupancy 
_atom_site.B_iso_or_equiv 
_atom_site.pdbx_formal_charge 
_atom_site.auth_seq_id 
_atom_site.auth_comp_id 
_atom_site.auth_asym_id 
_atom_site.auth_atom_id 
_atom_site.pdbx_PDB_model_num 
ATOM   1   N  N   . ARG A 1 1  ? -0.980  -1.571  8.621   1.00 18.79 ? 1   ARG A N   1 
ATOM   2   C  CA  . ARG A 1 1  ? 0.197   -1.598  7.783   1.00 13.68 ? 1   ARG A CA  1 
ATOM   3   C  C   . ARG A 1 1  ? -0.208  -2.153  6.434   1.00 14.06 ? 1   ARG A C   1 
ATOM   4   O  O   . ARG A 1 1  ? -1.023  -3.134  6.470   1.00 20.94 ? 1   ARG A O   1 
ATOM   5   C  CB  . ARG A 1 1  ? 1.281   -2.447  8.421   1.00 12.54 ? 1   ARG A CB  1 
ATOM   6   C  CG  . ARG A 1 1  ? 2.626   -2.420  7.708   1.00 11.14 ? 1   ARG A CG  1 
ATOM   7   C  CD  . ARG A 1 1  ? 3.707   -3.114  8.505   1.00 10.86 ? 1   ARG A CD  1 
ATOM   8   N  NE  . ARG A 1 1  ? 3.535   -4.488  8.745   1.00 11.46 ? 1   ARG A NE  1 
ATOM   9   C  CZ  . ARG A 1 1  ? 4.104   -5.514  8.102   1.00 11.51 ? 1   ARG A CZ  1 
ATOM   10  N  NH1 . ARG A 1 1  ? 4.921   -5.300  7.069   1.00 10.65 ? 1   ARG A NH1 1 
ATOM   11  N  NH2 . ARG A 1 1  ? 3.862   -6.720  8.452   1.00 14.90 ? 1   ARG A NH2 1 
ATOM   12  N  N   . VAL A 1 2  ? 0.248   -1.627  5.365   1.00 12.14 ? 2   VAL A N   1 
ATOM   13  C  CA  . VAL A 1 2  ? -0.079  -2.008  3.978   1.00 12.10 ? 2   VAL A CA  1 
ATOM   14  C  C   . VAL A 1 2  ? 1.106   -2.763  3.374   1.00 11.29 ? 2   VAL A C   1 
ATOM   15  O  O   . VAL A 1 2  ? 2.089   -2.176  3.040   1.00 11.78 ? 2   VAL A O   1 
ATOM   16  C  CB  . VAL A 1 2  ? -0.508  -0.862  3.097   1.00 16.32 ? 2   VAL A CB  1 
ATOM   17  C  CG1 . VAL A 1 2  ? -0.958  -1.513  1.744   1.00 19.58 ? 2   VAL A CG1 1 
ATOM   18  C  CG2 . VAL A 1 2  ? -1.648  -0.042  3.659   1.00 23.30 ? 2   VAL A CG2 1 
ATOM   19  N  N   . CYS A 1 3  ? 0.929   -4.063  3.264   1.00 12.63 ? 3   CYS A N   1 
ATOM   20  C  CA  . CYS A 1 3  ? 1.940   -4.917  2.698   1.00 13.08 ? 3   CYS A CA  1 
ATOM   21  C  C   . CYS A 1 3  ? 1.289   -5.859  1.730   1.00 11.80 ? 3   CYS A C   1 
ATOM   22  O  O   . CYS A 1 3  ? 0.519   -6.724  2.152   1.00 14.07 ? 3   CYS A O   1 
ATOM   23  C  CB  . CYS A 1 3  ? 2.682   -5.638  3.764   1.00 14.23 ? 3   CYS A CB  1 
ATOM   24  S  SG  . CYS A 1 3  ? 3.810   -6.951  3.265   1.00 13.52 ? 3   CYS A SG  1 
ATOM   25  N  N   . PRO A 1 4  ? 1.455   -5.675  0.445   1.00 11.43 ? 4   PRO A N   1 
ATOM   26  C  CA  . PRO A 1 4  ? 0.754   -6.551  -0.511  1.00 12.01 ? 4   PRO A CA  1 
ATOM   27  C  C   . PRO A 1 4  ? 1.052   -7.995  -0.371  1.00 10.27 ? 4   PRO A C   1 
ATOM   28  O  O   . PRO A 1 4  ? 2.179   -8.397  0.038   1.00 11.03 ? 4   PRO A O   1 
ATOM   29  C  CB  . PRO A 1 4  ? 1.198   -5.952  -1.821  1.00 15.38 ? 4   PRO A CB  1 
ATOM   30  C  CG  . PRO A 1 4  ? 2.130   -4.936  -1.590  1.00 22.20 ? 4   PRO A CG  1 
ATOM   31  C  CD  . PRO A 1 4  ? 2.240   -4.639  -0.215  1.00 12.59 ? 4   PRO A CD  1 
ATOM   32  N  N   . ARG A 1 5  ? 0.104   -8.819  -0.723  1.00 11.10 ? 5   ARG A N   1 
ATOM   33  C  CA  A ARG A 1 5  ? 0.240   -10.257 -0.657  0.69 10.84 ? 5   ARG A CA  1 
ATOM   34  C  CA  B ARG A 1 5  ? 0.250   -10.325 -0.759  0.31 11.21 ? 5   ARG A CA  1 
ATOM   35  C  C   . ARG A 1 5  ? 0.912   -10.706 -1.978  1.00 10.45 ? 5   ARG A C   1 
ATOM   36  O  O   . ARG A 1 5  ? 0.303   -11.340 -2.857  1.00 12.68 ? 5   ARG A O   1 
ATOM   37  C  CB  A ARG A 1 5  ? -1.068  -10.966 -0.412  0.69 12.66 ? 5   ARG A CB  1 
ATOM   38  C  CB  B ARG A 1 5  ? -1.197  -10.850 -0.710  0.31 11.22 ? 5   ARG A CB  1 
ATOM   39  C  CG  A ARG A 1 5  ? -1.858  -10.496 0.815   0.69 12.80 ? 5   ARG A CG  1 
ATOM   40  C  CG  B ARG A 1 5  ? -1.864  -10.437 0.594   0.31 12.92 ? 5   ARG A CG  1 
ATOM   41  C  CD  A ARG A 1 5  ? -3.228  -11.210 0.906   0.69 14.97 ? 5   ARG A CD  1 
ATOM   42  C  CD  B ARG A 1 5  ? -1.075  -10.873 1.802   0.31 12.08 ? 5   ARG A CD  1 
ATOM   43  N  NE  A ARG A 1 5  ? -4.079  -10.713 1.969   0.69 14.49 ? 5   ARG A NE  1 
ATOM   44  N  NE  B ARG A 1 5  ? -0.791  -12.346 1.820   0.31 13.75 ? 5   ARG A NE  1 
ATOM   45  C  CZ  A ARG A 1 5  ? -4.022  -10.966 3.202   0.69 14.23 ? 5   ARG A CZ  1 
ATOM   46  C  CZ  B ARG A 1 5  ? -0.055  -12.861 2.806   0.31 11.56 ? 5   ARG A CZ  1 
ATOM   47  N  NH1 A ARG A 1 5  ? -3.138  -11.787 3.703   0.69 22.91 ? 5   ARG A NH1 1 
ATOM   48  N  NH1 B ARG A 1 5  ? 0.412   -11.978 3.711   0.31 13.54 ? 5   ARG A NH1 1 
ATOM   49  N  NH2 A ARG A 1 5  ? -4.816  -10.446 4.175   0.69 20.16 ? 5   ARG A NH2 1 
ATOM   50  N  NH2 B ARG A 1 5  ? 0.230   -14.153 2.878   0.31 12.80 ? 5   ARG A NH2 1 
ATOM   51  N  N   . ILE A 1 6  ? 2.186   -10.399 -2.077  1.00 10.85 ? 6   ILE A N   1 
ATOM   52  C  CA  . ILE A 1 6  ? 3.036   -10.738 -3.224  1.00 10.89 ? 6   ILE A CA  1 
ATOM   53  C  C   . ILE A 1 6  ? 4.268   -11.383 -2.713  1.00 11.18 ? 6   ILE A C   1 
ATOM   54  O  O   . ILE A 1 6  ? 4.922   -10.912 -1.785  1.00 13.23 ? 6   ILE A O   1 
ATOM   55  C  CB  . ILE A 1 6  ? 3.325   -9.485  -4.076  1.00 12.48 ? 6   ILE A CB  1 
ATOM   56  C  CG1 . ILE A 1 6  ? 2.048   -8.823  -4.604  1.00 13.90 ? 6   ILE A CG1 1 
ATOM   57  C  CG2 . ILE A 1 6  ? 4.304   -9.829  -5.188  1.00 14.96 ? 6   ILE A CG2 1 
ATOM   58  C  CD1 . ILE A 1 6  ? 2.173   -7.461  -5.279  1.00 18.33 ? 6   ILE A CD1 1 
ATOM   59  N  N   . LEU A 1 7  ? 4.616   -12.559 -3.308  1.00 10.65 ? 7   LEU A N   1 
ATOM   60  C  CA  . LEU A 1 7  ? 5.761   -13.321 -2.878  1.00 10.90 ? 7   LEU A CA  1 
ATOM   61  C  C   . LEU A 1 7  ? 7.011   -12.645 -3.426  1.00 10.56 ? 7   LEU A C   1 
ATOM   62  O  O   . LEU A 1 7  ? 7.252   -12.646 -4.639  1.00 11.43 ? 7   LEU A O   1 
ATOM   63  C  CB  . LEU A 1 7  ? 5.620   -14.751 -3.465  1.00 12.17 ? 7   LEU A CB  1 
ATOM   64  C  CG  . LEU A 1 7  ? 6.717   -15.704 -3.081  1.00 13.29 ? 7   LEU A CG  1 
ATOM   65  C  CD1 . LEU A 1 7  ? 6.673   -16.019 -1.602  1.00 16.24 ? 7   LEU A CD1 1 
ATOM   66  C  CD2 . LEU A 1 7  ? 6.599   -17.007 -3.906  1.00 15.21 ? 7   LEU A CD2 1 
ATOM   67  N  N   . LEU A 1 8  ? 7.876   -12.130 -2.547  1.00 9.86  ? 8   LEU A N   1 
ATOM   68  C  CA  . LEU A 1 8  ? 9.068   -11.460 -2.929  1.00 9.98  ? 8   LEU A CA  1 
ATOM   69  C  C   . LEU A 1 8  ? 10.187  -11.814 -1.953  1.00 10.78 ? 8   LEU A C   1 
ATOM   70  O  O   . LEU A 1 8  ? 9.989   -11.781 -0.701  1.00 11.64 ? 8   LEU A O   1 
ATOM   71  C  CB  . LEU A 1 8  ? 8.914   -9.932  -2.951  1.00 11.81 ? 8   LEU A CB  1 
ATOM   72  C  CG  . LEU A 1 8  ? 8.121   -9.389  -4.094  1.00 13.69 ? 8   LEU A CG  1 
ATOM   73  C  CD1 . LEU A 1 8  ? 7.977   -7.839  -3.995  1.00 18.73 ? 8   LEU A CD1 1 
ATOM   74  C  CD2 . LEU A 1 8  ? 8.782   -9.685  -5.465  1.00 15.64 ? 8   LEU A CD2 1 
ATOM   75  N  N   . GLU A 1 9  ? 11.325  -12.160 -2.484  1.00 11.21 ? 9   GLU A N   1 
ATOM   76  C  CA  . GLU A 1 9  ? 12.536  -12.320 -1.721  1.00 11.77 ? 9   GLU A CA  1 
ATOM   77  C  C   . GLU A 1 9  ? 13.202  -11.010 -1.481  1.00 11.60 ? 9   GLU A C   1 
ATOM   78  O  O   . GLU A 1 9  ? 12.964  -9.983  -2.180  1.00 12.62 ? 9   GLU A O   1 
ATOM   79  C  CB  . GLU A 1 9  ? 13.508  -13.290 -2.496  1.00 12.79 ? 9   GLU A CB  1 
ATOM   80  C  CG  . GLU A 1 9  ? 12.920  -14.722 -2.511  1.00 14.31 ? 9   GLU A CG  1 
ATOM   81  C  CD  . GLU A 1 9  ? 13.848  -15.661 -3.276  1.00 15.91 ? 9   GLU A CD  1 
ATOM   82  O  OE1 . GLU A 1 9  ? 13.452  -16.167 -4.322  1.00 16.71 ? 9   GLU A OE1 1 
ATOM   83  O  OE2 . GLU A 1 9  ? 14.981  -15.836 -2.832  1.00 24.15 ? 9   GLU A OE2 1 
ATOM   84  N  N   . CYS A 1 10 ? 14.117  -10.937 -0.540  1.00 11.42 ? 10  CYS A N   1 
ATOM   85  C  CA  . CYS A 1 10 ? 14.711  -9.767  -0.181  1.00 11.75 ? 10  CYS A CA  1 
ATOM   86  C  C   . CYS A 1 10 ? 16.048  -10.003 0.645   1.00 12.52 ? 10  CYS A C   1 
ATOM   87  O  O   . CYS A 1 10 ? 16.197  -11.002 1.274   1.00 15.62 ? 10  CYS A O   1 
ATOM   88  C  CB  . CYS A 1 10 ? 13.818  -8.900  0.732   1.00 10.88 ? 10  CYS A CB  1 
ATOM   89  S  SG  . CYS A 1 10 ? 13.230  -9.733  2.198   1.00 12.08 ? 10  CYS A SG  1 
ATOM   90  N  N   . LYS A 1 11 ? 16.912  -8.984  0.455   1.00 14.21 ? 11  LYS A N   1 
ATOM   91  C  CA  . LYS A 1 11 ? 18.090  -8.950  1.271   1.00 15.40 ? 11  LYS A CA  1 
ATOM   92  C  C   . LYS A 1 11 ? 17.959  -7.795  2.262   1.00 16.30 ? 11  LYS A C   1 
ATOM   93  O  O   . LYS A 1 11 ? 18.519  -7.739  3.327   1.00 20.05 ? 11  LYS A O   1 
ATOM   94  C  CB  . LYS A 1 11 ? 19.400  -8.823  0.530   1.00 25.57 ? 11  LYS A CB  1 
ATOM   95  C  CG  . LYS A 1 11 ? 19.720  -9.868  -0.521  1.00 35.60 ? 11  LYS A CG  1 
ATOM   96  C  CD  . LYS A 1 11 ? 20.080  -11.291 -0.303  1.00 51.97 ? 11  LYS A CD  1 
ATOM   97  C  CE  . LYS A 1 11 ? 21.389  -11.726 0.335   1.00 64.91 ? 11  LYS A CE  1 
ATOM   98  N  NZ  . LYS A 1 11 ? 22.647  -11.435 -0.384  1.00 74.95 ? 11  LYS A NZ  1 
ATOM   99  N  N   . LYS A 1 12 ? 17.231  -6.697  1.966   1.00 15.69 ? 12  LYS A N   1 
ATOM   100 C  CA  . LYS A 1 12 ? 17.030  -5.486  2.713   1.00 15.82 ? 12  LYS A CA  1 
ATOM   101 C  C   . LYS A 1 12 ? 15.581  -5.082  2.610   1.00 12.87 ? 12  LYS A C   1 
ATOM   102 O  O   . LYS A 1 12 ? 14.907  -5.420  1.660   1.00 11.82 ? 12  LYS A O   1 
ATOM   103 C  CB  . LYS A 1 12 ? 17.947  -4.325  2.241   1.00 18.87 ? 12  LYS A CB  1 
ATOM   104 C  CG  . LYS A 1 12 ? 19.396  -4.560  1.959   1.00 26.84 ? 12  LYS A CG  1 
ATOM   105 C  CD  . LYS A 1 12 ? 20.226  -4.602  3.169   1.00 37.95 ? 12  LYS A CD  1 
ATOM   106 C  CE  . LYS A 1 12 ? 21.712  -4.914  2.976   1.00 49.20 ? 12  LYS A CE  1 
ATOM   107 N  NZ  . LYS A 1 12 ? 22.215  -4.542  1.608   1.00 68.18 ? 12  LYS A NZ  1 
ATOM   108 N  N   . ASP A 1 13 ? 15.146  -4.226  3.485   1.00 12.94 ? 13  ASP A N   1 
ATOM   109 C  CA  . ASP A 1 13 ? 13.741  -3.712  3.419   1.00 11.94 ? 13  ASP A CA  1 
ATOM   110 C  C   . ASP A 1 13 ? 13.413  -3.002  2.108   1.00 11.68 ? 13  ASP A C   1 
ATOM   111 O  O   . ASP A 1 13 ? 12.306  -3.065  1.600   1.00 11.54 ? 13  ASP A O   1 
ATOM   112 C  CB  . ASP A 1 13 ? 13.393  -2.755  4.570   1.00 13.11 ? 13  ASP A CB  1 
ATOM   113 C  CG  . ASP A 1 13 ? 13.343  -3.387  5.934   1.00 13.89 ? 13  ASP A CG  1 
ATOM   114 O  OD1 . ASP A 1 13 ? 13.291  -2.618  6.904   1.00 16.07 ? 13  ASP A OD1 1 
ATOM   115 O  OD2 . ASP A 1 13 ? 13.354  -4.600  6.056   1.00 12.92 ? 13  ASP A OD2 1 
ATOM   116 N  N   . SER A 1 14 ? 14.420  -2.342  1.517   1.00 12.77 ? 14  SER A N   1 
ATOM   117 C  CA  . SER A 1 14 ? 14.306  -1.691  0.297   1.00 13.15 ? 14  SER A CA  1 
ATOM   118 C  C   . SER A 1 14 ? 13.916  -2.587  -0.883  1.00 11.48 ? 14  SER A C   1 
ATOM   119 O  O   . SER A 1 14 ? 13.375  -2.087  -1.885  1.00 14.20 ? 14  SER A O   1 
ATOM   120 C  CB  . SER A 1 14 ? 15.561  -0.886  -0.067  1.00 18.35 ? 14  SER A CB  1 
ATOM   121 O  OG  . SER A 1 14 ? 16.586  -1.812  -0.216  1.00 23.00 ? 14  SER A OG  1 
ATOM   122 N  N   . ASP A 1 15 ? 14.118  -3.890  -0.774  1.00 11.22 ? 15  ASP A N   1 
ATOM   123 C  CA  . ASP A 1 15 ? 13.704  -4.826  -1.751  1.00 11.58 ? 15  ASP A CA  1 
ATOM   124 C  C   . ASP A 1 15 ? 12.200  -5.094  -1.772  1.00 10.35 ? 15  ASP A C   1 
ATOM   125 O  O   . ASP A 1 15 ? 11.666  -5.693  -2.662  1.00 13.11 ? 15  ASP A O   1 
ATOM   126 C  CB  . ASP A 1 15 ? 14.408  -6.166  -1.604  1.00 12.92 ? 15  ASP A CB  1 
ATOM   127 C  CG  . ASP A 1 15 ? 15.884  -6.092  -1.949  1.00 17.56 ? 15  ASP A CG  1 
ATOM   128 O  OD1 . ASP A 1 15 ? 16.659  -6.787  -1.189  1.00 17.58 ? 15  ASP A OD1 1 
ATOM   129 O  OD2 . ASP A 1 15 ? 16.220  -5.421  -2.940  1.00 21.15 ? 15  ASP A OD2 1 
ATOM   130 N  N   . CYS A 1 16 ? 11.514  -4.603  -0.723  1.00 9.37  ? 16  CYS A N   1 
ATOM   131 C  CA  . CYS A 1 16 ? 10.140  -4.916  -0.551  1.00 8.59  ? 16  CYS A CA  1 
ATOM   132 C  C   . CYS A 1 16 ? 9.249   -3.761  -1.045  1.00 8.89  ? 16  CYS A C   1 
ATOM   133 O  O   . CYS A 1 16 ? 9.709   -2.646  -1.203  1.00 11.34 ? 16  CYS A O   1 
ATOM   134 C  CB  . CYS A 1 16 ? 9.882   -5.269  0.919   1.00 9.54  ? 16  CYS A CB  1 
ATOM   135 S  SG  . CYS A 1 16 ? 10.797  -6.702  1.505   1.00 10.49 ? 16  CYS A SG  1 
ATOM   136 N  N   . LEU A 1 17 ? 7.978   -4.068  -1.251  1.00 8.99  ? 17  LEU A N   1 
ATOM   137 C  CA  . LEU A 1 17 ? 6.969   -3.107  -1.676  1.00 9.34  ? 17  LEU A CA  1 
ATOM   138 C  C   . LEU A 1 17 ? 6.262   -2.506  -0.481  1.00 9.39  ? 17  LEU A C   1 
ATOM   139 O  O   . LEU A 1 17 ? 6.068   -3.130  0.568   1.00 9.96  ? 17  LEU A O   1 
ATOM   140 C  CB  . LEU A 1 17 ? 5.912   -3.819  -2.516  1.00 10.62 ? 17  LEU A CB  1 
ATOM   141 C  CG  . LEU A 1 17 ? 6.358   -4.387  -3.831  1.00 13.01 ? 17  LEU A CG  1 
ATOM   142 C  CD1 . LEU A 1 17 ? 5.286   -5.351  -4.338  1.00 18.41 ? 17  LEU A CD1 1 
ATOM   143 C  CD2 . LEU A 1 17 ? 6.705   -3.276  -4.755  1.00 17.33 ? 17  LEU A CD2 1 
ATOM   144 N  N   . ALA A 1 18 ? 5.816   -1.244  -0.678  1.00 9.95  ? 18  ALA A N   1 
ATOM   145 C  CA  . ALA A 1 18 ? 4.885   -0.602  0.245   1.00 9.74  ? 18  ALA A CA  1 
ATOM   146 C  C   . ALA A 1 18 ? 5.482   -0.652  1.644   1.00 9.37  ? 18  ALA A C   1 
ATOM   147 O  O   . ALA A 1 18 ? 6.676   -0.216  1.824   1.00 10.71 ? 18  ALA A O   1 
ATOM   148 C  CB  . ALA A 1 18 ? 3.532   -1.180  0.107   1.00 10.74 ? 18  ALA A CB  1 
ATOM   149 N  N   . GLU A 1 19 ? 4.747   -1.124  2.623   1.00 9.02  ? 19  GLU A N   1 
ATOM   150 C  CA  . GLU A 1 19 ? 5.215   -1.193  4.030   1.00 8.96  ? 19  GLU A CA  1 
ATOM   151 C  C   . GLU A 1 19 ? 5.570   -2.578  4.423   1.00 8.28  ? 19  GLU A C   1 
ATOM   152 O  O   . GLU A 1 19 ? 5.692   -2.873  5.639   1.00 9.19  ? 19  GLU A O   1 
ATOM   153 C  CB  . GLU A 1 19 ? 4.130   -0.627  4.954   1.00 8.84  ? 19  GLU A CB  1 
ATOM   154 C  CG  . GLU A 1 19 ? 3.800   0.824   4.641   1.00 9.66  ? 19  GLU A CG  1 
ATOM   155 C  CD  . GLU A 1 19 ? 2.603   1.370   5.413   1.00 8.88  ? 19  GLU A CD  1 
ATOM   156 O  OE1 . GLU A 1 19 ? 2.487   2.621   5.398   1.00 9.80  ? 19  GLU A OE1 1 
ATOM   157 O  OE2 . GLU A 1 19 ? 1.810   0.617   5.974   1.00 10.25 ? 19  GLU A OE2 1 
ATOM   158 N  N   . CYS A 1 20 ? 5.838   -3.482  3.480   1.00 8.59  ? 20  CYS A N   1 
ATOM   159 C  CA  . CYS A 1 20 ? 6.434   -4.739  3.798   1.00 8.76  ? 20  CYS A CA  1 
ATOM   160 C  C   . CYS A 1 20 ? 7.898   -4.502  4.282   1.00 8.25  ? 20  CYS A C   1 
ATOM   161 O  O   . CYS A 1 20 ? 8.547   -3.583  3.871   1.00 10.11 ? 20  CYS A O   1 
ATOM   162 C  CB  . CYS A 1 20 ? 6.495   -5.657  2.585   1.00 9.64  ? 20  CYS A CB  1 
ATOM   163 S  SG  . CYS A 1 20 ? 4.895   -6.063  1.808   1.00 11.83 ? 20  CYS A SG  1 
ATOM   164 N  N   . VAL A 1 21 ? 8.348   -5.402  5.106   1.00 8.70  ? 21  VAL A N   1 
ATOM   165 C  CA  . VAL A 1 21 ? 9.759   -5.400  5.588   1.00 9.97  ? 21  VAL A CA  1 
ATOM   166 C  C   . VAL A 1 21 ? 10.385  -6.713  5.269   1.00 9.35  ? 21  VAL A C   1 
ATOM   167 O  O   . VAL A 1 21 ? 9.710   -7.732  4.985   1.00 9.76  ? 21  VAL A O   1 
ATOM   168 C  CB  A VAL A 1 21 ? 9.847   -5.038  7.074   0.71 13.91 ? 21  VAL A CB  1 
ATOM   169 C  CB  B VAL A 1 21 ? 9.637   -5.102  7.099   0.29 12.77 ? 21  VAL A CB  1 
ATOM   170 C  CG1 A VAL A 1 21 ? 8.994   -3.819  7.432   0.71 16.81 ? 21  VAL A CG1 1 
ATOM   171 C  CG1 B VAL A 1 21 ? 10.789  -5.456  7.994   0.29 13.68 ? 21  VAL A CG1 1 
ATOM   172 C  CG2 A VAL A 1 21 ? 9.386   -6.187  7.896   0.71 14.05 ? 21  VAL A CG2 1 
ATOM   173 C  CG2 B VAL A 1 21 ? 9.445   -3.578  7.185   0.29 10.26 ? 21  VAL A CG2 1 
ATOM   174 N  N   . CYS A 1 22 ? 11.721  -6.728  5.243   1.00 9.79  ? 22  CYS A N   1 
ATOM   175 C  CA  . CYS A 1 22 ? 12.469  -7.909  4.870   1.00 10.45 ? 22  CYS A CA  1 
ATOM   176 C  C   . CYS A 1 22 ? 12.632  -8.751  6.140   1.00 12.75 ? 22  CYS A C   1 
ATOM   177 O  O   . CYS A 1 22 ? 13.340  -8.362  7.063   1.00 16.81 ? 22  CYS A O   1 
ATOM   178 C  CB  . CYS A 1 22 ? 13.776  -7.586  4.241   1.00 12.09 ? 22  CYS A CB  1 
ATOM   179 S  SG  . CYS A 1 22 ? 14.596  -9.091  3.598   1.00 13.12 ? 22  CYS A SG  1 
ATOM   180 N  N   . LEU A 1 23 ? 12.041  -9.920  6.156   1.00 14.44 ? 23  LEU A N   1 
ATOM   181 C  CA  . LEU A 1 23 ? 12.257  -10.816 7.286   1.00 18.73 ? 23  LEU A CA  1 
ATOM   182 C  C   . LEU A 1 23 ? 13.484  -11.680 7.059   1.00 19.68 ? 23  LEU A C   1 
ATOM   183 O  O   . LEU A 1 23 ? 13.931  -11.988 5.931   1.00 23.10 ? 23  LEU A O   1 
ATOM   184 C  CB  . LEU A 1 23 ? 10.961  -11.561 7.468   1.00 26.19 ? 23  LEU A CB  1 
ATOM   185 C  CG  . LEU A 1 23 ? 9.641   -10.839 7.381   1.00 32.08 ? 23  LEU A CG  1 
ATOM   186 C  CD1 . LEU A 1 23 ? 8.465   -11.825 7.331   1.00 56.35 ? 23  LEU A CD1 1 
ATOM   187 C  CD2 . LEU A 1 23 ? 9.397   -9.877  8.515   1.00 46.78 ? 23  LEU A CD2 1 
ATOM   188 N  N   . GLU A 1 24 ? 14.158  -12.138 8.115   1.00 23.17 ? 24  GLU A N   1 
ATOM   189 C  CA  . GLU A 1 24 ? 15.418  -12.803 8.085   1.00 23.83 ? 24  GLU A CA  1 
ATOM   190 C  C   . GLU A 1 24 ? 15.398  -14.178 7.405   1.00 30.50 ? 24  GLU A C   1 
ATOM   191 O  O   . GLU A 1 24 ? 16.427  -14.631 6.860   1.00 27.64 ? 24  GLU A O   1 
ATOM   192 C  CB  . GLU A 1 24 ? 16.017  -12.981 9.490   1.00 27.59 ? 24  GLU A CB  1 
ATOM   193 C  CG  . GLU A 1 24 ? 16.792  -11.723 9.877   1.00 44.25 ? 24  GLU A CG  1 
ATOM   194 C  CD  . GLU A 1 24 ? 17.686  -11.829 11.077  1.00 48.89 ? 24  GLU A CD  1 
ATOM   195 O  OE1 . GLU A 1 24 ? 17.726  -12.952 11.607  1.00 49.69 ? 24  GLU A OE1 1 
ATOM   196 O  OE2 . GLU A 1 24 ? 18.308  -10.776 11.416  1.00 49.40 ? 24  GLU A OE2 1 
ATOM   197 N  N   . HIS A 1 25 ? 14.250  -14.784 7.380   1.00 22.11 ? 25  HIS A N   1 
ATOM   198 C  CA  . HIS A 1 25 ? 13.958  -16.023 6.610   1.00 21.47 ? 25  HIS A CA  1 
ATOM   199 C  C   . HIS A 1 25 ? 14.065  -15.813 5.101   1.00 24.10 ? 25  HIS A C   1 
ATOM   200 O  O   . HIS A 1 25 ? 14.195  -16.864 4.433   1.00 30.42 ? 25  HIS A O   1 
ATOM   201 C  CB  . HIS A 1 25 ? 12.599  -16.544 7.048   1.00 22.19 ? 25  HIS A CB  1 
ATOM   202 C  CG  . HIS A 1 25 ? 12.224  -17.870 6.550   1.00 27.53 ? 25  HIS A CG  1 
ATOM   203 N  ND1 . HIS A 1 25 ? 12.652  -19.014 7.222   1.00 33.64 ? 25  HIS A ND1 1 
ATOM   204 C  CD2 . HIS A 1 25 ? 11.536  -18.375 5.528   1.00 30.75 ? 25  HIS A CD2 1 
ATOM   205 C  CE1 . HIS A 1 25 ? 12.240  -20.121 6.679   1.00 31.48 ? 25  HIS A CE1 1 
ATOM   206 N  NE2 . HIS A 1 25 ? 11.560  -19.733 5.624   1.00 30.56 ? 25  HIS A NE2 1 
ATOM   207 N  N   . GLY A 1 26 ? 14.092  -14.551 4.632   1.00 20.15 ? 26  GLY A N   1 
ATOM   208 C  CA  . GLY A 1 26 ? 14.523  -14.072 3.289   1.00 24.79 ? 26  GLY A CA  1 
ATOM   209 C  C   . GLY A 1 26 ? 13.443  -13.601 2.378   1.00 14.65 ? 26  GLY A C   1 
ATOM   210 O  O   . GLY A 1 26 ? 13.612  -13.516 1.186   1.00 14.16 ? 26  GLY A O   1 
ATOM   211 N  N   . TYR A 1 27 ? 12.238  -13.342 2.971   1.00 13.35 ? 27  TYR A N   1 
ATOM   212 C  CA  A TYR A 1 27 ? 11.049  -12.897 2.219   0.51 11.29 ? 27  TYR A CA  1 
ATOM   213 C  CA  B TYR A 1 27 ? 11.025  -12.922 2.256   0.49 10.99 ? 27  TYR A CA  1 
ATOM   214 C  C   . TYR A 1 27 ? 10.459  -11.671 2.882   1.00 10.87 ? 27  TYR A C   1 
ATOM   215 O  O   . TYR A 1 27 ? 10.575  -11.445 4.086   1.00 12.90 ? 27  TYR A O   1 
ATOM   216 C  CB  A TYR A 1 27 ? 9.993   -13.989 2.084   0.51 12.65 ? 27  TYR A CB  1 
ATOM   217 C  CB  B TYR A 1 27 ? 9.941   -14.000 2.245   0.49 13.12 ? 27  TYR A CB  1 
ATOM   218 C  CG  A TYR A 1 27 ? 10.316  -15.073 1.068   0.51 14.00 ? 27  TYR A CG  1 
ATOM   219 C  CG  B TYR A 1 27 ? 10.385  -15.261 1.527   0.49 12.31 ? 27  TYR A CG  1 
ATOM   220 C  CD1 A TYR A 1 27 ? 9.729   -15.166 -0.157  0.51 14.16 ? 27  TYR A CD1 1 
ATOM   221 C  CD1 B TYR A 1 27 ? 10.040  -15.454 0.220   0.49 13.79 ? 27  TYR A CD1 1 
ATOM   222 C  CD2 A TYR A 1 27 ? 11.300  -16.023 1.368   0.51 17.10 ? 27  TYR A CD2 1 
ATOM   223 C  CD2 B TYR A 1 27 ? 11.197  -16.190 2.186   0.49 16.70 ? 27  TYR A CD2 1 
ATOM   224 C  CE1 A TYR A 1 27 ? 10.022  -16.132 -1.093  0.51 14.93 ? 27  TYR A CE1 1 
ATOM   225 C  CE1 B TYR A 1 27 ? 10.454  -16.584 -0.454  0.49 16.51 ? 27  TYR A CE1 1 
ATOM   226 C  CE2 A TYR A 1 27 ? 11.643  -17.003 0.490   0.51 17.43 ? 27  TYR A CE2 1 
ATOM   227 C  CE2 B TYR A 1 27 ? 11.618  -17.331 1.522   0.49 18.00 ? 27  TYR A CE2 1 
ATOM   228 C  CZ  A TYR A 1 27 ? 10.995  -17.048 -0.741  0.51 16.44 ? 27  TYR A CZ  1 
ATOM   229 C  CZ  B TYR A 1 27 ? 11.230  -17.495 0.209   0.49 19.26 ? 27  TYR A CZ  1 
ATOM   230 O  OH  A TYR A 1 27 ? 11.313  -18.048 -1.644  0.51 17.79 ? 27  TYR A OH  1 
ATOM   231 O  OH  B TYR A 1 27 ? 11.647  -18.640 -0.437  0.49 24.41 ? 27  TYR A OH  1 
ATOM   232 N  N   . CYS A 1 28 ? 9.796   -10.885 2.014   1.00 10.53 ? 28  CYS A N   1 
ATOM   233 C  CA  . CYS A 1 28 ? 9.070   -9.724  2.463   1.00 10.04 ? 28  CYS A CA  1 
ATOM   234 C  C   . CYS A 1 28 ? 7.809   -10.126 3.211   1.00 10.31 ? 28  CYS A C   1 
ATOM   235 O  O   . CYS A 1 28 ? 7.136   -11.082 2.850   1.00 12.91 ? 28  CYS A O   1 
ATOM   236 C  CB  . CYS A 1 28 ? 8.679   -8.847  1.258   1.00 9.81  ? 28  CYS A CB  1 
ATOM   237 S  SG  . CYS A 1 28 ? 10.098  -8.237  0.301   1.00 9.93  ? 28  CYS A SG  1 
ATOM   238 N  N   . GLY A 1 29 ? 7.434   -9.328  4.225   1.00 10.76 ? 29  GLY A N   1 
ATOM   239 C  CA  . GLY A 1 29 ? 6.187   -9.578  4.928   1.00 11.93 ? 29  GLY A CA  1 
ATOM   240 C  C   . GLY A 1 29 ? 5.830   -8.483  5.851   1.00 12.60 ? 29  GLY A C   1 
ATOM   241 O  O   . GLY A 1 29 ? 4.814   -8.666  6.603   1.00 15.82 ? 29  GLY A O   1 
ATOM   242 O  OXT . GLY A 1 29 ? 6.453   -7.388  5.868   1.00 11.37 ? 29  GLY A OXT 1 
ATOM   243 N  N   . ARG B 1 1  ? 3.171   6.839   3.288   1.00 11.51 ? 1   ARG B N   1 
ATOM   244 C  CA  . ARG B 1 1  ? 1.701   6.544   3.143   1.00 9.92  ? 1   ARG B CA  1 
ATOM   245 C  C   . ARG B 1 1  ? 1.540   5.762   1.837   1.00 10.27 ? 1   ARG B C   1 
ATOM   246 O  O   . ARG B 1 1  ? 2.122   6.139   0.850   1.00 14.44 ? 1   ARG B O   1 
ATOM   247 C  CB  . ARG B 1 1  ? 0.905   7.832   3.126   1.00 9.63  ? 1   ARG B CB  1 
ATOM   248 C  CG  . ARG B 1 1  ? -0.592  7.674   3.158   1.00 9.38  ? 1   ARG B CG  1 
ATOM   249 C  CD  . ARG B 1 1  ? -1.382  8.951   3.299   1.00 9.26  ? 1   ARG B CD  1 
ATOM   250 N  NE  . ARG B 1 1  ? -1.218  9.884   2.216   1.00 9.57  ? 1   ARG B NE  1 
ATOM   251 C  CZ  . ARG B 1 1  ? -2.027  10.020  1.190   1.00 9.73  ? 1   ARG B CZ  1 
ATOM   252 N  NH1 . ARG B 1 1  ? -3.105  9.276   1.077   1.00 10.52 ? 1   ARG B NH1 1 
ATOM   253 N  NH2 . ARG B 1 1  ? -1.790  10.938  0.261   1.00 11.94 ? 1   ARG B NH2 1 
ATOM   254 N  N   . VAL B 1 2  ? 0.743   4.757   1.869   1.00 9.56  ? 2   VAL B N   1 
ATOM   255 C  CA  . VAL B 1 2  ? 0.482   3.903   0.695   1.00 10.42 ? 2   VAL B CA  1 
ATOM   256 C  C   . VAL B 1 2  ? -0.881  4.255   0.141   1.00 9.23  ? 2   VAL B C   1 
ATOM   257 O  O   . VAL B 1 2  ? -1.907  3.970   0.699   1.00 9.70  ? 2   VAL B O   1 
ATOM   258 C  CB  . VAL B 1 2  ? 0.517   2.410   1.063   1.00 11.92 ? 2   VAL B CB  1 
ATOM   259 C  CG1 . VAL B 1 2  ? 0.285   1.514   -0.176  1.00 15.58 ? 2   VAL B CG1 1 
ATOM   260 C  CG2 . VAL B 1 2  ? 1.790   1.975   1.762   1.00 16.93 ? 2   VAL B CG2 1 
ATOM   261 N  N   . CYS B 1 3  ? -0.864  4.882   -1.046  1.00 10.16 ? 3   CYS B N   1 
ATOM   262 C  CA  . CYS B 1 3  ? -2.117  5.180   -1.774  1.00 9.93  ? 3   CYS B CA  1 
ATOM   263 C  C   . CYS B 1 3  ? -1.888  4.883   -3.230  1.00 10.46 ? 3   CYS B C   1 
ATOM   264 O  O   . CYS B 1 3  ? -1.283  5.650   -3.959  1.00 12.02 ? 3   CYS B O   1 
ATOM   265 C  CB  . CYS B 1 3  ? -2.473  6.615   -1.568  1.00 11.26 ? 3   CYS B CB  1 
ATOM   266 S  SG  . CYS B 1 3  ? -3.930  7.104   -2.562  1.00 12.66 ? 3   CYS B SG  1 
ATOM   267 N  N   . PRO B 1 4  ? -2.425  3.713   -3.680  1.00 10.71 ? 4   PRO B N   1 
ATOM   268 C  CA  . PRO B 1 4  ? -2.328  3.417   -5.139  1.00 12.87 ? 4   PRO B CA  1 
ATOM   269 C  C   . PRO B 1 4  ? -3.134  4.552   -5.859  1.00 12.59 ? 4   PRO B C   1 
ATOM   270 O  O   . PRO B 1 4  ? -4.224  4.851   -5.491  1.00 18.77 ? 4   PRO B O   1 
ATOM   271 C  CB  . PRO B 1 4  ? -2.977  2.076   -5.271  1.00 15.25 ? 4   PRO B CB  1 
ATOM   272 C  CG  . PRO B 1 4  ? -3.601  1.796   -4.031  1.00 22.18 ? 4   PRO B CG  1 
ATOM   273 C  CD  . PRO B 1 4  ? -3.163  2.705   -2.958  1.00 12.66 ? 4   PRO B CD  1 
ATOM   274 N  N   . ARG B 1 5  ? -2.588  4.952   -6.976  1.00 11.46 ? 5   ARG B N   1 
ATOM   275 C  CA  . ARG B 1 5  ? -3.153  6.038   -7.729  1.00 12.47 ? 5   ARG B CA  1 
ATOM   276 C  C   . ARG B 1 5  ? -4.204  5.524   -8.740  1.00 10.22 ? 5   ARG B C   1 
ATOM   277 O  O   . ARG B 1 5  ? -4.143  5.823   -9.901  1.00 12.67 ? 5   ARG B O   1 
ATOM   278 C  CB  . ARG B 1 5  ? -2.132  6.881   -8.315  1.00 14.98 ? 5   ARG B CB  1 
ATOM   279 C  CG  . ARG B 1 5  ? -1.438  7.655   -7.272  1.00 19.66 ? 5   ARG B CG  1 
ATOM   280 C  CD  . ARG B 1 5  ? -0.541  8.658   -7.761  1.00 18.67 ? 5   ARG B CD  1 
ATOM   281 N  NE  . ARG B 1 5  ? -1.089  9.616   -8.752  1.00 14.41 ? 5   ARG B NE  1 
ATOM   282 C  CZ  . ARG B 1 5  ? -1.671  10.746  -8.464  1.00 14.39 ? 5   ARG B CZ  1 
ATOM   283 N  NH1 . ARG B 1 5  ? -1.818  11.112  -7.171  1.00 16.46 ? 5   ARG B NH1 1 
ATOM   284 N  NH2 . ARG B 1 5  ? -2.080  11.506  -9.441  1.00 14.04 ? 5   ARG B NH2 1 
ATOM   285 N  N   . ILE B 1 6  ? -5.146  4.820   -8.240  1.00 11.23 ? 6   ILE B N   1 
ATOM   286 C  CA  . ILE B 1 6  ? -6.330  4.394   -8.990  1.00 11.54 ? 6   ILE B CA  1 
ATOM   287 C  C   . ILE B 1 6  ? -7.379  5.450   -8.803  1.00 11.55 ? 6   ILE B C   1 
ATOM   288 O  O   . ILE B 1 6  ? -7.734  5.833   -7.679  1.00 14.43 ? 6   ILE B O   1 
ATOM   289 C  CB  . ILE B 1 6  ? -6.806  2.994   -8.539  1.00 16.17 ? 6   ILE B CB  1 
ATOM   290 C  CG1 . ILE B 1 6  ? -5.666  1.955   -8.699  1.00 19.38 ? 6   ILE B CG1 1 
ATOM   291 C  CG2 . ILE B 1 6  ? -8.080  2.696   -9.279  1.00 22.29 ? 6   ILE B CG2 1 
ATOM   292 C  CD1 . ILE B 1 6  ? -5.438  1.223   -9.946  1.00 22.82 ? 6   ILE B CD1 1 
ATOM   293 N  N   . LEU B 1 7  ? -7.928  5.934   -9.891  1.00 10.13 ? 7   LEU B N   1 
ATOM   294 C  CA  . LEU B 1 7  ? -8.927  6.985   -9.870  1.00 10.05 ? 7   LEU B CA  1 
ATOM   295 C  C   . LEU B 1 7  ? -10.230 6.406   -9.321  1.00 10.42 ? 7   LEU B C   1 
ATOM   296 O  O   . LEU B 1 7  ? -10.868 5.579   -9.955  1.00 11.98 ? 7   LEU B O   1 
ATOM   297 C  CB  . LEU B 1 7  ? -9.089  7.595   -11.267 1.00 13.50 ? 7   LEU B CB  1 
ATOM   298 C  CG  . LEU B 1 7  ? -9.864  8.929   -11.270 1.00 14.71 ? 7   LEU B CG  1 
ATOM   299 C  CD1 . LEU B 1 7  ? -9.168  9.984   -10.440 1.00 17.61 ? 7   LEU B CD1 1 
ATOM   300 C  CD2 . LEU B 1 7  ? -10.055 9.352   -12.747 1.00 22.58 ? 7   LEU B CD2 1 
ATOM   301 N  N   . LEU B 1 8  ? -10.702 6.975   -8.186  1.00 9.60  ? 8   LEU B N   1 
ATOM   302 C  CA  . LEU B 1 8  ? -11.889 6.528   -7.535  1.00 9.70  ? 8   LEU B CA  1 
ATOM   303 C  C   . LEU B 1 8  ? -12.591 7.704   -6.890  1.00 9.85  ? 8   LEU B C   1 
ATOM   304 O  O   . LEU B 1 8  ? -11.941 8.545   -6.182  1.00 10.49 ? 8   LEU B O   1 
ATOM   305 C  CB  . LEU B 1 8  ? -11.617 5.483   -6.457  1.00 10.85 ? 8   LEU B CB  1 
ATOM   306 C  CG  . LEU B 1 8  ? -11.183 4.119   -6.970  1.00 11.60 ? 8   LEU B CG  1 
ATOM   307 C  CD1 . LEU B 1 8  ? -10.676 3.234   -5.840  1.00 14.08 ? 8   LEU B CD1 1 
ATOM   308 C  CD2 . LEU B 1 8  ? -12.340 3.375   -7.644  1.00 14.53 ? 8   LEU B CD2 1 
ATOM   309 N  N   . GLU B 1 9  ? -13.889 7.837   -7.104  1.00 10.26 ? 9   GLU B N   1 
ATOM   310 C  CA  . GLU B 1 9  ? -14.682 8.828   -6.434  1.00 10.93 ? 9   GLU B CA  1 
ATOM   311 C  C   . GLU B 1 9  ? -14.932 8.347   -4.952  1.00 11.16 ? 9   GLU B C   1 
ATOM   312 O  O   . GLU B 1 9  ? -14.926 7.213   -4.618  1.00 12.76 ? 9   GLU B O   1 
ATOM   313 C  CB  . GLU B 1 9  ? -16.043 9.015   -7.143  1.00 13.45 ? 9   GLU B CB  1 
ATOM   314 C  CG  . GLU B 1 9  ? -15.974 9.475   -8.568  1.00 15.78 ? 9   GLU B CG  1 
ATOM   315 C  CD  . GLU B 1 9  ? -17.292 9.957   -9.095  1.00 22.66 ? 9   GLU B CD  1 
ATOM   316 O  OE1 . GLU B 1 9  ? -17.832 10.942  -8.529  1.00 26.62 ? 9   GLU B OE1 1 
ATOM   317 O  OE2 . GLU B 1 9  ? -17.816 9.365   -10.027 1.00 32.98 ? 9   GLU B OE2 1 
ATOM   318 N  N   . CYS B 1 10 ? -15.206 9.381   -4.110  1.00 11.51 ? 10  CYS B N   1 
ATOM   319 C  CA  . CYS B 1 10 ? -15.417 9.066   -2.739  1.00 12.00 ? 10  CYS B CA  1 
ATOM   320 C  C   . CYS B 1 10 ? -16.181 10.210  -2.047  1.00 13.09 ? 10  CYS B C   1 
ATOM   321 O  O   . CYS B 1 10 ? -16.200 11.347  -2.472  1.00 13.78 ? 10  CYS B O   1 
ATOM   322 C  CB  . CYS B 1 10 ? -14.018 8.996   -2.035  1.00 11.25 ? 10  CYS B CB  1 
ATOM   323 S  SG  . CYS B 1 10 ? -13.004 10.432  -2.171  1.00 11.90 ? 10  CYS B SG  1 
ATOM   324 N  N   . LYS B 1 11 ? -16.772 9.817   -0.891  1.00 13.87 ? 11  LYS B N   1 
ATOM   325 C  CA  . LYS B 1 11 ? -17.240 10.746  0.116   1.00 14.92 ? 11  LYS B CA  1 
ATOM   326 C  C   . LYS B 1 11 ? -16.475 10.679  1.438   1.00 15.10 ? 11  LYS B C   1 
ATOM   327 O  O   . LYS B 1 11 ? -16.340 11.676  2.119   1.00 17.78 ? 11  LYS B O   1 
ATOM   328 C  CB  . LYS B 1 11 ? -18.730 10.532  0.404   1.00 18.10 ? 11  LYS B CB  1 
ATOM   329 C  CG  . LYS B 1 11 ? -19.592 11.092  -0.714  1.00 24.39 ? 11  LYS B CG  1 
ATOM   330 C  CD  . LYS B 1 11 ? -21.069 10.803  -0.354  1.00 36.72 ? 11  LYS B CD  1 
ATOM   331 C  CE  . LYS B 1 11 ? -22.034 11.659  -1.187  1.00 47.72 ? 11  LYS B CE  1 
ATOM   332 N  NZ  . LYS B 1 11 ? -22.948 12.363  -0.191  1.00 68.82 ? 11  LYS B NZ  1 
ATOM   333 N  N   . LYS B 1 12 ? -15.953 9.475   1.787   1.00 14.13 ? 12  LYS B N   1 
ATOM   334 C  CA  . LYS B 1 12 ? -15.229 9.191   3.006   1.00 14.29 ? 12  LYS B CA  1 
ATOM   335 C  C   . LYS B 1 12 ? -13.987 8.407   2.675   1.00 12.23 ? 12  LYS B C   1 
ATOM   336 O  O   . LYS B 1 12 ? -13.927 7.737   1.643   1.00 12.26 ? 12  LYS B O   1 
ATOM   337 C  CB  . LYS B 1 12 ? -16.112 8.384   3.983   1.00 19.82 ? 12  LYS B CB  1 
ATOM   338 C  CG  . LYS B 1 12 ? -17.426 8.955   4.397   1.00 20.10 ? 12  LYS B CG  1 
ATOM   339 C  CD  . LYS B 1 12 ? -18.283 8.121   5.231   1.00 28.78 ? 12  LYS B CD  1 
ATOM   340 C  CE  . LYS B 1 12 ? -19.642 8.852   5.435   1.00 38.94 ? 12  LYS B CE  1 
ATOM   341 N  NZ  . LYS B 1 12 ? -20.385 9.241   4.173   1.00 55.70 ? 12  LYS B NZ  1 
ATOM   342 N  N   . ASP B 1 13 ? -13.091 8.393   3.580   1.00 13.26 ? 13  ASP B N   1 
ATOM   343 C  CA  . ASP B 1 13 ? -11.834 7.602   3.391   1.00 12.79 ? 13  ASP B CA  1 
ATOM   344 C  C   . ASP B 1 13 ? -12.093 6.103   3.176   1.00 11.28 ? 13  ASP B C   1 
ATOM   345 O  O   . ASP B 1 13 ? -11.397 5.435   2.460   1.00 11.40 ? 13  ASP B O   1 
ATOM   346 C  CB  . ASP B 1 13 ? -10.855 7.751   4.552   1.00 13.86 ? 13  ASP B CB  1 
ATOM   347 C  CG  . ASP B 1 13 ? -10.270 9.128   4.745   1.00 16.44 ? 13  ASP B CG  1 
ATOM   348 O  OD1 . ASP B 1 13 ? -9.559  9.252   5.803   1.00 18.90 ? 13  ASP B OD1 1 
ATOM   349 O  OD2 . ASP B 1 13 ? -10.577 10.060  3.944   1.00 16.07 ? 13  ASP B OD2 1 
ATOM   350 N  N   . SER B 1 14 ? -13.186 5.601   3.804   1.00 11.66 ? 14  SER B N   1 
ATOM   351 C  CA  . SER B 1 14 ? -13.525 4.204   3.640   1.00 13.64 ? 14  SER B CA  1 
ATOM   352 C  C   . SER B 1 14 ? -13.955 3.847   2.281   1.00 12.75 ? 14  SER B C   1 
ATOM   353 O  O   . SER B 1 14 ? -14.031 2.628   1.955   1.00 14.27 ? 14  SER B O   1 
ATOM   354 C  CB  . SER B 1 14 ? -14.540 3.792   4.705   1.00 20.26 ? 14  SER B CB  1 
ATOM   355 O  OG  . SER B 1 14 ? -15.581 4.753   4.573   1.00 26.95 ? 14  SER B OG  1 
ATOM   356 N  N   . ASP B 1 15 ? -14.205 4.795   1.405   1.00 11.52 ? 15  ASP B N   1 
ATOM   357 C  CA  . ASP B 1 15 ? -14.490 4.568   -0.058  1.00 11.56 ? 15  ASP B CA  1 
ATOM   358 C  C   . ASP B 1 15 ? -13.228 4.353   -0.845  1.00 10.51 ? 15  ASP B C   1 
ATOM   359 O  O   . ASP B 1 15 ? -13.290 4.128   -2.048  1.00 12.35 ? 15  ASP B O   1 
ATOM   360 C  CB  . ASP B 1 15 ? -15.234 5.739   -0.599  1.00 11.91 ? 15  ASP B CB  1 
ATOM   361 C  CG  . ASP B 1 15 ? -16.557 6.009   0.048   1.00 14.53 ? 15  ASP B CG  1 
ATOM   362 O  OD1 . ASP B 1 15 ? -17.030 7.187   0.080   1.00 14.49 ? 15  ASP B OD1 1 
ATOM   363 O  OD2 . ASP B 1 15 ? -17.220 5.113   0.562   1.00 18.18 ? 15  ASP B OD2 1 
ATOM   364 N  N   . CYS B 1 16 ? -12.070 4.437   -0.195  1.00 9.82  ? 16  CYS B N   1 
ATOM   365 C  CA  . CYS B 1 16 ? -10.776 4.460   -0.879  1.00 9.41  ? 16  CYS B CA  1 
ATOM   366 C  C   . CYS B 1 16 ? -9.979  3.242   -0.525  1.00 9.16  ? 16  CYS B C   1 
ATOM   367 O  O   . CYS B 1 16 ? -10.211 2.539   0.456   1.00 11.65 ? 16  CYS B O   1 
ATOM   368 C  CB  . CYS B 1 16 ? -10.034 5.719   -0.525  1.00 9.64  ? 16  CYS B CB  1 
ATOM   369 S  SG  . CYS B 1 16 ? -10.861 7.283   -0.939  1.00 10.39 ? 16  CYS B SG  1 
ATOM   370 N  N   . LEU B 1 17 ? -8.973  2.974   -1.359  1.00 9.19  ? 17  LEU B N   1 
ATOM   371 C  CA  . LEU B 1 17 ? -8.058  1.866   -1.166  1.00 9.12  ? 17  LEU B CA  1 
ATOM   372 C  C   . LEU B 1 17 ? -6.974  2.246   -0.153  1.00 8.69  ? 17  LEU B C   1 
ATOM   373 O  O   . LEU B 1 17 ? -6.528  3.390   -0.098  1.00 9.06  ? 17  LEU B O   1 
ATOM   374 C  CB  . LEU B 1 17 ? -7.330  1.574   -2.521  1.00 10.21 ? 17  LEU B CB  1 
ATOM   375 C  CG  . LEU B 1 17 ? -8.224  1.033   -3.616  1.00 11.75 ? 17  LEU B CG  1 
ATOM   376 C  CD1 . LEU B 1 17 ? -7.503  1.093   -4.983  1.00 15.17 ? 17  LEU B CD1 1 
ATOM   377 C  CD2 . LEU B 1 17 ? -8.677  -0.379  -3.282  1.00 14.41 ? 17  LEU B CD2 1 
ATOM   378 N  N   . ALA B 1 18 ? -6.440  1.223   0.533   1.00 9.71  ? 18  ALA B N   1 
ATOM   379 C  CA  . ALA B 1 18 ? -5.196  1.348   1.266   1.00 9.55  ? 18  ALA B CA  1 
ATOM   380 C  C   . ALA B 1 18 ? -5.317  2.569   2.216   1.00 8.73  ? 18  ALA B C   1 
ATOM   381 O  O   . ALA B 1 18 ? -6.253  2.673   2.984   1.00 10.23 ? 18  ALA B O   1 
ATOM   382 C  CB  . ALA B 1 18 ? -4.011  1.314   0.367   1.00 10.91 ? 18  ALA B CB  1 
ATOM   383 N  N   . GLU B 1 19 ? -4.276  3.435   2.169   1.00 7.81  ? 19  GLU B N   1 
ATOM   384 C  CA  . GLU B 1 19 ? -4.238  4.625   3.020   1.00 7.73  ? 19  GLU B CA  1 
ATOM   385 C  C   . GLU B 1 19 ? -4.564  5.887   2.200   1.00 7.90  ? 19  GLU B C   1 
ATOM   386 O  O   . GLU B 1 19 ? -4.204  6.996   2.626   1.00 8.57  ? 19  GLU B O   1 
ATOM   387 C  CB  . GLU B 1 19 ? -2.880  4.760   3.677   1.00 8.05  ? 19  GLU B CB  1 
ATOM   388 C  CG  . GLU B 1 19 ? -2.508  3.547   4.520   1.00 8.72  ? 19  GLU B CG  1 
ATOM   389 C  CD  . GLU B 1 19 ? -1.111  3.555   5.025   1.00 8.76  ? 19  GLU B CD  1 
ATOM   390 O  OE1 . GLU B 1 19 ? -0.236  4.223   4.431   1.00 8.83  ? 19  GLU B OE1 1 
ATOM   391 O  OE2 . GLU B 1 19 ? -0.839  2.833   6.030   1.00 9.17  ? 19  GLU B OE2 1 
ATOM   392 N  N   . CYS B 1 20 ? -5.273  5.735   1.087   1.00 7.78  ? 20  CYS B N   1 
ATOM   393 C  CA  . CYS B 1 20 ? -5.792  6.882   0.401   1.00 7.90  ? 20  CYS B CA  1 
ATOM   394 C  C   . CYS B 1 20 ? -6.842  7.535   1.258   1.00 8.26  ? 20  CYS B C   1 
ATOM   395 O  O   . CYS B 1 20 ? -7.542  6.926   2.036   1.00 9.53  ? 20  CYS B O   1 
ATOM   396 C  CB  . CYS B 1 20 ? -6.396  6.482   -0.933  1.00 9.00  ? 20  CYS B CB  1 
ATOM   397 S  SG  . CYS B 1 20 ? -5.306  5.705   -2.133  1.00 10.25 ? 20  CYS B SG  1 
ATOM   398 N  N   . VAL B 1 21 ? -6.949  8.876   1.062   1.00 8.77  ? 21  VAL B N   1 
ATOM   399 C  CA  . VAL B 1 21 ? -7.897  9.709   1.799   1.00 10.34 ? 21  VAL B CA  1 
ATOM   400 C  C   . VAL B 1 21 ? -8.838  10.348  0.781   1.00 9.86  ? 21  VAL B C   1 
ATOM   401 O  O   . VAL B 1 21 ? -8.496  10.604  -0.368  1.00 10.39 ? 21  VAL B O   1 
ATOM   402 C  CB  A VAL B 1 21 ? -7.069  10.818  2.521   0.71 13.26 ? 21  VAL B CB  1 
ATOM   403 C  CB  B VAL B 1 21 ? -7.271  10.774  2.696   0.29 15.45 ? 21  VAL B CB  1 
ATOM   404 C  CG1 A VAL B 1 21 ? -7.890  11.896  3.176   0.71 12.97 ? 21  VAL B CG1 1 
ATOM   405 C  CG1 B VAL B 1 21 ? -6.184  10.168  3.558   0.29 16.07 ? 21  VAL B CG1 1 
ATOM   406 C  CG2 A VAL B 1 21 ? -6.233  10.128  3.580   0.71 18.45 ? 21  VAL B CG2 1 
ATOM   407 C  CG2 B VAL B 1 21 ? -6.702  11.882  1.837   0.29 19.02 ? 21  VAL B CG2 1 
ATOM   408 N  N   . CYS B 1 22 ? -10.048 10.612  1.223   1.00 10.47 ? 22  CYS B N   1 
ATOM   409 C  CA  . CYS B 1 22 ? -10.990 11.285  0.347   1.00 11.26 ? 22  CYS B CA  1 
ATOM   410 C  C   . CYS B 1 22 ? -10.781 12.779  0.389   1.00 12.80 ? 22  CYS B C   1 
ATOM   411 O  O   . CYS B 1 22 ? -10.949 13.431  1.391   1.00 14.81 ? 22  CYS B O   1 
ATOM   412 C  CB  . CYS B 1 22 ? -12.411 10.921  0.713   1.00 12.54 ? 22  CYS B CB  1 
ATOM   413 S  SG  . CYS B 1 22 ? -13.590 11.545  -0.551  1.00 13.26 ? 22  CYS B SG  1 
ATOM   414 N  N   . LEU B 1 23 ? -10.318 13.337  -0.714  1.00 12.32 ? 23  LEU B N   1 
ATOM   415 C  CA  . LEU B 1 23 ? -9.918  14.712  -0.850  1.00 13.43 ? 23  LEU B CA  1 
ATOM   416 C  C   . LEU B 1 23 ? -11.114 15.559  -1.311  1.00 14.55 ? 23  LEU B C   1 
ATOM   417 O  O   . LEU B 1 23 ? -12.175 15.083  -1.669  1.00 17.00 ? 23  LEU B O   1 
ATOM   418 C  CB  . LEU B 1 23 ? -8.696  14.879  -1.701  1.00 15.39 ? 23  LEU B CB  1 
ATOM   419 C  CG  . LEU B 1 23 ? -7.429  14.108  -1.262  1.00 20.14 ? 23  LEU B CG  1 
ATOM   420 C  CD1 . LEU B 1 23 ? -6.311  14.236  -2.302  1.00 30.09 ? 23  LEU B CD1 1 
ATOM   421 C  CD2 . LEU B 1 23 ? -6.985  14.595  0.082   1.00 29.01 ? 23  LEU B CD2 1 
ATOM   422 N  N   . GLU B 1 24 ? -10.927 16.860  -1.325  1.00 17.11 ? 24  GLU B N   1 
ATOM   423 C  CA  . GLU B 1 24 ? -12.011 17.789  -1.486  1.00 19.40 ? 24  GLU B CA  1 
ATOM   424 C  C   . GLU B 1 24 ? -12.536 17.873  -2.926  1.00 18.54 ? 24  GLU B C   1 
ATOM   425 O  O   . GLU B 1 24 ? -13.648 18.407  -3.081  1.00 25.70 ? 24  GLU B O   1 
ATOM   426 C  CB  . GLU B 1 24 ? -11.577 19.209  -1.081  1.00 24.90 ? 24  GLU B CB  1 
ATOM   427 C  CG  . GLU B 1 24 ? -11.311 19.231  0.383   1.00 27.60 ? 24  GLU B CG  1 
ATOM   428 C  CD  . GLU B 1 24 ? -9.890  18.784  0.685   1.00 25.82 ? 24  GLU B CD  1 
ATOM   429 O  OE1 . GLU B 1 24 ? -9.698  18.896  1.924   1.00 29.93 ? 24  GLU B OE1 1 
ATOM   430 O  OE2 . GLU B 1 24 ? -9.019  18.336  -0.143  1.00 23.67 ? 24  GLU B OE2 1 
ATOM   431 N  N   . HIS B 1 25 ? -11.869 17.310  -3.922  1.00 17.55 ? 25  HIS B N   1 
ATOM   432 C  CA  . HIS B 1 25 ? -12.417 17.248  -5.220  1.00 18.94 ? 25  HIS B CA  1 
ATOM   433 C  C   . HIS B 1 25 ? -13.289 16.027  -5.496  1.00 15.97 ? 25  HIS B C   1 
ATOM   434 O  O   . HIS B 1 25 ? -13.700 15.801  -6.630  1.00 18.94 ? 25  HIS B O   1 
ATOM   435 C  CB  . HIS B 1 25 ? -11.273 17.411  -6.174  1.00 20.01 ? 25  HIS B CB  1 
ATOM   436 C  CG  . HIS B 1 25 ? -10.160 16.483  -5.961  1.00 21.79 ? 25  HIS B CG  1 
ATOM   437 N  ND1 . HIS B 1 25 ? -10.224 15.186  -5.514  1.00 22.12 ? 25  HIS B ND1 1 
ATOM   438 C  CD2 . HIS B 1 25 ? -8.811  16.815  -6.050  1.00 26.74 ? 25  HIS B CD2 1 
ATOM   439 C  CE1 . HIS B 1 25 ? -9.016  14.718  -5.429  1.00 21.58 ? 25  HIS B CE1 1 
ATOM   440 N  NE2 . HIS B 1 25 ? -8.150  15.662  -5.725  1.00 25.54 ? 25  HIS B NE2 1 
ATOM   441 N  N   . GLY B 1 26 ? -13.500 15.243  -4.438  1.00 15.82 ? 26  GLY B N   1 
ATOM   442 C  CA  . GLY B 1 26 ? -14.337 14.075  -4.552  1.00 16.11 ? 26  GLY B CA  1 
ATOM   443 C  C   . GLY B 1 26 ? -13.676 12.853  -5.070  1.00 12.94 ? 26  GLY B C   1 
ATOM   444 O  O   . GLY B 1 26 ? -14.376 11.903  -5.435  1.00 12.67 ? 26  GLY B O   1 
ATOM   445 N  N   . TYR B 1 27 ? -12.316 12.839  -5.087  1.00 12.27 ? 27  TYR B N   1 
ATOM   446 C  CA  A TYR B 1 27 ? -11.574 11.641  -5.466  0.54 10.42 ? 27  TYR B CA  1 
ATOM   447 C  CA  B TYR B 1 27 ? -11.558 11.659  -5.495  0.46 10.43 ? 27  TYR B CA  1 
ATOM   448 C  C   . TYR B 1 27 ? -10.605 11.304  -4.351  1.00 9.82  ? 27  TYR B C   1 
ATOM   449 O  O   . TYR B 1 27 ? -10.155 12.141  -3.546  1.00 10.66 ? 27  TYR B O   1 
ATOM   450 C  CB  A TYR B 1 27 ? -10.783 11.803  -6.772  0.54 11.51 ? 27  TYR B CB  1 
ATOM   451 C  CB  B TYR B 1 27 ? -10.790 11.888  -6.783  0.46 11.10 ? 27  TYR B CB  1 
ATOM   452 C  CG  A TYR B 1 27 ? -11.784 11.778  -7.912  0.54 13.64 ? 27  TYR B CG  1 
ATOM   453 C  CG  B TYR B 1 27 ? -11.580 12.193  -8.037  0.46 10.38 ? 27  TYR B CG  1 
ATOM   454 C  CD1 A TYR B 1 27 ? -12.044 10.583  -8.557  0.54 14.13 ? 27  TYR B CD1 1 
ATOM   455 C  CD1 B TYR B 1 27 ? -12.142 11.167  -8.792  0.46 11.63 ? 27  TYR B CD1 1 
ATOM   456 C  CD2 A TYR B 1 27 ? -12.443 12.883  -8.332  0.54 14.45 ? 27  TYR B CD2 1 
ATOM   457 C  CD2 B TYR B 1 27 ? -11.784 13.464  -8.517  0.46 11.44 ? 27  TYR B CD2 1 
ATOM   458 C  CE1 A TYR B 1 27 ? -12.946 10.457  -9.597  0.54 16.16 ? 27  TYR B CE1 1 
ATOM   459 C  CE1 B TYR B 1 27 ? -12.880 11.298  -9.933  0.46 12.18 ? 27  TYR B CE1 1 
ATOM   460 C  CE2 A TYR B 1 27 ? -13.363 12.801  -9.370  0.54 16.81 ? 27  TYR B CE2 1 
ATOM   461 C  CE2 B TYR B 1 27 ? -12.543 13.648  -9.684  0.46 11.71 ? 27  TYR B CE2 1 
ATOM   462 C  CZ  A TYR B 1 27 ? -13.599 11.585  -9.978  0.54 16.87 ? 27  TYR B CZ  1 
ATOM   463 C  CZ  B TYR B 1 27 ? -13.074 12.592  -10.379 0.46 13.23 ? 27  TYR B CZ  1 
ATOM   464 O  OH  A TYR B 1 27 ? -14.494 11.483  -11.050 0.54 21.29 ? 27  TYR B OH  1 
ATOM   465 O  OH  B TYR B 1 27 ? -13.797 12.833  -11.553 0.46 14.40 ? 27  TYR B OH  1 
ATOM   466 N  N   . CYS B 1 28 ? -10.258 10.010  -4.293  1.00 9.50  ? 28  CYS B N   1 
ATOM   467 C  CA  . CYS B 1 28 ? -9.259  9.524   -3.409  1.00 9.08  ? 28  CYS B CA  1 
ATOM   468 C  C   . CYS B 1 28 ? -7.892  10.020  -3.778  1.00 9.15  ? 28  CYS B C   1 
ATOM   469 O  O   . CYS B 1 28 ? -7.548  10.153  -4.951  1.00 10.70 ? 28  CYS B O   1 
ATOM   470 C  CB  . CYS B 1 28 ? -9.260  7.989   -3.428  1.00 8.60  ? 28  CYS B CB  1 
ATOM   471 S  SG  . CYS B 1 28 ? -10.861 7.231   -3.003  1.00 9.74  ? 28  CYS B SG  1 
ATOM   472 N  N   . GLY B 1 29 ? -6.986  10.236  -2.761  1.00 9.37  ? 29  GLY B N   1 
ATOM   473 C  CA  . GLY B 1 29 ? -5.648  10.610  -3.020  1.00 10.64 ? 29  GLY B CA  1 
ATOM   474 C  C   . GLY B 1 29 ? -4.735  10.489  -1.864  1.00 11.50 ? 29  GLY B C   1 
ATOM   475 O  O   . GLY B 1 29 ? -5.155  10.031  -0.780  1.00 10.85 ? 29  GLY B O   1 
ATOM   476 O  OXT . GLY B 1 29 ? -3.569  10.924  -2.034  1.00 15.74 ? 29  GLY B OXT 1 
HETATM 477 ZN ZN  . ZN  C 2 .  ? 1.040   3.228   6.605   0.50 8.59  ? 201 ZN  A ZN  1 
HETATM 478 C  C1  . GOL D 3 .  ? 3.667   -11.302 1.884   0.60 12.51 ? 202 GOL A C1  1 
HETATM 479 O  O1  . GOL D 3 .  ? 3.831   -9.875  1.952   0.60 15.65 ? 202 GOL A O1  1 
HETATM 480 C  C2  . GOL D 3 .  ? 2.611   -11.783 2.810   0.60 12.46 ? 202 GOL A C2  1 
HETATM 481 O  O2  . GOL D 3 .  ? 1.341   -11.272 2.397   0.60 12.87 ? 202 GOL A O2  1 
HETATM 482 C  C3  . GOL D 3 .  ? 2.836   -11.443 4.254   0.60 15.09 ? 202 GOL A C3  1 
HETATM 483 O  O3  . GOL D 3 .  ? 1.738   -11.854 5.127   0.60 15.32 ? 202 GOL A O3  1 
HETATM 484 S  S   . SO4 E 4 .  ? -2.785  0.966   8.627   0.16 13.47 ? 205 SO4 B S   1 
HETATM 485 O  O1  . SO4 E 4 .  ? -2.884  1.671   7.312   0.32 17.85 ? 205 SO4 B O1  1 
HETATM 486 O  O2  . SO4 E 4 .  ? -3.156  -0.486  8.441   0.32 19.82 ? 205 SO4 B O2  1 
HETATM 487 C  C1  . MRD F 5 .  ? -5.842  13.110  -10.659 0.50 25.05 ? 204 MRD B C1  1 
HETATM 488 C  C2  . MRD F 5 .  ? -6.000  12.716  -9.176  0.50 18.97 ? 204 MRD B C2  1 
HETATM 489 O  O2  . MRD F 5 .  ? -4.887  13.227  -8.484  0.50 29.25 ? 204 MRD B O2  1 
HETATM 490 C  CM  . MRD F 5 .  ? -7.330  13.192  -8.666  0.50 26.09 ? 204 MRD B CM  1 
HETATM 491 C  C3  . MRD F 5 .  ? -5.767  11.215  -9.101  0.50 18.36 ? 204 MRD B C3  1 
HETATM 492 C  C4  . MRD F 5 .  ? -6.061  10.629  -7.771  0.50 17.90 ? 204 MRD B C4  1 
HETATM 493 O  O4  . MRD F 5 .  ? -5.651  11.367  -6.617  0.50 15.45 ? 204 MRD B O4  1 
HETATM 494 C  C5  . MRD F 5 .  ? -5.472  9.209   -7.789  0.50 20.12 ? 204 MRD B C5  1 
HETATM 495 C  C1  . GOL G 3 .  ? -20.316 9.319   -5.229  0.45 27.27 ? 203 GOL B C1  1 
HETATM 496 O  O1  . GOL G 3 .  ? -21.408 9.694   -4.352  0.45 31.36 ? 203 GOL B O1  1 
HETATM 497 C  C2  . GOL G 3 .  ? -19.805 7.940   -4.900  0.45 23.92 ? 203 GOL B C2  1 
HETATM 498 O  O2  . GOL G 3 .  ? -20.893 6.987   -4.890  0.45 45.11 ? 203 GOL B O2  1 
HETATM 499 C  C3  . GOL G 3 .  ? -19.134 7.904   -3.566  0.45 17.70 ? 203 GOL B C3  1 
HETATM 500 O  O3  . GOL G 3 .  ? -18.351 6.723   -3.396  0.45 18.97 ? 203 GOL B O3  1 
HETATM 501 O  O   . HOH H 6 .  ? 7.162   -6.742  -0.645  1.00 11.31 ? 302 HOH A O   1 
HETATM 502 O  O   . HOH H 6 .  ? 4.002   4.210   3.703   1.00 12.81 ? 303 HOH A O   1 
HETATM 503 O  O   . HOH H 6 .  ? 6.752   -12.032 0.190   1.00 14.92 ? 306 HOH A O   1 
HETATM 504 O  O   . HOH H 6 .  ? 12.136  -8.022  -3.981  1.00 17.15 ? 307 HOH A O   1 
HETATM 505 O  O   . HOH H 6 .  ? 5.034   -8.275  -0.835  1.00 22.16 ? 308 HOH A O   1 
HETATM 506 O  O   . HOH H 6 .  ? -0.355  -1.390  11.408  1.00 17.95 ? 309 HOH A O   1 
HETATM 507 O  O   . HOH H 6 .  ? 0.736   -8.957  3.758   1.00 19.42 ? 310 HOH A O   1 
HETATM 508 O  O   . HOH H 6 .  ? 11.694  -0.365  7.156   1.00 19.10 ? 311 HOH A O   1 
HETATM 509 O  O   . HOH H 6 .  ? 8.836   -0.936  3.476   1.00 17.46 ? 313 HOH A O   1 
HETATM 510 O  O   . HOH H 6 .  ? 15.461  -0.726  6.974   1.00 19.22 ? 315 HOH A O   1 
HETATM 511 O  O   . HOH H 6 .  ? 6.331   -0.070  -3.214  1.00 33.34 ? 318 HOH A O   1 
HETATM 512 O  O   . HOH H 6 .  ? 15.445  -15.360 0.070   1.00 24.58 ? 319 HOH A O   1 
HETATM 513 O  O   . HOH H 6 .  ? 5.199   2.957   1.510   1.00 25.22 ? 322 HOH A O   1 
HETATM 514 O  O   . HOH H 6 .  ? 8.435   0.963   0.085   1.00 33.50 ? 329 HOH A O   1 
HETATM 515 O  O   . HOH H 6 .  ? -1.528  -5.243  4.258   1.00 34.11 ? 330 HOH A O   1 
HETATM 516 O  O   . HOH H 6 .  ? 2.071   -8.024  5.763   1.00 20.93 ? 332 HOH A O   1 
HETATM 517 O  O   . HOH H 6 .  ? 14.369  -8.698  9.650   1.00 32.38 ? 333 HOH A O   1 
HETATM 518 O  O   . HOH H 6 .  ? 14.862  2.933   1.623   1.00 26.29 ? 334 HOH A O   1 
HETATM 519 O  O   . HOH H 6 .  ? 11.269  -0.105  2.433   1.00 27.89 ? 335 HOH A O   1 
HETATM 520 O  O   . HOH H 6 .  ? 16.833  -3.609  5.768   1.00 35.90 ? 336 HOH A O   1 
HETATM 521 O  O   . HOH H 6 .  ? -2.327  -4.067  9.215   1.00 30.06 ? 338 HOH A O   1 
HETATM 522 O  O   . HOH H 6 .  ? -2.061  2.825   14.370  1.00 43.38 ? 340 HOH A O   1 
HETATM 523 O  O   . HOH H 6 .  ? 19.339  -1.693  0.216   1.00 24.15 ? 343 HOH A O   1 
HETATM 524 O  O   . HOH H 6 .  ? 16.447  -0.946  3.333   1.00 24.18 ? 345 HOH A O   1 
HETATM 525 O  O   . HOH H 6 .  ? 13.836  0.802   3.249   1.00 26.64 ? 346 HOH A O   1 
HETATM 526 O  O   . HOH H 6 .  ? 0.341   -6.108  6.928   0.50 18.86 ? 348 HOH A O   1 
HETATM 527 O  O   . HOH H 6 .  ? 10.897  -17.318 -4.252  0.50 15.28 ? 350 HOH A O   1 
HETATM 528 O  O   . HOH H 6 .  ? 15.010  -18.629 0.626   0.50 33.10 ? 351 HOH A O   1 
HETATM 529 O  O   . HOH H 6 .  ? 10.645  -13.784 5.612   0.70 23.58 ? 352 HOH A O   1 
HETATM 530 O  O   . HOH H 6 .  ? 10.704  -0.264  -0.124  0.50 22.59 ? 356 HOH A O   1 
HETATM 531 O  O   . HOH H 6 .  ? -1.309  1.145   12.234  0.50 19.06 ? 357 HOH A O   1 
HETATM 532 O  O   . HOH H 6 .  ? -1.747  -8.471  4.951   0.50 23.05 ? 361 HOH A O   1 
HETATM 533 O  O   . HOH H 6 .  ? 14.291  -19.015 3.167   0.46 20.63 ? 362 HOH A O   1 
HETATM 534 O  O   . HOH H 6 .  ? -3.714  -3.658  5.030   0.50 32.25 ? 364 HOH A O   1 
HETATM 535 O  O   . HOH H 6 .  ? 4.666   2.902   -0.941  0.50 27.94 ? 365 HOH A O   1 
HETATM 536 O  O   . HOH H 6 .  ? 20.581  -6.824  -5.115  0.50 36.09 ? 367 HOH A O   1 
HETATM 537 O  O   . HOH H 6 .  ? -0.472  -13.423 2.681   0.65 13.54 ? 368 HOH A O   1 
HETATM 538 O  O   . HOH H 6 .  ? 7.174   -13.325 4.809   0.50 25.40 ? 369 HOH A O   1 
HETATM 539 O  O   . HOH H 6 .  ? 17.199  -13.871 -3.115  0.50 27.71 ? 374 HOH A O   1 
HETATM 540 O  O   . HOH I 6 .  ? -15.029 4.517   -4.196  1.00 12.86 ? 301 HOH B O   1 
HETATM 541 O  O   . HOH I 6 .  ? -8.594  8.497   -6.885  1.00 11.58 ? 304 HOH B O   1 
HETATM 542 O  O   . HOH I 6 .  ? -8.565  4.840   -3.396  1.00 11.76 ? 305 HOH B O   1 
HETATM 543 O  O   . HOH I 6 .  ? -1.796  9.941   -4.435  1.00 19.60 ? 312 HOH B O   1 
HETATM 544 O  O   . HOH I 6 .  ? 3.567   9.080   5.032   1.00 15.99 ? 314 HOH B O   1 
HETATM 545 O  O   . HOH I 6 .  ? -17.256 7.801   -11.890 1.00 21.35 ? 316 HOH B O   1 
HETATM 546 O  O   . HOH I 6 .  ? -6.758  5.545   -5.208  1.00 25.03 ? 317 HOH B O   1 
HETATM 547 O  O   . HOH I 6 .  ? -16.875 12.449  -6.550  1.00 19.46 ? 320 HOH B O   1 
HETATM 548 O  O   . HOH I 6 .  ? -0.133  8.019   -3.780  1.00 21.11 ? 321 HOH B O   1 
HETATM 549 O  O   . HOH I 6 .  ? -7.774  7.024   6.473   1.00 20.83 ? 323 HOH B O   1 
HETATM 550 O  O   . HOH I 6 .  ? 1.367   11.313  2.691   1.00 16.52 ? 324 HOH B O   1 
HETATM 551 O  O   . HOH I 6 .  ? -19.706 7.003   -0.114  1.00 21.50 ? 325 HOH B O   1 
HETATM 552 O  O   . HOH I 6 .  ? -7.281  -1.432  0.202   1.00 31.91 ? 326 HOH B O   1 
HETATM 553 O  O   . HOH I 6 .  ? -18.948 5.018   2.773   1.00 24.95 ? 327 HOH B O   1 
HETATM 554 O  O   . HOH I 6 .  ? -7.682  5.235   4.087   1.00 28.80 ? 328 HOH B O   1 
HETATM 555 O  O   . HOH I 6 .  ? -11.271 13.288  4.144   1.00 36.03 ? 331 HOH B O   1 
HETATM 556 O  O   . HOH I 6 .  ? -13.301 10.580  5.583   1.00 35.52 ? 337 HOH B O   1 
HETATM 557 O  O   . HOH I 6 .  ? 0.865   8.362   -0.918  1.00 44.52 ? 339 HOH B O   1 
HETATM 558 O  O   . HOH I 6 .  ? -20.580 7.297   2.390   1.00 26.14 ? 341 HOH B O   1 
HETATM 559 O  O   . HOH I 6 .  ? -18.241 5.458   7.750   1.00 24.47 ? 342 HOH B O   1 
HETATM 560 O  O   . HOH I 6 .  ? -11.799 5.108   7.221   1.00 25.87 ? 344 HOH B O   1 
HETATM 561 O  O   . HOH I 6 .  ? -2.268  0.779   6.945   0.68 13.54 ? 347 HOH B O   1 
HETATM 562 O  O   . HOH I 6 .  ? -18.998 8.269   8.406   0.50 20.90 ? 349 HOH B O   1 
HETATM 563 O  O   . HOH I 6 .  ? -10.328 2.526   3.287   0.50 28.53 ? 353 HOH B O   1 
HETATM 564 O  O   . HOH I 6 .  ? -10.374 3.593   5.838   0.50 25.40 ? 354 HOH B O   1 
HETATM 565 O  O   . HOH I 6 .  ? -18.121 4.398   5.362   0.50 12.72 ? 355 HOH B O   1 
HETATM 566 O  O   . HOH I 6 .  ? 3.883   5.576   -1.114  0.50 30.40 ? 358 HOH B O   1 
HETATM 567 O  O   . HOH I 6 .  ? -8.214  2.540   7.150   0.60 27.47 ? 359 HOH B O   1 
HETATM 568 O  O   . HOH I 6 .  ? -12.085 1.019   1.719   0.50 18.49 ? 360 HOH B O   1 
HETATM 569 O  O   . HOH I 6 .  ? 4.593   8.107   1.092   0.60 24.39 ? 363 HOH B O   1 
HETATM 570 O  O   . HOH I 6 .  ? -11.816 15.802  3.004   0.50 38.19 ? 366 HOH B O   1 
HETATM 571 O  O   . HOH I 6 .  ? -10.478 11.746  6.850   0.60 38.47 ? 370 HOH B O   1 
HETATM 572 O  O   . HOH I 6 .  ? -20.374 7.895   -2.839  0.50 18.68 ? 371 HOH B O   1 
HETATM 573 O  O   . HOH I 6 .  ? -8.535  1.238   3.200   0.50 23.76 ? 372 HOH B O   1 
HETATM 574 O  O   . HOH I 6 .  ? -14.948 10.017  -12.373 0.50 25.43 ? 373 HOH B O   1 
HETATM 575 O  O   . HOH I 6 .  ? 1.717   4.976   -2.367  0.50 21.86 ? 375 HOH B O   1 
HETATM 576 O  O   . HOH I 6 .  ? 3.762   10.236  1.943   0.60 33.90 ? 376 HOH B O   1 
# 
loop_
_atom_site_anisotrop.id 
_atom_site_anisotrop.type_symbol 
_atom_site_anisotrop.pdbx_label_atom_id 
_atom_site_anisotrop.pdbx_label_alt_id 
_atom_site_anisotrop.pdbx_label_comp_id 
_atom_site_anisotrop.pdbx_label_asym_id 
_atom_site_anisotrop.pdbx_label_seq_id 
_atom_site_anisotrop.pdbx_PDB_ins_code 
_atom_site_anisotrop.U[1][1] 
_atom_site_anisotrop.U[2][2] 
_atom_site_anisotrop.U[3][3] 
_atom_site_anisotrop.U[1][2] 
_atom_site_anisotrop.U[1][3] 
_atom_site_anisotrop.U[2][3] 
_atom_site_anisotrop.pdbx_auth_seq_id 
_atom_site_anisotrop.pdbx_auth_comp_id 
_atom_site_anisotrop.pdbx_auth_asym_id 
_atom_site_anisotrop.pdbx_auth_atom_id 
1   N  N   . ARG A 1  ? 0.1238 0.3709 0.2193 -0.0239 0.0282  -0.1713 1   ARG A N   
2   C  CA  . ARG A 1  ? 0.1312 0.2274 0.1611 -0.0150 0.0077  -0.0943 1   ARG A CA  
3   C  C   . ARG A 1  ? 0.1673 0.2027 0.1644 -0.0221 -0.0076 -0.0913 1   ARG A C   
4   O  O   . ARG A 1  ? 0.2877 0.3204 0.1873 -0.1462 0.0045  -0.1043 1   ARG A O   
5   C  CB  . ARG A 1  ? 0.1570 0.1909 0.1286 -0.0133 0.0243  -0.0671 1   ARG A CB  
6   C  CG  . ARG A 1  ? 0.1486 0.1586 0.1162 -0.0033 0.0121  -0.0560 1   ARG A CG  
7   C  CD  . ARG A 1  ? 0.1543 0.1494 0.1088 -0.0083 0.0156  -0.0446 1   ARG A CD  
8   N  NE  . ARG A 1  ? 0.1648 0.1570 0.1138 -0.0101 0.0429  -0.0337 1   ARG A NE  
9   C  CZ  . ARG A 1  ? 0.1853 0.1505 0.1016 0.0069  0.0290  -0.0258 1   ARG A CZ  
10  N  NH1 . ARG A 1  ? 0.1783 0.1295 0.0968 0.0035  0.0274  -0.0300 1   ARG A NH1 
11  N  NH2 . ARG A 1  ? 0.2548 0.1541 0.1570 -0.0008 0.0823  -0.0067 1   ARG A NH2 
12  N  N   . VAL A 2  ? 0.1290 0.1718 0.1603 0.0198  -0.0132 -0.0873 2   VAL A N   
13  C  CA  . VAL A 2  ? 0.1278 0.1710 0.1611 0.0091  -0.0258 -0.0842 2   VAL A CA  
14  C  C   . VAL A 2  ? 0.1326 0.1718 0.1247 0.0052  -0.0183 -0.0658 2   VAL A C   
15  O  O   . VAL A 2  ? 0.1477 0.1786 0.1212 -0.0110 -0.0010 -0.0520 2   VAL A O   
16  C  CB  . VAL A 2  ? 0.2125 0.2268 0.1806 0.0675  -0.0731 -0.0816 2   VAL A CB  
17  C  CG1 . VAL A 2  ? 0.2401 0.3171 0.1869 0.0767  -0.0890 -0.1106 2   VAL A CG1 
18  C  CG2 . VAL A 2  ? 0.2774 0.3127 0.2953 0.1608  -0.1288 -0.1722 2   VAL A CG2 
19  N  N   . CYS A 3  ? 0.1306 0.1772 0.1722 -0.0124 0.0218  -0.0941 3   CYS A N   
20  C  CA  . CYS A 3  ? 0.1475 0.1832 0.1662 -0.0026 0.0253  -0.0933 3   CYS A CA  
21  C  C   . CYS A 3  ? 0.1383 0.1423 0.1677 -0.0028 0.0156  -0.0614 3   CYS A C   
22  O  O   . CYS A 3  ? 0.1619 0.1914 0.1811 -0.0368 0.0207  -0.0648 3   CYS A O   
23  C  CB  . CYS A 3  ? 0.1473 0.2155 0.1779 0.0051  0.0144  -0.0975 3   CYS A CB  
24  S  SG  . CYS A 3  ? 0.1514 0.1666 0.1959 -0.0188 0.0202  -0.0622 3   CYS A SG  
25  N  N   . PRO A 4  ? 0.1507 0.1206 0.1632 -0.0046 0.0052  -0.0614 4   PRO A N   
26  C  CA  . PRO A 4  ? 0.1774 0.1148 0.1642 0.0108  -0.0216 -0.0494 4   PRO A CA  
27  C  C   . PRO A 4  ? 0.1404 0.1100 0.1399 -0.0001 0.0141  -0.0503 4   PRO A C   
28  O  O   . PRO A 4  ? 0.1417 0.1092 0.1682 -0.0053 -0.0004 -0.0424 4   PRO A O   
29  C  CB  . PRO A 4  ? 0.3144 0.1098 0.1600 0.0243  0.0003  -0.0402 4   PRO A CB  
30  C  CG  . PRO A 4  ? 0.2852 0.3844 0.1740 -0.1357 -0.0274 0.0266  4   PRO A CG  
31  C  CD  . PRO A 4  ? 0.1641 0.1147 0.1995 0.0100  0.0084  -0.0332 4   PRO A CD  
32  N  N   . ARG A 5  ? 0.1443 0.1095 0.1679 0.0044  -0.0131 -0.0457 5   ARG A N   
33  C  CA  A ARG A 5  ? 0.1219 0.1126 0.1774 0.0035  -0.0011 -0.0633 5   ARG A CA  
34  C  CA  B ARG A 5  ? 0.1428 0.1099 0.1731 -0.0016 0.0176  -0.0455 5   ARG A CA  
35  C  C   . ARG A 5  ? 0.1321 0.1018 0.1632 -0.0034 0.0088  -0.0403 5   ARG A C   
36  O  O   . ARG A 5  ? 0.1537 0.1445 0.1834 -0.0301 0.0130  -0.0597 5   ARG A O   
37  C  CB  A ARG A 5  ? 0.1430 0.1298 0.2083 -0.0091 0.0299  -0.0505 5   ARG A CB  
38  C  CB  B ARG A 5  ? 0.1570 0.1355 0.1339 -0.0211 0.0208  -0.0081 5   ARG A CB  
39  C  CG  A ARG A 5  ? 0.1606 0.1279 0.1979 -0.0115 0.0298  -0.0394 5   ARG A CG  
40  C  CG  B ARG A 5  ? 0.1738 0.1726 0.1445 -0.0226 0.0326  -0.0179 5   ARG A CG  
41  C  CD  A ARG A 5  ? 0.1525 0.1967 0.2196 -0.0261 0.0331  -0.0634 5   ARG A CD  
42  C  CD  B ARG A 5  ? 0.1466 0.1813 0.1309 -0.0185 0.0549  -0.0152 5   ARG A CD  
43  N  NE  A ARG A 5  ? 0.1901 0.1951 0.1655 -0.0238 0.0346  -0.0127 5   ARG A NE  
44  N  NE  B ARG A 5  ? 0.2109 0.1775 0.1342 -0.0238 0.0264  -0.0109 5   ARG A NE  
45  C  CZ  A ARG A 5  ? 0.2022 0.1733 0.1653 -0.0556 -0.0042 0.0138  5   ARG A CZ  
46  C  CZ  B ARG A 5  ? 0.1700 0.1628 0.1065 -0.0105 0.0468  -0.0441 5   ARG A CZ  
47  N  NH1 A ARG A 5  ? 0.2152 0.2947 0.3604 -0.0345 -0.0377 0.1166  5   ARG A NH1 
48  N  NH1 B ARG A 5  ? 0.1730 0.1889 0.1527 -0.0550 0.0464  -0.0625 5   ARG A NH1 
49  N  NH2 A ARG A 5  ? 0.2862 0.3043 0.1753 -0.0622 0.0817  0.0281  5   ARG A NH2 
50  N  NH2 B ARG A 5  ? 0.2148 0.1626 0.1089 -0.0053 0.0473  -0.0334 5   ARG A NH2 
51  N  N   . ILE A 6  ? 0.1361 0.1061 0.1698 -0.0014 0.0158  -0.0479 6   ILE A N   
52  C  CA  . ILE A 6  ? 0.1357 0.1152 0.1629 -0.0117 0.0132  -0.0549 6   ILE A CA  
53  C  C   . ILE A 6  ? 0.1373 0.1205 0.1667 -0.0037 0.0192  -0.0555 6   ILE A C   
54  O  O   . ILE A 6  ? 0.1375 0.1577 0.2073 0.0001  -0.0010 -0.0933 6   ILE A O   
55  C  CB  . ILE A 6  ? 0.1644 0.1359 0.1739 -0.0125 0.0166  -0.0319 6   ILE A CB  
56  C  CG1 . ILE A 6  ? 0.1897 0.1445 0.1940 -0.0094 0.0063  -0.0135 6   ILE A CG1 
57  C  CG2 . ILE A 6  ? 0.1863 0.2031 0.1791 -0.0082 0.0344  -0.0210 6   ILE A CG2 
58  C  CD1 . ILE A 6  ? 0.3113 0.1573 0.2281 -0.0067 -0.0348 0.0098  6   ILE A CD1 
59  N  N   . LEU A 7  ? 0.1424 0.1117 0.1506 -0.0094 0.0264  -0.0447 7   LEU A N   
60  C  CA  . LEU A 7  ? 0.1424 0.1135 0.1584 -0.0041 0.0374  -0.0294 7   LEU A CA  
61  C  C   . LEU A 7  ? 0.1491 0.1007 0.1516 -0.0048 0.0300  -0.0245 7   LEU A C   
62  O  O   . LEU A 7  ? 0.1683 0.1273 0.1386 -0.0127 0.0269  -0.0229 7   LEU A O   
63  C  CB  . LEU A 7  ? 0.1611 0.1091 0.1922 -0.0095 0.0362  -0.0357 7   LEU A CB  
64  C  CG  . LEU A 7  ? 0.1785 0.1096 0.2168 -0.0074 0.0204  -0.0152 7   LEU A CG  
65  C  CD1 . LEU A 7  ? 0.2258 0.1735 0.2178 -0.0176 -0.0084 0.0016  7   LEU A CD1 
66  C  CD2 . LEU A 7  ? 0.2073 0.1141 0.2565 0.0086  0.0112  -0.0337 7   LEU A CD2 
67  N  N   . LEU A 8  ? 0.1455 0.1048 0.1244 -0.0031 0.0344  -0.0125 8   LEU A N   
68  C  CA  . LEU A 8  ? 0.1419 0.1022 0.1350 -0.0028 0.0283  -0.0292 8   LEU A CA  
69  C  C   . LEU A 8  ? 0.1477 0.1190 0.1428 -0.0016 0.0244  -0.0343 8   LEU A C   
70  O  O   . LEU A 8  ? 0.1520 0.1511 0.1393 0.0136  0.0250  -0.0162 8   LEU A O   
71  C  CB  . LEU A 8  ? 0.2034 0.0986 0.1467 -0.0087 0.0333  -0.0128 8   LEU A CB  
72  C  CG  . LEU A 8  ? 0.2338 0.1283 0.1580 0.0176  0.0410  -0.0055 8   LEU A CG  
73  C  CD1 . LEU A 8  ? 0.3792 0.1353 0.1970 0.0869  0.1047  0.0079  8   LEU A CD1 
74  C  CD2 . LEU A 8  ? 0.3032 0.1543 0.1371 0.0054  0.0580  -0.0263 8   LEU A CD2 
75  N  N   . GLU A 9  ? 0.1457 0.1381 0.1420 0.0152  0.0212  -0.0382 9   GLU A N   
76  C  CA  . GLU A 9  ? 0.1513 0.1465 0.1496 -0.0020 0.0180  -0.0441 9   GLU A CA  
77  C  C   . GLU A 9  ? 0.1573 0.1475 0.1361 0.0019  0.0255  -0.0376 9   GLU A C   
78  O  O   . GLU A 9  ? 0.1782 0.1385 0.1629 0.0044  0.0157  -0.0316 9   GLU A O   
79  C  CB  . GLU A 9  ? 0.1603 0.1529 0.1729 0.0297  0.0008  -0.0476 9   GLU A CB  
80  C  CG  . GLU A 9  ? 0.2076 0.1550 0.1811 0.0212  0.0160  -0.0393 9   GLU A CG  
81  C  CD  . GLU A 9  ? 0.2504 0.1515 0.2024 0.0509  0.0036  -0.0457 9   GLU A CD  
82  O  OE1 . GLU A 9  ? 0.3199 0.1545 0.1606 0.0233  0.0332  -0.0163 9   GLU A OE1 
83  O  OE2 . GLU A 9  ? 0.2678 0.2910 0.3589 0.1210  -0.0337 -0.1314 9   GLU A OE2 
84  N  N   . CYS A 10 ? 0.1302 0.1356 0.1682 0.0124  0.0114  -0.0378 10  CYS A N   
85  C  CA  . CYS A 10 ? 0.1205 0.1579 0.1679 0.0127  0.0066  -0.0305 10  CYS A CA  
86  C  C   . CYS A 10 ? 0.1181 0.1709 0.1868 0.0128  0.0090  -0.0384 10  CYS A C   
87  O  O   . CYS A 10 ? 0.1453 0.1743 0.2739 0.0280  -0.0290 -0.0108 10  CYS A O   
88  C  CB  . CYS A 10 ? 0.1208 0.1285 0.1643 0.0035  0.0109  -0.0220 10  CYS A CB  
89  S  SG  . CYS A 10 ? 0.1507 0.1368 0.1715 0.0043  0.0132  -0.0189 10  CYS A SG  
90  N  N   . LYS A 11 ? 0.1118 0.1831 0.2450 0.0020  0.0047  -0.0482 11  LYS A N   
91  C  CA  . LYS A 11 ? 0.1398 0.1908 0.2545 -0.0137 -0.0178 -0.0279 11  LYS A CA  
92  C  C   . LYS A 11 ? 0.1239 0.2214 0.2743 0.0038  -0.0506 -0.0439 11  LYS A C   
93  O  O   . LYS A 11 ? 0.2211 0.2453 0.2955 0.0038  -0.1002 -0.0459 11  LYS A O   
94  C  CB  . LYS A 11 ? 0.1075 0.4474 0.4166 -0.0076 0.0094  -0.1447 11  LYS A CB  
95  C  CG  . LYS A 11 ? 0.2548 0.5471 0.5508 0.1893  0.0421  -0.1978 11  LYS A CG  
96  C  CD  . LYS A 11 ? 0.4966 0.5361 0.9416 0.2257  -0.1424 -0.2450 11  LYS A CD  
97  C  CE  . LYS A 11 ? 0.4777 0.7443 1.2444 0.4141  -0.0825 -0.1870 11  LYS A CE  
98  N  NZ  . LYS A 11 ? 0.5402 0.8026 1.5050 0.5148  0.0578  -0.0598 11  LYS A NZ  
99  N  N   . LYS A 12 ? 0.1390 0.1912 0.2658 -0.0064 -0.0265 -0.0462 12  LYS A N   
100 C  CA  . LYS A 12 ? 0.1629 0.2050 0.2333 -0.0213 -0.0502 -0.0658 12  LYS A CA  
101 C  C   . LYS A 12 ? 0.1600 0.1511 0.1780 -0.0329 -0.0117 -0.0371 12  LYS A C   
102 O  O   . LYS A 12 ? 0.1393 0.1540 0.1556 -0.0296 -0.0024 -0.0233 12  LYS A O   
103 C  CB  . LYS A 12 ? 0.1582 0.2201 0.3388 -0.0390 -0.0008 -0.0881 12  LYS A CB  
104 C  CG  . LYS A 12 ? 0.1795 0.3114 0.5286 -0.0423 0.0402  -0.1407 12  LYS A CG  
105 C  CD  . LYS A 12 ? 0.1935 0.5374 0.7110 0.0581  -0.0987 -0.1895 12  LYS A CD  
106 C  CE  . LYS A 12 ? 0.2155 0.7199 0.9341 0.1047  -0.0346 -0.1220 12  LYS A CE  
107 N  NZ  . LYS A 12 ? 0.3565 0.8800 1.3541 0.0371  0.2309  0.2353  12  LYS A NZ  
108 N  N   . ASP A 13 ? 0.1595 0.1857 0.1465 -0.0469 -0.0116 -0.0353 13  ASP A N   
109 C  CA  . ASP A 13 ? 0.1783 0.1435 0.1318 -0.0301 0.0062  -0.0230 13  ASP A CA  
110 C  C   . ASP A 13 ? 0.1620 0.1568 0.1251 -0.0417 0.0075  -0.0294 13  ASP A C   
111 O  O   . ASP A 13 ? 0.1565 0.1563 0.1257 -0.0261 0.0117  -0.0324 13  ASP A O   
112 C  CB  . ASP A 13 ? 0.2028 0.1677 0.1276 -0.0400 0.0067  -0.0318 13  ASP A CB  
113 C  CG  . ASP A 13 ? 0.2390 0.1540 0.1346 -0.0176 -0.0092 -0.0294 13  ASP A CG  
114 O  OD1 . ASP A 13 ? 0.3159 0.1671 0.1275 0.0121  -0.0199 -0.0255 13  ASP A OD1 
115 O  OD2 . ASP A 13 ? 0.1870 0.1604 0.1435 -0.0271 0.0008  -0.0232 13  ASP A OD2 
116 N  N   . SER A 14 ? 0.1734 0.1602 0.1515 -0.0517 -0.0039 -0.0107 14  SER A N   
117 C  CA  . SER A 14 ? 0.1743 0.1475 0.1780 -0.0332 0.0144  0.0048  14  SER A CA  
118 C  C   . SER A 14 ? 0.1510 0.1563 0.1288 -0.0107 0.0380  0.0000  14  SER A C   
119 O  O   . SER A 14 ? 0.2456 0.1662 0.1276 0.0140  0.0451  0.0055  14  SER A O   
120 C  CB  . SER A 14 ? 0.1979 0.2324 0.2671 -0.0888 -0.0241 0.0766  14  SER A CB  
121 O  OG  . SER A 14 ? 0.1475 0.3760 0.3503 -0.0503 0.0099  0.1518  14  SER A OG  
122 N  N   . ASP A 15 ? 0.1309 0.1578 0.1378 -0.0082 0.0354  -0.0013 15  ASP A N   
123 C  CA  . ASP A 15 ? 0.1432 0.1585 0.1383 -0.0031 0.0458  -0.0120 15  ASP A CA  
124 C  C   . ASP A 15 ? 0.1391 0.1469 0.1075 -0.0002 0.0308  -0.0102 15  ASP A C   
125 O  O   . ASP A 15 ? 0.1777 0.1926 0.1276 0.0041  0.0275  -0.0694 15  ASP A O   
126 C  CB  . ASP A 15 ? 0.1542 0.1796 0.1570 0.0247  0.0476  -0.0053 15  ASP A CB  
127 C  CG  . ASP A 15 ? 0.1666 0.2081 0.2923 0.0366  0.0983  0.0425  15  ASP A CG  
128 O  OD1 . ASP A 15 ? 0.1430 0.2251 0.2997 0.0121  0.0461  0.0062  15  ASP A OD1 
129 O  OD2 . ASP A 15 ? 0.2127 0.2326 0.3582 0.0470  0.1520  0.0788  15  ASP A OD2 
130 N  N   . CYS A 16 ? 0.1282 0.1340 0.0938 -0.0063 0.0199  -0.0222 16  CYS A N   
131 C  CA  . CYS A 16 ? 0.1206 0.1090 0.0967 -0.0052 0.0114  -0.0211 16  CYS A CA  
132 C  C   . CYS A 16 ? 0.1320 0.1029 0.1027 -0.0070 0.0166  -0.0185 16  CYS A C   
133 O  O   . CYS A 16 ? 0.1571 0.1096 0.1641 -0.0118 0.0141  -0.0062 16  CYS A O   
134 C  CB  . CYS A 16 ? 0.1209 0.1301 0.1117 0.0016  0.0140  -0.0051 16  CYS A CB  
135 S  SG  . CYS A 16 ? 0.1356 0.1313 0.1318 -0.0003 0.0048  0.0035  16  CYS A SG  
136 N  N   . LEU A 17 ? 0.1310 0.0988 0.1119 0.0061  0.0078  -0.0175 17  LEU A N   
137 C  CA  . LEU A 17 ? 0.1481 0.1066 0.1003 0.0136  0.0061  -0.0121 17  LEU A CA  
138 C  C   . LEU A 17 ? 0.1398 0.1166 0.1006 0.0148  0.0011  -0.0130 17  LEU A C   
139 O  O   . LEU A 17 ? 0.1661 0.1163 0.0961 0.0277  0.0165  -0.0095 17  LEU A O   
140 C  CB  . LEU A 17 ? 0.1458 0.1456 0.1120 0.0127  0.0023  -0.0326 17  LEU A CB  
141 C  CG  . LEU A 17 ? 0.1887 0.1913 0.1144 0.0590  -0.0177 -0.0478 17  LEU A CG  
142 C  CD1 . LEU A 17 ? 0.2604 0.2535 0.1858 0.0358  -0.0476 -0.1285 17  LEU A CD1 
143 C  CD2 . LEU A 17 ? 0.2685 0.2723 0.1176 0.0727  0.0541  -0.0130 17  LEU A CD2 
144 N  N   . ALA A 18 ? 0.1682 0.1037 0.1062 0.0067  0.0074  -0.0104 18  ALA A N   
145 C  CA  . ALA A 18 ? 0.1645 0.1064 0.0994 0.0233  -0.0110 -0.0177 18  ALA A CA  
146 C  C   . ALA A 18 ? 0.1511 0.1012 0.1038 0.0160  -0.0136 -0.0302 18  ALA A C   
147 O  O   . ALA A 18 ? 0.1646 0.1232 0.1188 -0.0129 -0.0117 -0.0174 18  ALA A O   
148 C  CB  . ALA A 18 ? 0.1536 0.1545 0.0999 0.0339  -0.0217 -0.0379 18  ALA A CB  
149 N  N   . GLU A 19 ? 0.1256 0.1231 0.0941 0.0258  -0.0146 -0.0346 19  GLU A N   
150 C  CA  . GLU A 19 ? 0.1204 0.1227 0.0976 0.0309  -0.0198 -0.0376 19  GLU A CA  
151 C  C   . GLU A 19 ? 0.1078 0.1087 0.0981 0.0178  -0.0100 -0.0346 19  GLU A C   
152 O  O   . GLU A 19 ? 0.1308 0.1254 0.0928 0.0298  -0.0101 -0.0351 19  GLU A O   
153 C  CB  . GLU A 19 ? 0.1243 0.1180 0.0937 0.0296  -0.0183 -0.0344 19  GLU A CB  
154 C  CG  . GLU A 19 ? 0.1317 0.1251 0.1102 0.0417  -0.0336 -0.0379 19  GLU A CG  
155 C  CD  . GLU A 19 ? 0.1281 0.1157 0.0939 0.0319  -0.0390 -0.0490 19  GLU A CD  
156 O  OE1 . GLU A 19 ? 0.1636 0.1163 0.0925 0.0460  -0.0346 -0.0296 19  GLU A OE1 
157 O  OE2 . GLU A 19 ? 0.1313 0.1160 0.1423 0.0231  -0.0186 -0.0498 19  GLU A OE2 
158 N  N   . CYS A 20 ? 0.1211 0.1174 0.0880 0.0174  0.0023  -0.0293 20  CYS A N   
159 C  CA  . CYS A 20 ? 0.1283 0.0997 0.1050 0.0139  0.0074  -0.0290 20  CYS A CA  
160 C  C   . CYS A 20 ? 0.1225 0.0953 0.0955 0.0155  0.0159  -0.0130 20  CYS A C   
161 O  O   . CYS A 20 ? 0.1392 0.1035 0.1414 0.0033  0.0072  0.0008  20  CYS A O   
162 C  CB  . CYS A 20 ? 0.1260 0.1263 0.1141 0.0154  0.0157  -0.0422 20  CYS A CB  
163 S  SG  . CYS A 20 ? 0.1374 0.1687 0.1434 0.0170  0.0006  -0.0685 20  CYS A SG  
164 N  N   . VAL A 21 ? 0.1360 0.0956 0.0990 0.0129  0.0081  -0.0172 21  VAL A N   
165 C  CA  . VAL A 21 ? 0.1447 0.1186 0.1154 0.0207  -0.0194 -0.0297 21  VAL A CA  
166 C  C   . VAL A 21 ? 0.1448 0.0945 0.1160 0.0095  -0.0176 0.0010  21  VAL A C   
167 O  O   . VAL A 21 ? 0.1338 0.1023 0.1346 0.0160  -0.0116 -0.0072 21  VAL A O   
168 C  CB  A VAL A 21 ? 0.2183 0.1927 0.1173 0.0091  -0.0249 -0.0452 21  VAL A CB  
169 C  CB  B VAL A 21 ? 0.2555 0.1121 0.1176 0.0197  -0.0444 -0.0300 21  VAL A CB  
170 C  CG1 A VAL A 21 ? 0.3012 0.2199 0.1175 0.0341  -0.0231 -0.0920 21  VAL A CG1 
171 C  CG1 B VAL A 21 ? 0.2750 0.1415 0.1032 0.0658  -0.0262 -0.0016 21  VAL A CG1 
172 C  CG2 A VAL A 21 ? 0.1820 0.2426 0.1092 0.0110  0.0090  -0.0244 21  VAL A CG2 
173 C  CG2 B VAL A 21 ? 0.0893 0.1148 0.1860 0.0247  -0.0104 -0.0559 21  VAL A CG2 
174 N  N   . CYS A 22 ? 0.1438 0.1122 0.1159 0.0052  -0.0129 -0.0115 22  CYS A N   
175 C  CA  . CYS A 22 ? 0.1437 0.1291 0.1243 0.0170  -0.0159 -0.0060 22  CYS A CA  
176 C  C   . CYS A 22 ? 0.2029 0.1453 0.1363 0.0265  -0.0476 -0.0011 22  CYS A C   
177 O  O   . CYS A 22 ? 0.2592 0.1955 0.1839 0.0252  -0.1043 -0.0009 22  CYS A O   
178 C  CB  . CYS A 22 ? 0.1288 0.1544 0.1760 0.0141  -0.0161 -0.0259 22  CYS A CB  
179 S  SG  . CYS A 22 ? 0.1568 0.1609 0.1806 0.0394  -0.0109 -0.0083 22  CYS A SG  
180 N  N   . LEU A 23 ? 0.2479 0.1557 0.1451 0.0083  -0.0507 0.0271  23  LEU A N   
181 C  CA  . LEU A 23 ? 0.3390 0.2089 0.1636 0.0006  -0.0464 0.0596  23  LEU A CA  
182 C  C   . LEU A 23 ? 0.4375 0.1200 0.1901 0.0448  -0.0823 0.0476  23  LEU A C   
183 O  O   . LEU A 23 ? 0.3943 0.2624 0.2209 0.1057  -0.0701 0.0538  23  LEU A O   
184 C  CB  . LEU A 23 ? 0.4280 0.3400 0.2273 -0.1117 -0.0687 0.1352  23  LEU A CB  
185 C  CG  . LEU A 23 ? 0.3431 0.5429 0.3327 -0.1192 0.0204  0.1286  23  LEU A CG  
186 C  CD1 . LEU A 23 ? 0.4735 0.9853 0.6822 -0.3824 -0.0131 0.1280  23  LEU A CD1 
187 C  CD2 . LEU A 23 ? 0.9368 0.3248 0.5157 -0.0195 0.3107  0.1951  23  LEU A CD2 
188 N  N   . GLU A 24 ? 0.4390 0.2242 0.2168 0.0808  -0.0784 0.0629  24  GLU A N   
189 C  CA  . GLU A 24 ? 0.3870 0.2135 0.3050 0.0265  -0.1273 0.0393  24  GLU A CA  
190 C  C   . GLU A 24 ? 0.3295 0.3411 0.4883 0.0855  -0.1635 -0.1437 24  GLU A C   
191 O  O   . GLU A 24 ? 0.3517 0.3248 0.3738 0.0983  -0.1254 0.0119  24  GLU A O   
192 C  CB  . GLU A 24 ? 0.3985 0.3547 0.2951 0.0721  -0.1281 -0.0007 24  GLU A CB  
193 C  CG  . GLU A 24 ? 0.5263 0.5982 0.5566 -0.1021 -0.2607 -0.0806 24  GLU A CG  
194 C  CD  . GLU A 24 ? 0.4069 0.8944 0.5564 -0.0386 -0.2184 -0.1307 24  GLU A CD  
195 O  OE1 . GLU A 24 ? 0.4705 1.1424 0.2750 -0.1936 -0.0941 0.0832  24  GLU A OE1 
196 O  OE2 . GLU A 24 ? 0.3960 0.9800 0.5009 -0.0206 -0.1329 -0.3284 24  GLU A OE2 
197 N  N   . HIS A 25 ? 0.4252 0.2080 0.2069 0.0307  -0.0081 -0.0441 25  HIS A N   
198 C  CA  . HIS A 25 ? 0.3880 0.2012 0.2264 0.0586  0.0036  -0.0523 25  HIS A CA  
199 C  C   . HIS A 25 ? 0.3806 0.3339 0.2013 0.1226  -0.0623 -0.0796 25  HIS A C   
200 O  O   . HIS A 25 ? 0.4324 0.4095 0.3140 -0.0530 0.0510  -0.1965 25  HIS A O   
201 C  CB  . HIS A 25 ? 0.3062 0.2514 0.2856 0.0779  -0.0778 -0.0429 25  HIS A CB  
202 C  CG  . HIS A 25 ? 0.3405 0.2981 0.4075 0.0340  -0.2014 -0.0451 25  HIS A CG  
203 N  ND1 . HIS A 25 ? 0.5669 0.2421 0.4691 0.0633  -0.2685 -0.0940 25  HIS A ND1 
204 C  CD2 . HIS A 25 ? 0.4087 0.3310 0.4288 0.0825  -0.2046 -0.1141 25  HIS A CD2 
205 C  CE1 . HIS A 25 ? 0.4651 0.2938 0.4373 0.0285  -0.2361 -0.1160 25  HIS A CE1 
206 N  NE2 . HIS A 25 ? 0.4477 0.3299 0.3835 0.0718  -0.1677 -0.1116 25  HIS A NE2 
207 N  N   . GLY A 26 ? 0.2274 0.3905 0.1478 0.1195  -0.0499 -0.0203 26  GLY A N   
208 C  CA  . GLY A 26 ? 0.2122 0.5634 0.1662 0.1307  -0.0278 0.0072  26  GLY A CA  
209 C  C   . GLY A 26 ? 0.1775 0.2294 0.1498 0.0620  -0.0231 -0.0289 26  GLY A C   
210 O  O   . GLY A 26 ? 0.1701 0.1979 0.1700 0.0252  -0.0157 0.0001  26  GLY A O   
211 N  N   . TYR A 27 ? 0.1793 0.1724 0.1555 0.0311  -0.0148 0.0005  27  TYR A N   
212 C  CA  A TYR A 27 ? 0.1544 0.1265 0.1483 0.0119  -0.0007 -0.0070 27  TYR A CA  
213 C  CA  B TYR A 27 ? 0.1555 0.1327 0.1294 0.0175  0.0147  0.0066  27  TYR A CA  
214 C  C   . TYR A 27 ? 0.1594 0.1092 0.1446 -0.0065 -0.0087 -0.0004 27  TYR A C   
215 O  O   . TYR A 27 ? 0.2163 0.1311 0.1427 0.0150  -0.0073 -0.0097 27  TYR A O   
216 C  CB  A TYR A 27 ? 0.1822 0.1032 0.1951 0.0050  0.0006  -0.0004 27  TYR A CB  
217 C  CB  B TYR A 27 ? 0.2029 0.1112 0.1844 0.0015  -0.0230 -0.0122 27  TYR A CB  
218 C  CG  A TYR A 27 ? 0.2232 0.0991 0.2096 0.0121  -0.0115 -0.0079 27  TYR A CG  
219 C  CG  B TYR A 27 ? 0.1410 0.1485 0.1780 0.0156  -0.0142 -0.0234 27  TYR A CG  
220 C  CD1 A TYR A 27 ? 0.1729 0.1373 0.2278 0.0064  -0.0127 -0.0298 27  TYR A CD1 
221 C  CD1 B TYR A 27 ? 0.1915 0.1359 0.1967 -0.0009 -0.0560 -0.0279 27  TYR A CD1 
222 C  CD2 A TYR A 27 ? 0.3052 0.1297 0.2146 0.0631  -0.0317 -0.0194 27  TYR A CD2 
223 C  CD2 B TYR A 27 ? 0.3347 0.1218 0.1782 0.0459  -0.0435 0.0001  27  TYR A CD2 
224 C  CE1 A TYR A 27 ? 0.2134 0.1400 0.2141 0.0155  -0.0151 -0.0213 27  TYR A CE1 
225 C  CE1 B TYR A 27 ? 0.2723 0.1709 0.1842 0.0158  -0.0250 -0.0349 27  TYR A CE1 
226 C  CE2 A TYR A 27 ? 0.3343 0.1360 0.1922 0.0842  -0.0164 -0.0021 27  TYR A CE2 
227 C  CE2 B TYR A 27 ? 0.2716 0.1879 0.2246 0.0876  -0.0338 -0.0376 27  TYR A CE2 
228 C  CZ  A TYR A 27 ? 0.2704 0.1459 0.2083 0.0484  -0.0134 -0.0208 27  TYR A CZ  
229 C  CZ  B TYR A 27 ? 0.3028 0.2147 0.2144 0.1010  -0.0049 -0.0586 27  TYR A CZ  
230 O  OH  A TYR A 27 ? 0.3183 0.1462 0.2114 0.0553  -0.0069 -0.0228 27  TYR A OH  
231 O  OH  B TYR A 27 ? 0.4016 0.1781 0.3478 0.0523  -0.0218 -0.1223 27  TYR A OH  
232 N  N   . CYS A 28 ? 0.1628 0.1149 0.1222 0.0158  0.0216  -0.0125 28  CYS A N   
233 C  CA  . CYS A 28 ? 0.1462 0.1134 0.1218 0.0033  0.0229  -0.0203 28  CYS A CA  
234 C  C   . CYS A 28 ? 0.1478 0.1107 0.1333 -0.0085 0.0241  -0.0238 28  CYS A C   
235 O  O   . CYS A 28 ? 0.1923 0.1301 0.1681 -0.0350 0.0518  -0.0453 28  CYS A O   
236 C  CB  . CYS A 28 ? 0.1384 0.1012 0.1330 0.0007  0.0247  -0.0176 28  CYS A CB  
237 S  SG  . CYS A 28 ? 0.1284 0.1142 0.1348 0.0116  0.0233  -0.0071 28  CYS A SG  
238 N  N   . GLY A 29 ? 0.1648 0.1099 0.1341 -0.0152 0.0355  -0.0185 29  GLY A N   
239 C  CA  . GLY A 29 ? 0.1857 0.1124 0.1553 -0.0148 0.0606  -0.0184 29  GLY A CA  
240 C  C   . GLY A 29 ? 0.1803 0.1388 0.1596 -0.0199 0.0577  -0.0244 29  GLY A C   
241 O  O   . GLY A 29 ? 0.2256 0.1743 0.2014 -0.0418 0.1086  -0.0463 29  GLY A O   
242 O  OXT . GLY A 29 ? 0.1780 0.1223 0.1316 -0.0116 0.0408  -0.0196 29  GLY A OXT 
243 N  N   . ARG B 1  ? 0.1384 0.1539 0.1451 0.0027  -0.0150 -0.0105 1   ARG B N   
244 C  CA  . ARG B 1  ? 0.1320 0.1324 0.1126 0.0059  -0.0223 -0.0093 1   ARG B CA  
245 C  C   . ARG B 1  ? 0.1377 0.1486 0.1039 0.0123  -0.0059 -0.0061 1   ARG B C   
246 O  O   . ARG B 1  ? 0.2243 0.2062 0.1183 -0.0286 0.0337  -0.0202 1   ARG B O   
247 C  CB  . ARG B 1  ? 0.1343 0.1210 0.1105 -0.0090 -0.0276 -0.0035 1   ARG B CB  
248 C  CG  . ARG B 1  ? 0.1300 0.1241 0.1021 0.0067  -0.0212 -0.0161 1   ARG B CG  
249 C  CD  . ARG B 1  ? 0.1528 0.1110 0.0878 0.0017  -0.0211 -0.0184 1   ARG B CD  
250 N  NE  . ARG B 1  ? 0.1479 0.1059 0.1096 -0.0062 -0.0399 -0.0124 1   ARG B NE  
251 C  CZ  . ARG B 1  ? 0.1380 0.1168 0.1149 0.0000  -0.0427 -0.0085 1   ARG B CZ  
252 N  NH1 . ARG B 1  ? 0.1500 0.1227 0.1272 -0.0078 -0.0542 0.0064  1   ARG B NH1 
253 N  NH2 . ARG B 1  ? 0.1819 0.1220 0.1499 -0.0253 -0.0702 0.0162  1   ARG B NH2 
254 N  N   . VAL B 2  ? 0.1352 0.1375 0.0907 0.0228  -0.0226 -0.0213 2   VAL B N   
255 C  CA  . VAL B 2  ? 0.1438 0.1701 0.0819 0.0387  -0.0226 -0.0337 2   VAL B CA  
256 C  C   . VAL B 2  ? 0.1279 0.1519 0.0708 0.0292  -0.0098 -0.0232 2   VAL B C   
257 O  O   . VAL B 2  ? 0.1382 0.1452 0.0852 0.0111  -0.0124 -0.0072 2   VAL B O   
258 C  CB  . VAL B 2  ? 0.1818 0.1499 0.1210 0.0529  -0.0486 -0.0496 2   VAL B CB  
259 C  CG1 . VAL B 2  ? 0.2352 0.2107 0.1462 0.0892  -0.0735 -0.0993 2   VAL B CG1 
260 C  CG2 . VAL B 2  ? 0.2491 0.2260 0.1681 0.1226  -0.1128 -0.0933 2   VAL B CG2 
261 N  N   . CYS B 3  ? 0.1234 0.1734 0.0893 0.0127  -0.0093 0.0016  3   CYS B N   
262 C  CA  . CYS B 3  ? 0.1256 0.1565 0.0952 0.0107  -0.0159 0.0072  3   CYS B CA  
263 C  C   . CYS B 3  ? 0.1497 0.1574 0.0903 0.0183  -0.0218 0.0185  3   CYS B C   
264 O  O   . CYS B 3  ? 0.1815 0.1746 0.1006 0.0061  -0.0063 0.0298  3   CYS B O   
265 C  CB  . CYS B 3  ? 0.1510 0.1590 0.1179 0.0136  -0.0141 -0.0002 3   CYS B CB  
266 S  SG  . CYS B 3  ? 0.1652 0.1725 0.1433 0.0237  -0.0086 0.0423  3   CYS B SG  
267 N  N   . PRO B 4  ? 0.1624 0.1541 0.0904 0.0255  -0.0210 0.0057  4   PRO B N   
268 C  CA  . PRO B 4  ? 0.2188 0.1768 0.0933 0.0487  -0.0247 -0.0032 4   PRO B CA  
269 C  C   . PRO B 4  ? 0.2109 0.2031 0.0643 0.0559  -0.0178 -0.0094 4   PRO B C   
270 O  O   . PRO B 4  ? 0.2642 0.3683 0.0805 0.1683  0.0015  0.0079  4   PRO B O   
271 C  CB  . PRO B 4  ? 0.2723 0.1866 0.1203 0.0259  -0.0547 -0.0224 4   PRO B CB  
272 C  CG  . PRO B 4  ? 0.3578 0.2739 0.2111 -0.1271 0.0628  -0.0951 4   PRO B CG  
273 C  CD  . PRO B 4  ? 0.1959 0.1750 0.1102 -0.0092 -0.0319 0.0107  4   PRO B CD  
274 N  N   . ARG B 5  ? 0.1913 0.1579 0.0862 0.0397  -0.0301 -0.0149 5   ARG B N   
275 C  CA  . ARG B 5  ? 0.2261 0.1417 0.1058 0.0035  -0.0635 -0.0032 5   ARG B CA  
276 C  C   . ARG B 5  ? 0.1804 0.1351 0.0727 0.0023  -0.0296 -0.0086 5   ARG B C   
277 O  O   . ARG B 5  ? 0.1886 0.2091 0.0839 -0.0477 -0.0259 -0.0033 5   ARG B O   
278 C  CB  . ARG B 5  ? 0.2220 0.1734 0.1738 -0.0233 -0.1015 0.0186  5   ARG B CB  
279 C  CG  . ARG B 5  ? 0.3189 0.2028 0.2254 -0.0750 -0.1565 0.0384  5   ARG B CG  
280 C  CD  . ARG B 5  ? 0.2413 0.2416 0.2264 -0.0583 -0.1260 0.0317  5   ARG B CD  
281 N  NE  . ARG B 5  ? 0.1941 0.1795 0.1739 -0.0224 -0.0409 -0.0187 5   ARG B NE  
282 C  CZ  . ARG B 5  ? 0.1804 0.1953 0.1710 -0.0370 0.0037  -0.0031 5   ARG B CZ  
283 N  NH1 . ARG B 5  ? 0.2206 0.2360 0.1688 -0.0599 0.0119  -0.0243 5   ARG B NH1 
284 N  NH2 . ARG B 5  ? 0.1852 0.1682 0.1801 -0.0268 -0.0078 -0.0112 5   ARG B NH2 
285 N  N   . ILE B 6  ? 0.1697 0.1820 0.0750 0.0247  -0.0008 0.0025  6   ILE B N   
286 C  CA  . ILE B 6  ? 0.1529 0.1816 0.1041 0.0088  0.0114  0.0018  6   ILE B CA  
287 C  C   . ILE B 6  ? 0.1770 0.1800 0.0820 0.0225  0.0051  0.0051  6   ILE B C   
288 O  O   . ILE B 6  ? 0.1818 0.2811 0.0853 0.0704  0.0099  0.0057  6   ILE B O   
289 C  CB  . ILE B 6  ? 0.2124 0.1759 0.2260 0.0072  -0.0010 0.0551  6   ILE B CB  
290 C  CG1 . ILE B 6  ? 0.2213 0.1827 0.3325 0.0117  -0.0185 -0.0151 6   ILE B CG1 
291 C  CG2 . ILE B 6  ? 0.2126 0.1668 0.4677 -0.0247 -0.0534 0.0614  6   ILE B CG2 
292 C  CD1 . ILE B 6  ? 0.2515 0.3214 0.2944 0.0351  0.0386  -0.0016 6   ILE B CD1 
293 N  N   . LEU B 7  ? 0.1419 0.1525 0.0906 -0.0079 -0.0065 -0.0165 7   LEU B N   
294 C  CA  . LEU B 7  ? 0.1351 0.1591 0.0877 -0.0144 -0.0049 -0.0106 7   LEU B CA  
295 C  C   . LEU B 7  ? 0.1259 0.1693 0.1008 -0.0181 -0.0147 -0.0220 7   LEU B C   
296 O  O   . LEU B 7  ? 0.1481 0.1763 0.1309 -0.0386 -0.0041 -0.0515 7   LEU B O   
297 C  CB  . LEU B 7  ? 0.1782 0.2170 0.1179 0.0031  -0.0166 0.0238  7   LEU B CB  
298 C  CG  . LEU B 7  ? 0.1644 0.2416 0.1528 0.0176  -0.0076 0.0433  7   LEU B CG  
299 C  CD1 . LEU B 7  ? 0.2216 0.2086 0.2388 -0.0177 0.0184  0.0185  7   LEU B CD1 
300 C  CD2 . LEU B 7  ? 0.3191 0.3447 0.1942 0.0140  -0.0355 0.1328  7   LEU B CD2 
301 N  N   . LEU B 8  ? 0.1203 0.1474 0.0973 -0.0201 -0.0084 -0.0114 8   LEU B N   
302 C  CA  . LEU B 8  ? 0.1160 0.1484 0.1043 -0.0108 -0.0056 -0.0134 8   LEU B CA  
303 C  C   . LEU B 8  ? 0.1164 0.1521 0.1057 0.0000  -0.0221 -0.0233 8   LEU B C   
304 O  O   . LEU B 8  ? 0.1161 0.1513 0.1312 0.0001  -0.0228 -0.0207 8   LEU B O   
305 C  CB  . LEU B 8  ? 0.1428 0.1472 0.1224 -0.0136 0.0024  -0.0002 8   LEU B CB  
306 C  CG  . LEU B 8  ? 0.1308 0.1480 0.1621 -0.0113 -0.0215 -0.0185 8   LEU B CG  
307 C  CD1 . LEU B 8  ? 0.1480 0.1562 0.2307 -0.0109 -0.0490 0.0141  8   LEU B CD1 
308 C  CD2 . LEU B 8  ? 0.1720 0.1427 0.2375 -0.0245 -0.0599 -0.0093 8   LEU B CD2 
309 N  N   . GLU B 9  ? 0.1222 0.1475 0.1203 -0.0063 -0.0179 -0.0234 9   GLU B N   
310 C  CA  . GLU B 9  ? 0.1129 0.1717 0.1306 0.0016  -0.0174 -0.0201 9   GLU B CA  
311 C  C   . GLU B 9  ? 0.1142 0.1669 0.1429 -0.0012 -0.0048 -0.0220 9   GLU B C   
312 O  O   . GLU B 9  ? 0.1753 0.1616 0.1480 -0.0181 0.0146  -0.0172 9   GLU B O   
313 C  CB  . GLU B 9  ? 0.1313 0.2097 0.1700 0.0175  -0.0383 -0.0283 9   GLU B CB  
314 C  CG  . GLU B 9  ? 0.1945 0.2371 0.1681 0.0350  -0.0715 -0.0159 9   GLU B CG  
315 C  CD  . GLU B 9  ? 0.2592 0.3854 0.2165 0.1318  -0.1161 -0.0726 9   GLU B CD  
316 O  OE1 . GLU B 9  ? 0.2890 0.4124 0.3101 0.1660  -0.1588 -0.1162 9   GLU B OE1 
317 O  OE2 . GLU B 9  ? 0.2991 0.5932 0.3610 0.2268  -0.2153 -0.2279 9   GLU B OE2 
318 N  N   . CYS B 10 ? 0.1286 0.1783 0.1303 0.0363  -0.0216 -0.0231 10  CYS B N   
319 C  CA  . CYS B 10 ? 0.1171 0.1979 0.1408 0.0341  -0.0065 -0.0167 10  CYS B CA  
320 C  C   . CYS B 10 ? 0.1471 0.1994 0.1509 0.0515  -0.0095 -0.0160 10  CYS B C   
321 O  O   . CYS B 10 ? 0.1445 0.1993 0.1796 0.0565  -0.0091 -0.0229 10  CYS B O   
322 C  CB  . CYS B 10 ? 0.1275 0.1775 0.1225 0.0362  -0.0095 -0.0050 10  CYS B CB  
323 S  SG  . CYS B 10 ? 0.1374 0.1716 0.1432 0.0261  -0.0226 -0.0182 10  CYS B SG  
324 N  N   . LYS B 11 ? 0.1439 0.2378 0.1453 0.0301  0.0080  -0.0426 11  LYS B N   
325 C  CA  . LYS B 11 ? 0.1663 0.2112 0.1893 0.0646  0.0129  -0.0403 11  LYS B CA  
326 C  C   . LYS B 11 ? 0.2022 0.2042 0.1675 0.0553  0.0158  -0.0550 11  LYS B C   
327 O  O   . LYS B 11 ? 0.2793 0.2143 0.1821 0.0313  0.0264  -0.0645 11  LYS B O   
328 C  CB  . LYS B 11 ? 0.1710 0.2996 0.2170 0.0598  0.0341  -0.0536 11  LYS B CB  
329 C  CG  . LYS B 11 ? 0.2077 0.4433 0.2756 0.1095  -0.0696 -0.1384 11  LYS B CG  
330 C  CD  . LYS B 11 ? 0.1961 0.6570 0.5421 0.0423  -0.0968 -0.1973 11  LYS B CD  
331 C  CE  . LYS B 11 ? 0.2325 0.7092 0.8715 0.1380  -0.2049 -0.2167 11  LYS B CE  
332 N  NZ  . LYS B 11 ? 0.8334 0.6569 1.1244 0.4152  0.0038  -0.2082 11  LYS B NZ  
333 N  N   . LYS B 12 ? 0.1889 0.2035 0.1443 0.0300  0.0115  -0.0375 12  LYS B N   
334 C  CA  . LYS B 12 ? 0.2286 0.1880 0.1265 0.0153  0.0165  -0.0411 12  LYS B CA  
335 C  C   . LYS B 12 ? 0.1955 0.1712 0.0982 -0.0071 0.0015  -0.0216 12  LYS B C   
336 O  O   . LYS B 12 ? 0.1742 0.1825 0.1092 -0.0092 0.0163  -0.0383 12  LYS B O   
337 C  CB  . LYS B 12 ? 0.2965 0.2905 0.1660 0.0352  0.0950  -0.0032 12  LYS B CB  
338 C  CG  . LYS B 12 ? 0.3156 0.2422 0.2059 0.0262  0.1048  0.0004  12  LYS B CG  
339 C  CD  . LYS B 12 ? 0.3951 0.3411 0.3574 -0.0823 0.2152  -0.0498 12  LYS B CD  
340 C  CE  . LYS B 12 ? 0.3871 0.6035 0.4890 0.0034  0.2320  0.1346  12  LYS B CE  
341 N  NZ  . LYS B 12 ? 0.6944 0.6514 0.7707 -0.0245 -0.0603 0.2292  12  LYS B NZ  
342 N  N   . ASP B 13 ? 0.2220 0.1765 0.1055 -0.0067 0.0002  -0.0388 13  ASP B N   
343 C  CA  . ASP B 13 ? 0.1816 0.1846 0.1198 -0.0260 -0.0078 -0.0394 13  ASP B CA  
344 C  C   . ASP B 13 ? 0.1522 0.1717 0.1046 -0.0151 -0.0075 -0.0200 13  ASP B C   
345 O  O   . ASP B 13 ? 0.1477 0.1815 0.1040 -0.0209 -0.0067 -0.0292 13  ASP B O   
346 C  CB  . ASP B 13 ? 0.2288 0.1975 0.1001 -0.0400 -0.0261 -0.0296 13  ASP B CB  
347 C  CG  . ASP B 13 ? 0.3176 0.2040 0.1030 -0.0748 -0.0024 -0.0550 13  ASP B CG  
348 O  OD1 . ASP B 13 ? 0.2983 0.2353 0.1844 -0.0849 -0.0597 -0.0530 13  ASP B OD1 
349 O  OD2 . ASP B 13 ? 0.2736 0.1961 0.1408 -0.0416 0.0051  -0.0520 13  ASP B OD2 
350 N  N   . SER B 14 ? 0.1659 0.1681 0.1090 -0.0130 -0.0024 -0.0214 14  SER B N   
351 C  CA  . SER B 14 ? 0.2125 0.1924 0.1131 -0.0568 0.0096  -0.0063 14  SER B CA  
352 C  C   . SER B 14 ? 0.1644 0.1896 0.1305 -0.0594 0.0005  -0.0144 14  SER B C   
353 O  O   . SER B 14 ? 0.1822 0.1936 0.1664 -0.0535 -0.0190 -0.0119 14  SER B O   
354 C  CB  . SER B 14 ? 0.3710 0.2245 0.1744 -0.0600 0.1057  0.0133  14  SER B CB  
355 O  OG  . SER B 14 ? 0.3037 0.2372 0.4830 -0.0722 0.1773  -0.0625 14  SER B OG  
356 N  N   . ASP B 15 ? 0.1280 0.1903 0.1194 -0.0172 -0.0039 -0.0325 15  ASP B N   
357 C  CA  . ASP B 15 ? 0.1244 0.1827 0.1322 -0.0086 -0.0129 -0.0296 15  ASP B CA  
358 C  C   . ASP B 15 ? 0.1269 0.1641 0.1085 -0.0066 -0.0203 -0.0362 15  ASP B C   
359 O  O   . ASP B 15 ? 0.1360 0.2186 0.1147 -0.0105 -0.0308 -0.0503 15  ASP B O   
360 C  CB  . ASP B 15 ? 0.1296 0.1913 0.1317 0.0014  -0.0096 -0.0250 15  ASP B CB  
361 C  CG  . ASP B 15 ? 0.1331 0.1943 0.2246 -0.0155 0.0182  -0.0658 15  ASP B CG  
362 O  OD1 . ASP B 15 ? 0.1331 0.2361 0.1813 0.0191  0.0001  -0.0468 15  ASP B OD1 
363 O  OD2 . ASP B 15 ? 0.1481 0.2341 0.3087 -0.0478 0.0460  -0.0744 15  ASP B OD2 
364 N  N   . CYS B 16 ? 0.1237 0.1532 0.0960 0.0025  -0.0158 -0.0236 16  CYS B N   
365 C  CA  . CYS B 16 ? 0.1176 0.1398 0.1001 -0.0005 -0.0175 -0.0154 16  CYS B CA  
366 C  C   . CYS B 16 ? 0.1248 0.1340 0.0892 -0.0025 -0.0211 -0.0116 16  CYS B C   
367 O  O   . CYS B 16 ? 0.1500 0.1804 0.1122 -0.0024 -0.0078 0.0207  16  CYS B O   
368 C  CB  . CYS B 16 ? 0.1229 0.1379 0.1054 0.0073  -0.0099 -0.0100 16  CYS B CB  
369 S  SG  . CYS B 16 ? 0.1390 0.1359 0.1197 0.0162  -0.0052 -0.0180 16  CYS B SG  
370 N  N   . LEU B 17 ? 0.1364 0.1194 0.0935 0.0042  -0.0187 -0.0031 17  LEU B N   
371 C  CA  . LEU B 17 ? 0.1284 0.1048 0.1132 0.0002  -0.0263 -0.0126 17  LEU B CA  
372 C  C   . LEU B 17 ? 0.1415 0.0981 0.0904 0.0071  -0.0280 -0.0145 17  LEU B C   
373 O  O   . LEU B 17 ? 0.1446 0.1012 0.0986 0.0032  -0.0395 -0.0135 17  LEU B O   
374 C  CB  . LEU B 17 ? 0.1521 0.1281 0.1076 0.0113  -0.0313 -0.0312 17  LEU B CB  
375 C  CG  . LEU B 17 ? 0.1433 0.1824 0.1207 0.0188  -0.0438 -0.0318 17  LEU B CG  
376 C  CD1 . LEU B 17 ? 0.2144 0.2544 0.1078 0.0537  -0.0325 -0.0481 17  LEU B CD1 
377 C  CD2 . LEU B 17 ? 0.1786 0.1664 0.2026 -0.0068 -0.0605 -0.0654 17  LEU B CD2 
378 N  N   . ALA B 18 ? 0.1641 0.1028 0.1020 -0.0063 -0.0364 -0.0040 18  ALA B N   
379 C  CA  . ALA B 18 ? 0.1665 0.0942 0.1022 0.0059  -0.0443 -0.0075 18  ALA B CA  
380 C  C   . ALA B 18 ? 0.1473 0.1014 0.0830 0.0101  -0.0276 -0.0036 18  ALA B C   
381 O  O   . ALA B 18 ? 0.1553 0.1352 0.0982 -0.0196 -0.0077 -0.0084 18  ALA B O   
382 C  CB  . ALA B 18 ? 0.1592 0.1233 0.1320 0.0337  -0.0436 -0.0477 18  ALA B CB  
383 N  N   . GLU B 19 ? 0.1273 0.0897 0.0799 0.0195  -0.0259 -0.0125 19  GLU B N   
384 C  CA  . GLU B 19 ? 0.1219 0.0926 0.0792 0.0218  -0.0239 -0.0094 19  GLU B CA  
385 C  C   . GLU B 19 ? 0.1174 0.0930 0.0897 0.0150  -0.0235 -0.0061 19  GLU B C   
386 O  O   . GLU B 19 ? 0.1333 0.0923 0.1000 0.0076  -0.0389 -0.0121 19  GLU B O   
387 C  CB  . GLU B 19 ? 0.1205 0.1039 0.0814 0.0217  -0.0208 -0.0197 19  GLU B CB  
388 C  CG  . GLU B 19 ? 0.1269 0.1246 0.0799 0.0145  -0.0253 -0.0055 19  GLU B CG  
389 C  CD  . GLU B 19 ? 0.1348 0.1126 0.0854 0.0306  -0.0273 -0.0303 19  GLU B CD  
390 O  OE1 . GLU B 19 ? 0.1171 0.1330 0.0856 0.0239  -0.0296 -0.0194 19  GLU B OE1 
391 O  OE2 . GLU B 19 ? 0.1450 0.1111 0.0923 0.0321  -0.0427 -0.0156 19  GLU B OE2 
392 N  N   . CYS B 20 ? 0.1103 0.0924 0.0931 0.0133  -0.0345 -0.0087 20  CYS B N   
393 C  CA  . CYS B 20 ? 0.1071 0.0983 0.0945 0.0136  -0.0345 -0.0074 20  CYS B CA  
394 C  C   . CYS B 20 ? 0.1149 0.1010 0.0978 0.0051  -0.0359 -0.0104 20  CYS B C   
395 O  O   . CYS B 20 ? 0.1319 0.1117 0.1183 0.0065  -0.0074 -0.0022 20  CYS B O   
396 C  CB  . CYS B 20 ? 0.1264 0.1127 0.1031 0.0226  -0.0391 -0.0104 20  CYS B CB  
397 S  SG  . CYS B 20 ? 0.1496 0.1458 0.0941 0.0190  -0.0292 -0.0142 20  CYS B SG  
398 N  N   . VAL B 21 ? 0.1317 0.0969 0.1049 0.0140  -0.0377 -0.0127 21  VAL B N   
399 C  CA  . VAL B 21 ? 0.1713 0.1207 0.1007 0.0399  -0.0346 -0.0257 21  VAL B CA  
400 C  C   . VAL B 21 ? 0.1522 0.1044 0.1183 0.0343  -0.0334 -0.0273 21  VAL B C   
401 O  O   . VAL B 21 ? 0.1457 0.1284 0.1205 0.0371  -0.0355 -0.0098 21  VAL B O   
402 C  CB  A VAL B 21 ? 0.2188 0.1561 0.1291 0.0549  -0.0772 -0.0585 21  VAL B CB  
403 C  CB  B VAL B 21 ? 0.3104 0.1661 0.1106 0.0403  -0.0839 -0.0588 21  VAL B CB  
404 C  CG1 A VAL B 21 ? 0.1924 0.1348 0.1655 0.0303  -0.0537 -0.0494 21  VAL B CG1 
405 C  CG1 B VAL B 21 ? 0.2672 0.1618 0.1815 0.0055  -0.1096 -0.0626 21  VAL B CG1 
406 C  CG2 A VAL B 21 ? 0.3053 0.2115 0.1840 0.1038  -0.1533 -0.0734 21  VAL B CG2 
407 C  CG2 B VAL B 21 ? 0.3944 0.1166 0.2118 -0.0118 -0.1047 -0.0596 21  VAL B CG2 
408 N  N   . CYS B 22 ? 0.1457 0.1265 0.1257 0.0243  -0.0265 -0.0217 22  CYS B N   
409 C  CA  . CYS B 22 ? 0.1544 0.1355 0.1379 0.0429  -0.0218 -0.0107 22  CYS B CA  
410 C  C   . CYS B 22 ? 0.1890 0.1319 0.1655 0.0538  -0.0259 -0.0265 22  CYS B C   
411 O  O   . CYS B 22 ? 0.2521 0.1369 0.1736 0.0528  -0.0347 -0.0354 22  CYS B O   
412 C  CB  . CYS B 22 ? 0.1449 0.1914 0.1404 0.0460  -0.0174 -0.0259 22  CYS B CB  
413 S  SG  . CYS B 22 ? 0.1516 0.1813 0.1710 0.0493  -0.0247 -0.0273 22  CYS B SG  
414 N  N   . LEU B 23 ? 0.1714 0.1185 0.1780 0.0407  -0.0333 -0.0269 23  LEU B N   
415 C  CA  . LEU B 23 ? 0.1912 0.1022 0.2167 0.0410  -0.0525 -0.0278 23  LEU B CA  
416 C  C   . LEU B 23 ? 0.1996 0.1291 0.2241 0.0583  -0.0585 -0.0324 23  LEU B C   
417 O  O   . LEU B 23 ? 0.1843 0.1656 0.2958 0.0677  -0.0560 -0.0125 23  LEU B O   
418 C  CB  . LEU B 23 ? 0.1677 0.1259 0.2910 0.0266  -0.0443 -0.0199 23  LEU B CB  
419 C  CG  . LEU B 23 ? 0.1637 0.1314 0.4702 0.0162  -0.0698 0.0199  23  LEU B CG  
420 C  CD1 . LEU B 23 ? 0.1698 0.2641 0.7092 -0.0117 0.0578  -0.1358 23  LEU B CD1 
421 C  CD2 . LEU B 23 ? 0.3279 0.3262 0.4482 -0.0861 -0.2089 0.1558  23  LEU B CD2 
422 N  N   . GLU B 24 ? 0.2755 0.1230 0.2516 0.0825  -0.0840 -0.0416 24  GLU B N   
423 C  CA  . GLU B 24 ? 0.2565 0.1455 0.3350 0.0964  -0.0965 -0.0768 24  GLU B CA  
424 C  C   . GLU B 24 ? 0.2277 0.1238 0.3530 0.0504  -0.1152 -0.0278 24  GLU B C   
425 O  O   . GLU B 24 ? 0.2872 0.1792 0.5101 0.1315  -0.1605 -0.0520 24  GLU B O   
426 C  CB  . GLU B 24 ? 0.3525 0.1500 0.4437 0.1201  -0.2099 -0.0976 24  GLU B CB  
427 C  CG  . GLU B 24 ? 0.3504 0.2472 0.4511 0.1109  -0.2125 -0.1487 24  GLU B CG  
428 C  CD  . GLU B 24 ? 0.2427 0.4268 0.3115 0.0290  -0.1283 -0.1594 24  GLU B CD  
429 O  OE1 . GLU B 24 ? 0.3543 0.4624 0.3203 0.1539  -0.1465 -0.1874 24  GLU B OE1 
430 O  OE2 . GLU B 24 ? 0.3543 0.2284 0.3168 0.0037  -0.0090 -0.0470 24  GLU B OE2 
431 N  N   . HIS B 25 ? 0.2071 0.1498 0.3101 0.0223  -0.1104 -0.0038 25  HIS B N   
432 C  CA  . HIS B 25 ? 0.2416 0.1627 0.3154 0.0246  -0.1296 0.0228  25  HIS B CA  
433 C  C   . HIS B 25 ? 0.1963 0.1432 0.2675 0.0573  -0.0913 -0.0116 25  HIS B C   
434 O  O   . HIS B 25 ? 0.2287 0.2124 0.2786 0.0445  -0.1188 -0.0056 25  HIS B O   
435 C  CB  . HIS B 25 ? 0.2608 0.1957 0.3038 -0.0056 -0.1276 0.0568  25  HIS B CB  
436 C  CG  . HIS B 25 ? 0.2337 0.2449 0.3492 0.0031  -0.0842 0.0830  25  HIS B CG  
437 N  ND1 . HIS B 25 ? 0.2006 0.1732 0.4666 0.0292  -0.0133 -0.0008 25  HIS B ND1 
438 C  CD2 . HIS B 25 ? 0.2484 0.2896 0.4782 -0.0012 0.0096  0.1201  25  HIS B CD2 
439 C  CE1 . HIS B 25 ? 0.2010 0.2036 0.4154 0.0239  -0.0321 -0.0155 25  HIS B CE1 
440 N  NE2 . HIS B 25 ? 0.2048 0.3473 0.4184 0.0157  0.0073  0.1574  25  HIS B NE2 
441 N  N   . GLY B 26 ? 0.1768 0.1442 0.2801 0.0539  -0.0812 -0.0058 26  GLY B N   
442 C  CA  . GLY B 26 ? 0.1538 0.1653 0.2930 0.0456  -0.0421 -0.0289 26  GLY B CA  
443 C  C   . GLY B 26 ? 0.1467 0.1569 0.1880 0.0337  -0.0201 -0.0056 26  GLY B C   
444 O  O   . GLY B 26 ? 0.1342 0.1754 0.1718 0.0370  -0.0337 -0.0054 26  GLY B O   
445 N  N   . TYR B 27 ? 0.1458 0.1515 0.1689 0.0387  -0.0507 -0.0217 27  TYR B N   
446 C  CA  A TYR B 27 ? 0.1370 0.1241 0.1347 0.0258  -0.0358 -0.0004 27  TYR B CA  
447 C  CA  B TYR B 27 ? 0.1421 0.1247 0.1296 0.0275  -0.0352 0.0005  27  TYR B CA  
448 C  C   . TYR B 27 ? 0.1291 0.1228 0.1215 0.0215  -0.0193 -0.0092 27  TYR B C   
449 O  O   . TYR B 27 ? 0.1430 0.1128 0.1492 0.0274  -0.0444 -0.0082 27  TYR B O   
450 C  CB  A TYR B 27 ? 0.1706 0.1354 0.1314 0.0081  -0.0260 0.0057  27  TYR B CB  
451 C  CB  B TYR B 27 ? 0.1321 0.1493 0.1403 0.0230  -0.0343 0.0224  27  TYR B CB  
452 C  CG  A TYR B 27 ? 0.2077 0.1735 0.1369 0.0277  -0.0374 -0.0036 27  TYR B CG  
453 C  CG  B TYR B 27 ? 0.1271 0.1383 0.1290 0.0359  -0.0247 0.0058  27  TYR B CG  
454 C  CD1 A TYR B 27 ? 0.2074 0.1907 0.1388 -0.0128 -0.0410 -0.0042 27  TYR B CD1 
455 C  CD1 B TYR B 27 ? 0.1839 0.1456 0.1124 -0.0194 -0.0172 0.0321  27  TYR B CD1 
456 C  CD2 A TYR B 27 ? 0.1875 0.2185 0.1431 0.0603  -0.0312 -0.0052 27  TYR B CD2 
457 C  CD2 B TYR B 27 ? 0.1680 0.1466 0.1200 -0.0209 -0.0343 0.0401  27  TYR B CD2 
458 C  CE1 A TYR B 27 ? 0.2177 0.2644 0.1319 -0.0154 -0.0421 0.0019  27  TYR B CE1 
459 C  CE1 B TYR B 27 ? 0.1680 0.1378 0.1569 0.0046  -0.0444 -0.0006 27  TYR B CE1 
460 C  CE2 A TYR B 27 ? 0.1861 0.2981 0.1546 0.0622  -0.0403 -0.0144 27  TYR B CE2 
461 C  CE2 B TYR B 27 ? 0.1914 0.1312 0.1223 0.0012  -0.0404 0.0229  27  TYR B CE2 
462 C  CZ  A TYR B 27 ? 0.2316 0.2757 0.1335 -0.0295 -0.0536 0.0489  27  TYR B CZ  
463 C  CZ  B TYR B 27 ? 0.2089 0.1585 0.1351 0.0030  -0.0628 0.0150  27  TYR B CZ  
464 O  OH  A TYR B 27 ? 0.2695 0.3232 0.2163 -0.0673 -0.1139 0.0620  27  TYR B OH  
465 O  OH  B TYR B 27 ? 0.2142 0.2028 0.1302 0.0223  -0.0683 -0.0013 27  TYR B OH  
466 N  N   . CYS B 28 ? 0.1241 0.1204 0.1164 0.0247  -0.0349 -0.0105 28  CYS B N   
467 C  CA  . CYS B 28 ? 0.1254 0.1228 0.0965 0.0208  -0.0300 -0.0091 28  CYS B CA  
468 C  C   . CYS B 28 ? 0.1273 0.1159 0.1044 0.0167  -0.0246 -0.0071 28  CYS B C   
469 O  O   . CYS B 28 ? 0.1359 0.1657 0.1048 -0.0008 -0.0301 -0.0029 28  CYS B O   
470 C  CB  . CYS B 28 ? 0.1120 0.1203 0.0943 0.0220  -0.0231 -0.0100 28  CYS B CB  
471 S  SG  . CYS B 28 ? 0.1250 0.1270 0.1179 0.0160  -0.0213 -0.0082 28  CYS B SG  
472 N  N   . GLY B 29 ? 0.1280 0.1172 0.1106 0.0061  -0.0301 0.0129  29  GLY B N   
473 C  CA  . GLY B 29 ? 0.1296 0.1445 0.1300 -0.0083 -0.0399 0.0165  29  GLY B CA  
474 C  C   . GLY B 29 ? 0.1550 0.1479 0.1341 -0.0228 -0.0561 0.0370  29  GLY B C   
475 O  O   . GLY B 29 ? 0.1413 0.1337 0.1372 -0.0119 -0.0492 0.0210  29  GLY B O   
476 O  OXT . GLY B 29 ? 0.1800 0.2488 0.1693 -0.0882 -0.0903 0.0906  29  GLY B OXT 
477 ZN ZN  . ZN  C .  ? 0.1344 0.1031 0.0888 0.0259  -0.0283 -0.0199 201 ZN  A ZN  
478 C  C1  . GOL D .  ? 0.1644 0.1481 0.1629 0.0021  0.0254  -0.0196 202 GOL A C1  
479 O  O1  . GOL D .  ? 0.1654 0.1561 0.2732 -0.0292 0.0064  0.0089  202 GOL A O1  
480 C  C2  . GOL D .  ? 0.1649 0.1611 0.1474 -0.0296 0.0210  -0.0276 202 GOL A C2  
481 O  O2  . GOL D .  ? 0.1759 0.1561 0.1570 -0.0141 0.0275  -0.0197 202 GOL A O2  
482 C  C3  . GOL D .  ? 0.1911 0.2306 0.1518 -0.0818 0.0241  -0.0457 202 GOL A C3  
483 O  O3  . GOL D .  ? 0.1957 0.2274 0.1591 -0.0598 0.0417  -0.0524 202 GOL A O3  
484 S  S   . SO4 E .  ? 0.1390 0.2173 0.1554 -0.0254 -0.0156 0.0471  205 SO4 B S   
485 O  O1  . SO4 E .  ? 0.1289 0.3798 0.1694 0.0755  -0.0005 0.0926  205 SO4 B O1  
486 O  O2  . SO4 E .  ? 0.1646 0.2275 0.3609 -0.0163 -0.1085 -0.0124 205 SO4 B O2  
487 C  C1  . MRD F .  ? 0.2856 0.5163 0.1498 -0.1695 0.0047  0.0352  204 MRD B C1  
488 C  C2  . MRD F .  ? 0.2564 0.3279 0.1367 -0.1368 0.0033  -0.0225 204 MRD B C2  
489 O  O2  . MRD F .  ? 0.4620 0.4217 0.2277 -0.3196 -0.1340 0.0996  204 MRD B O2  
490 C  CM  . MRD F .  ? 0.4158 0.3555 0.2198 0.0557  0.0954  0.1106  204 MRD B CM  
491 C  C3  . MRD F .  ? 0.1691 0.3415 0.1869 -0.0797 -0.0150 -0.0597 204 MRD B C3  
492 C  C4  . MRD F .  ? 0.2001 0.2600 0.2201 -0.0445 0.0222  -0.0405 204 MRD B C4  
493 O  O4  . MRD F .  ? 0.1910 0.2201 0.1758 -0.0922 -0.0587 0.0672  204 MRD B O4  
494 C  C5  . MRD F .  ? 0.1453 0.3631 0.2561 0.0741  -0.0004 -0.0602 204 MRD B C5  
495 C  C1  . GOL G .  ? 0.2218 0.4474 0.3671 0.0806  0.0619  0.1529  203 GOL B C1  
496 O  O1  . GOL G .  ? 0.2558 0.5700 0.3656 0.2156  0.0474  0.1888  203 GOL B O1  
497 C  C2  . GOL G .  ? 0.2419 0.4213 0.2457 0.0855  0.0600  0.0818  203 GOL B C2  
498 O  O2  . GOL G .  ? 0.6219 0.4362 0.6557 -0.1186 -0.1865 -0.0742 203 GOL B O2  
499 C  C3  . GOL G .  ? 0.2167 0.2498 0.2059 0.0520  0.1054  0.0307  203 GOL B C3  
500 O  O3  . GOL G .  ? 0.2156 0.2687 0.2364 0.0682  -0.0249 -0.0798 203 GOL B O3  
501 O  O   . HOH H .  ? 0.1674 0.1185 0.1441 -0.0052 -0.0026 -0.0124 302 HOH A O   
502 O  O   . HOH H .  ? 0.1730 0.1614 0.1523 0.0293  -0.0143 -0.0279 303 HOH A O   
503 O  O   . HOH H .  ? 0.1987 0.2052 0.1628 -0.0108 0.0480  -0.0557 306 HOH A O   
504 O  O   . HOH H .  ? 0.3799 0.1623 0.1093 0.0347  0.0278  -0.0330 307 HOH A O   
505 O  O   . HOH H .  ? 0.2400 0.2589 0.3430 -0.1212 0.1333  -0.2061 308 HOH A O   
506 O  O   . HOH H .  ? 0.1702 0.3119 0.2001 -0.0464 0.0169  -0.0759 309 HOH A O   
507 O  O   . HOH H .  ? 0.2355 0.2078 0.2947 -0.0656 0.0691  -0.0666 310 HOH A O   
508 O  O   . HOH H .  ? 0.2840 0.2590 0.1827 0.0207  0.0398  -0.0312 311 HOH A O   
509 O  O   . HOH H .  ? 0.2723 0.1950 0.1960 -0.0263 -0.0182 -0.0083 313 HOH A O   
510 O  O   . HOH H .  ? 0.2399 0.2393 0.2511 -0.0720 -0.0668 -0.0494 315 HOH A O   
511 O  O   . HOH H .  ? 0.7378 0.3244 0.2045 -0.0361 0.0429  0.1217  318 HOH A O   
512 O  O   . HOH H .  ? 0.2633 0.4152 0.2556 0.1316  0.0177  -0.0248 319 HOH A O   
513 O  O   . HOH H .  ? 0.3779 0.2926 0.2880 0.0744  0.0739  -0.0680 322 HOH A O   
514 O  O   . HOH H .  ? 0.4096 0.6227 0.2407 -0.2699 0.0337  0.0506  329 HOH A O   
515 O  O   . HOH H .  ? 0.2610 0.2975 0.7378 -0.0542 0.2076  -0.1839 330 HOH A O   
516 O  O   . HOH H .  ? 0.2895 0.2509 0.2550 -0.0641 0.0886  -0.0277 332 HOH A O   
517 O  O   . HOH H .  ? 0.3361 0.5196 0.3744 0.0112  -0.1338 0.0351  333 HOH A O   
518 O  O   . HOH H .  ? 0.3527 0.4104 0.2358 -0.0369 0.0247  -0.0388 334 HOH A O   
519 O  O   . HOH H .  ? 0.3203 0.4191 0.3202 0.0310  0.0725  0.0606  335 HOH A O   
520 O  O   . HOH H .  ? 0.2521 0.7746 0.3375 0.0501  -0.1113 -0.2691 336 HOH A O   
521 O  O   . HOH H .  ? 0.2996 0.4184 0.4241 -0.0293 0.1424  -0.1012 338 HOH A O   
522 O  O   . HOH H .  ? 0.3674 0.7158 0.5651 0.1211  0.1161  0.0281  340 HOH A O   
523 O  O   . HOH H .  ? 0.2411 0.2950 0.3815 -0.0499 0.0053  0.0198  343 HOH A O   
524 O  O   . HOH H .  ? 0.2807 0.3414 0.2965 -0.1445 -0.0683 -0.0355 345 HOH A O   
525 O  O   . HOH H .  ? 0.4764 0.2902 0.2456 -0.0377 0.0335  -0.0321 346 HOH A O   
526 O  O   . HOH H .  ? 0.2974 0.2138 0.2054 0.0438  0.0524  -0.0374 348 HOH A O   
527 O  O   . HOH H .  ? 0.2046 0.1674 0.2084 -0.0228 -0.0134 -0.0327 350 HOH A O   
528 O  O   . HOH H .  ? 0.5663 0.4486 0.2427 0.2988  0.1227  0.1131  351 HOH A O   
529 O  O   . HOH H .  ? 0.2900 0.4152 0.1908 0.0741  -0.0107 0.0649  352 HOH A O   
530 O  O   . HOH H .  ? 0.2304 0.1485 0.4793 -0.0560 0.0153  -0.1308 356 HOH A O   
531 O  O   . HOH H .  ? 0.3215 0.2211 0.1818 -0.0061 0.0427  0.0152  357 HOH A O   
532 O  O   . HOH H .  ? 0.2296 0.2414 0.4047 0.0033  0.0051  0.0089  361 HOH A O   
533 O  O   . HOH H .  ? 0.2843 0.2616 0.2378 0.0932  -0.0523 0.0762  362 HOH A O   
534 O  O   . HOH H .  ? 0.2986 0.3178 0.6089 0.0007  -0.0244 -0.1766 364 HOH A O   
535 O  O   . HOH H .  ? 0.5748 0.3072 0.1796 0.0666  0.0354  0.0631  365 HOH A O   
536 O  O   . HOH H .  ? 0.5582 0.2866 0.5264 -0.1239 0.1479  0.1276  367 HOH A O   
537 O  O   . HOH H .  ? 0.2275 0.1538 0.1333 -0.0252 0.0161  -0.0306 368 HOH A O   
538 O  O   . HOH H .  ? 0.5015 0.2280 0.2355 -0.0072 0.0776  0.0697  369 HOH A O   
539 O  O   . HOH H .  ? 0.2750 0.3165 0.4614 0.0519  -0.1126 -0.0899 374 HOH A O   
540 O  O   . HOH I .  ? 0.1679 0.2011 0.1194 -0.0109 -0.0476 -0.0304 301 HOH B O   
541 O  O   . HOH I .  ? 0.1339 0.1833 0.1226 -0.0121 -0.0104 -0.0341 304 HOH B O   
542 O  O   . HOH I .  ? 0.1775 0.1452 0.1242 0.0314  0.0066  -0.0027 305 HOH B O   
543 O  O   . HOH I .  ? 0.3085 0.2526 0.1838 -0.0629 0.0385  0.0085  312 HOH B O   
544 O  O   . HOH I .  ? 0.1795 0.2241 0.2038 -0.0378 0.0019  -0.0378 314 HOH B O   
545 O  O   . HOH I .  ? 0.3544 0.1722 0.2849 -0.0123 -0.0744 0.0213  316 HOH B O   
546 O  O   . HOH I .  ? 0.2069 0.6422 0.1021 -0.0688 0.0087  0.0458  317 HOH B O   
547 O  O   . HOH I .  ? 0.1828 0.2153 0.3414 0.0411  -0.0874 -0.0148 320 HOH B O   
548 O  O   . HOH I .  ? 0.2764 0.2962 0.2297 -0.0684 0.0329  -0.0143 321 HOH B O   
549 O  O   . HOH I .  ? 0.2282 0.3088 0.2543 -0.1206 -0.0603 -0.0018 323 HOH B O   
550 O  O   . HOH I .  ? 0.1933 0.2232 0.2112 -0.0233 -0.0196 -0.0263 324 HOH B O   
551 O  O   . HOH I .  ? 0.1839 0.2881 0.3448 0.0070  0.0103  0.0334  325 HOH B O   
552 O  O   . HOH I .  ? 0.5490 0.1624 0.5011 -0.1125 -0.1949 0.0541  326 HOH B O   
553 O  O   . HOH I .  ? 0.3384 0.3867 0.2231 0.1152  0.0594  0.1059  327 HOH B O   
554 O  O   . HOH I .  ? 0.3334 0.3411 0.4196 0.1554  0.2118  0.2117  328 HOH B O   
555 O  O   . HOH I .  ? 0.5183 0.6300 0.2206 0.1424  -0.0250 -0.0091 331 HOH B O   
556 O  O   . HOH I .  ? 0.3251 0.6371 0.3873 -0.0977 0.0721  -0.3691 337 HOH B O   
557 O  O   . HOH I .  ? 0.7144 0.6627 0.3143 0.2137  0.0636  0.0553  339 HOH B O   
558 O  O   . HOH I .  ? 0.2854 0.4272 0.2808 0.0052  -0.0023 0.0244  341 HOH B O   
559 O  O   . HOH I .  ? 0.2700 0.3103 0.3495 -0.0612 -0.0893 0.0506  342 HOH B O   
560 O  O   . HOH I .  ? 0.4120 0.3498 0.2211 0.0491  -0.0485 -0.0185 344 HOH B O   
561 O  O   . HOH I .  ? 0.1562 0.1948 0.1635 0.0220  -0.0167 -0.0426 347 HOH B O   
562 O  O   . HOH I .  ? 0.1900 0.3322 0.2717 0.0001  -0.0603 0.0767  349 HOH B O   
563 O  O   . HOH I .  ? 0.3790 0.4819 0.2232 0.1659  0.0495  0.0565  353 HOH B O   
564 O  O   . HOH I .  ? 0.2141 0.3368 0.4141 0.0811  -0.1184 -0.1937 354 HOH B O   
565 O  O   . HOH I .  ? 0.1685 0.1412 0.1736 -0.0394 -0.0355 0.0411  355 HOH B O   
566 O  O   . HOH I .  ? 0.5586 0.2867 0.3097 0.1057  0.1200  -0.0119 358 HOH B O   
567 O  O   . HOH I .  ? 0.3270 0.3123 0.4044 -0.0241 -0.1045 0.0474  359 HOH B O   
568 O  O   . HOH I .  ? 0.2464 0.2371 0.2192 -0.0693 -0.0081 0.0756  360 HOH B O   
569 O  O   . HOH I .  ? 0.2802 0.3348 0.3115 -0.1369 0.0857  0.0422  363 HOH B O   
570 O  O   . HOH I .  ? 0.5687 0.4911 0.3914 0.1341  0.0529  -0.0224 366 HOH B O   
571 O  O   . HOH I .  ? 0.3361 0.5423 0.5834 -0.0005 -0.2106 0.1414  370 HOH B O   
572 O  O   . HOH I .  ? 0.1999 0.2880 0.2220 -0.0041 0.0179  0.0065  371 HOH B O   
573 O  O   . HOH I .  ? 0.3103 0.3090 0.2835 -0.2045 0.1569  -0.1414 372 HOH B O   
574 O  O   . HOH I .  ? 0.3189 0.4025 0.2447 -0.0171 -0.0614 -0.0529 373 HOH B O   
575 O  O   . HOH I .  ? 0.1212 0.5340 0.1753 0.0292  0.0695  0.0616  375 HOH B O   
576 O  O   . HOH I .  ? 0.4590 0.2529 0.5762 0.0544  0.0411  0.0293  376 HOH B O   
# 
